data_9FHY
#
_entry.id   9FHY
#
_cell.length_a   197.872
_cell.length_b   88.703
_cell.length_c   147.350
_cell.angle_alpha   90.000
_cell.angle_beta   120.388
_cell.angle_gamma   90.000
#
_symmetry.space_group_name_H-M   'C 1 2 1'
#
loop_
_entity.id
_entity.type
_entity.pdbx_description
1 polymer 'Alginate lyase family protein'
2 branched '4-deoxy-alpha-L-erythro-hex-4-enopyranuronic acid-(1-4)-beta-D-mannopyranuronic acid-(1-4)-beta-D-mannopyranuronic acid'
3 non-polymer 'SULFATE ION'
4 water water
#
_entity_poly.entity_id   1
_entity_poly.type   'polypeptide(L)'
_entity_poly.pdbx_seq_one_letter_code
;MGSSHHHHHHSSGLVPRGSHMASAPLGPFNATLLEQLKNDYQKGEKEVTRYIELQEKVAEKYIKMTPLSVTAKKKLPPSK
DPRDYMTLSPYWWPDSTKIDGLPYIRKDGERNPEVYEYPERENANRFGDAAYCLGVLYYITGKEVYAKACANHLRTWFTD
PKLGMNPNMTYAQAVPGMKKMRGSGFIDSRRFSRALGVAKLIEGSKSWTPSDKKKLDDWATAFCYWMENSTQGQRESHAA
NNHGLWYEAIHLMVLAYLDRTDRIREVAEQSILPKMGAQIADDGSLPQELKRTLSLHYSTFALEALMEANQITSQIGINL
WSTPASNGKVASQAVDYLYPFYLNPEDWKFKQIKPFDQSRAAILLYEAGTALGNQKYVDTAKRIGLKYSTSDVETIPYLV
LKKK
;
_entity_poly.pdbx_strand_id   A,B,C,D
#
loop_
_chem_comp.id
_chem_comp.type
_chem_comp.name
_chem_comp.formula
BEM D-saccharide, beta linking 'beta-D-mannopyranuronic acid' 'C6 H10 O7'
MAW L-saccharide, alpha linking '4-deoxy-alpha-L-erythro-hex-4-enopyranuronic acid' 'C6 H8 O6'
SO4 non-polymer 'SULFATE ION' 'O4 S -2'
#
# COMPACT_ATOMS: atom_id res chain seq x y z
N SER A 23 20.60 -1.06 -58.63
CA SER A 23 19.99 -0.58 -57.39
C SER A 23 18.93 -1.53 -56.83
N ALA A 24 18.97 -1.77 -55.52
CA ALA A 24 18.12 -2.79 -54.91
C ALA A 24 16.67 -2.31 -54.87
N PRO A 25 15.70 -3.20 -55.08
CA PRO A 25 14.31 -2.81 -54.97
C PRO A 25 13.99 -2.30 -53.57
N LEU A 26 13.02 -1.40 -53.51
CA LEU A 26 12.57 -0.86 -52.23
C LEU A 26 12.11 -1.99 -51.30
N GLY A 27 12.68 -2.06 -50.09
CA GLY A 27 12.31 -3.10 -49.15
C GLY A 27 12.89 -2.97 -47.75
N PRO A 28 12.51 -3.91 -46.86
CA PRO A 28 12.87 -3.84 -45.42
C PRO A 28 14.23 -4.44 -45.10
N PHE A 29 15.28 -3.68 -45.38
CA PHE A 29 16.66 -4.14 -45.23
C PHE A 29 17.54 -2.92 -45.44
N ASN A 30 18.77 -2.99 -44.94
CA ASN A 30 19.77 -1.98 -45.28
C ASN A 30 20.17 -2.18 -46.74
N ALA A 31 19.62 -1.35 -47.62
CA ALA A 31 19.86 -1.54 -49.04
C ALA A 31 21.33 -1.29 -49.40
N THR A 32 21.96 -0.31 -48.74
CA THR A 32 23.37 -0.05 -49.01
C THR A 32 24.24 -1.27 -48.71
N LEU A 33 24.02 -1.90 -47.55
CA LEU A 33 24.81 -3.09 -47.23
C LEU A 33 24.48 -4.24 -48.19
N LEU A 34 23.21 -4.39 -48.55
CA LEU A 34 22.80 -5.48 -49.45
C LEU A 34 23.37 -5.29 -50.86
N GLU A 35 23.32 -4.06 -51.39
CA GLU A 35 23.90 -3.77 -52.69
C GLU A 35 25.41 -3.99 -52.68
N GLN A 36 26.07 -3.61 -51.59
CA GLN A 36 27.51 -3.80 -51.47
C GLN A 36 27.87 -5.28 -51.46
N LEU A 37 27.11 -6.09 -50.72
CA LEU A 37 27.38 -7.53 -50.68
C LEU A 37 27.24 -8.15 -52.06
N LYS A 38 26.17 -7.78 -52.79
CA LYS A 38 25.96 -8.33 -54.14
C LYS A 38 27.07 -7.89 -55.09
N ASN A 39 27.48 -6.63 -55.01
CA ASN A 39 28.53 -6.13 -55.89
C ASN A 39 29.83 -6.87 -55.64
N ASP A 40 30.16 -7.13 -54.39
CA ASP A 40 31.39 -7.83 -54.09
C ASP A 40 31.28 -9.31 -54.41
N TYR A 41 30.11 -9.93 -54.18
CA TYR A 41 29.93 -11.32 -54.55
C TYR A 41 30.12 -11.52 -56.05
N GLN A 42 29.55 -10.62 -56.85
CA GLN A 42 29.63 -10.80 -58.30
C GLN A 42 31.04 -10.55 -58.83
N LYS A 43 31.82 -9.69 -58.17
CA LYS A 43 33.21 -9.50 -58.55
C LYS A 43 34.11 -10.65 -58.11
N GLY A 44 33.60 -11.58 -57.32
CA GLY A 44 34.45 -12.65 -56.81
C GLY A 44 35.36 -12.21 -55.69
N GLU A 45 34.98 -11.18 -54.96
CA GLU A 45 35.71 -10.76 -53.78
C GLU A 45 35.73 -11.92 -52.77
N LYS A 46 36.92 -12.27 -52.29
CA LYS A 46 37.08 -13.55 -51.62
C LYS A 46 36.38 -13.57 -50.26
N GLU A 47 36.56 -12.51 -49.48
CA GLU A 47 35.93 -12.45 -48.15
C GLU A 47 34.41 -12.54 -48.25
N VAL A 48 33.82 -11.74 -49.13
CA VAL A 48 32.38 -11.76 -49.31
C VAL A 48 31.94 -13.11 -49.86
N THR A 49 32.68 -13.65 -50.85
CA THR A 49 32.29 -14.93 -51.44
C THR A 49 32.24 -16.01 -50.36
N ARG A 50 33.26 -16.06 -49.51
CA ARG A 50 33.25 -17.05 -48.44
C ARG A 50 32.09 -16.81 -47.47
N TYR A 51 31.83 -15.53 -47.16
CA TYR A 51 30.73 -15.21 -46.23
C TYR A 51 29.39 -15.64 -46.80
N ILE A 52 29.17 -15.40 -48.10
CA ILE A 52 27.93 -15.81 -48.74
C ILE A 52 27.86 -17.33 -48.86
N GLU A 53 29.00 -17.99 -49.10
CA GLU A 53 29.00 -19.45 -49.13
C GLU A 53 28.62 -20.04 -47.76
N LEU A 54 29.07 -19.41 -46.68
CA LEU A 54 28.57 -19.79 -45.35
C LEU A 54 27.05 -19.57 -45.24
N GLN A 55 26.56 -18.40 -45.68
CA GLN A 55 25.11 -18.12 -45.61
C GLN A 55 24.30 -19.11 -46.43
N GLU A 56 24.87 -19.64 -47.52
CA GLU A 56 24.16 -20.63 -48.33
C GLU A 56 24.05 -21.96 -47.59
N LYS A 57 25.09 -22.32 -46.82
CA LYS A 57 25.03 -23.53 -46.00
C LYS A 57 24.01 -23.38 -44.88
N VAL A 58 23.87 -22.16 -44.35
CA VAL A 58 22.81 -21.88 -43.39
C VAL A 58 21.44 -21.99 -44.05
N ALA A 59 21.33 -21.55 -45.29
CA ALA A 59 20.02 -21.45 -45.94
C ALA A 59 19.52 -22.78 -46.46
N GLU A 60 20.34 -23.83 -46.49
CA GLU A 60 19.88 -25.07 -47.07
CA GLU A 60 19.90 -25.10 -47.04
C GLU A 60 18.68 -25.63 -46.29
N LYS A 61 18.66 -25.45 -44.97
CA LYS A 61 17.52 -25.95 -44.20
C LYS A 61 16.20 -25.32 -44.68
N TYR A 62 16.23 -24.08 -45.15
CA TYR A 62 15.02 -23.44 -45.64
C TYR A 62 14.62 -23.97 -47.00
N ILE A 63 15.56 -24.45 -47.81
CA ILE A 63 15.13 -25.10 -49.05
C ILE A 63 14.34 -26.37 -48.73
N LYS A 64 14.69 -27.07 -47.66
CA LYS A 64 14.06 -28.35 -47.33
C LYS A 64 12.74 -28.16 -46.56
N MET A 65 12.57 -27.01 -45.93
CA MET A 65 11.53 -26.78 -44.95
C MET A 65 10.14 -26.82 -45.57
N THR A 66 9.25 -27.63 -45.01
CA THR A 66 7.86 -27.62 -45.45
C THR A 66 7.23 -26.28 -45.10
N PRO A 67 6.65 -25.57 -46.08
CA PRO A 67 6.03 -24.27 -45.81
C PRO A 67 4.97 -24.35 -44.73
N LEU A 68 4.97 -23.34 -43.87
CA LEU A 68 4.04 -23.26 -42.76
C LEU A 68 2.81 -22.47 -43.16
N SER A 69 1.74 -22.69 -42.42
CA SER A 69 0.45 -22.04 -42.63
C SER A 69 -0.17 -21.71 -41.28
N VAL A 70 -0.83 -20.56 -41.22
CA VAL A 70 -1.58 -20.12 -40.04
C VAL A 70 -2.73 -21.08 -39.73
N THR A 71 -3.20 -21.85 -40.73
CA THR A 71 -4.28 -22.81 -40.48
C THR A 71 -3.86 -24.03 -39.67
N ALA A 72 -2.57 -24.20 -39.37
CA ALA A 72 -2.14 -25.41 -38.65
C ALA A 72 -2.37 -25.25 -37.14
N LYS A 73 -3.64 -25.12 -36.79
CA LYS A 73 -4.08 -25.10 -35.39
C LYS A 73 -5.36 -25.90 -35.25
N LYS A 74 -5.58 -26.38 -34.02
CA LYS A 74 -6.79 -27.09 -33.63
C LYS A 74 -7.84 -26.17 -33.01
N LYS A 75 -7.44 -25.39 -32.01
CA LYS A 75 -8.35 -24.44 -31.38
C LYS A 75 -8.58 -23.27 -32.33
N LEU A 76 -9.81 -23.14 -32.81
CA LEU A 76 -10.14 -22.12 -33.80
C LEU A 76 -10.41 -20.79 -33.14
N PRO A 77 -10.27 -19.68 -33.87
CA PRO A 77 -10.62 -18.37 -33.30
C PRO A 77 -12.12 -18.18 -33.27
N PRO A 78 -12.63 -17.12 -32.62
CA PRO A 78 -14.09 -16.93 -32.55
C PRO A 78 -14.78 -16.82 -33.90
N SER A 79 -14.04 -16.55 -34.99
CA SER A 79 -14.62 -16.52 -36.32
C SER A 79 -14.85 -17.89 -36.92
N LYS A 80 -14.38 -18.96 -36.27
CA LYS A 80 -14.33 -20.33 -36.78
C LYS A 80 -13.52 -20.46 -38.07
N ASP A 81 -12.62 -19.52 -38.34
CA ASP A 81 -11.85 -19.58 -39.58
C ASP A 81 -10.40 -19.90 -39.22
N PRO A 82 -9.90 -21.08 -39.58
CA PRO A 82 -8.49 -21.38 -39.31
C PRO A 82 -7.52 -20.44 -40.01
N ARG A 83 -7.97 -19.70 -41.04
CA ARG A 83 -7.12 -18.75 -41.74
C ARG A 83 -6.98 -17.41 -41.00
N ASP A 84 -7.71 -17.20 -39.92
CA ASP A 84 -7.49 -16.02 -39.08
C ASP A 84 -6.32 -16.23 -38.14
N TYR A 85 -5.38 -15.28 -38.16
CA TYR A 85 -4.28 -15.27 -37.19
C TYR A 85 -4.82 -15.01 -35.78
N MET A 86 -4.37 -15.81 -34.82
CA MET A 86 -4.77 -15.66 -33.43
C MET A 86 -3.60 -16.01 -32.52
N THR A 87 -3.32 -15.16 -31.54
CA THR A 87 -2.31 -15.41 -30.52
C THR A 87 -2.85 -14.91 -29.19
N LEU A 88 -2.18 -15.31 -28.11
CA LEU A 88 -2.43 -14.82 -26.77
C LEU A 88 -1.47 -13.68 -26.46
N SER A 89 -2.02 -12.59 -25.93
CA SER A 89 -1.18 -11.49 -25.51
C SER A 89 -0.24 -11.94 -24.40
N PRO A 90 1.08 -11.74 -24.53
CA PRO A 90 2.03 -12.56 -23.76
C PRO A 90 2.03 -12.34 -22.25
N TYR A 91 1.64 -11.15 -21.76
CA TYR A 91 1.77 -10.83 -20.34
C TYR A 91 0.48 -11.07 -19.56
N TRP A 92 -0.47 -11.82 -20.13
CA TRP A 92 -1.76 -12.05 -19.51
C TRP A 92 -1.86 -13.50 -19.05
N TRP A 93 -2.20 -13.68 -17.78
CA TRP A 93 -2.19 -14.93 -17.05
C TRP A 93 -3.56 -15.26 -16.47
N PRO A 94 -3.89 -16.55 -16.31
CA PRO A 94 -5.10 -16.90 -15.57
C PRO A 94 -4.98 -16.44 -14.12
N ASP A 95 -6.10 -15.98 -13.58
CA ASP A 95 -6.18 -15.47 -12.21
C ASP A 95 -6.52 -16.66 -11.31
N SER A 96 -5.54 -17.09 -10.50
CA SER A 96 -5.70 -18.25 -9.62
C SER A 96 -6.86 -18.07 -8.64
N THR A 97 -7.23 -16.84 -8.32
CA THR A 97 -8.31 -16.62 -7.36
C THR A 97 -9.69 -16.75 -7.99
N LYS A 98 -9.78 -16.95 -9.31
CA LYS A 98 -11.06 -17.15 -9.99
C LYS A 98 -11.22 -18.62 -10.33
N ILE A 99 -12.45 -19.14 -10.17
CA ILE A 99 -12.66 -20.57 -10.33
C ILE A 99 -12.30 -21.02 -11.74
N ASP A 100 -12.61 -20.18 -12.74
CA ASP A 100 -12.23 -20.52 -14.09
C ASP A 100 -10.98 -19.77 -14.56
N GLY A 101 -10.29 -19.08 -13.66
CA GLY A 101 -9.14 -18.29 -14.06
C GLY A 101 -9.46 -17.00 -14.79
N LEU A 102 -10.73 -16.69 -14.99
CA LEU A 102 -11.15 -15.59 -15.84
C LEU A 102 -11.65 -14.41 -15.01
N PRO A 103 -11.47 -13.17 -15.49
CA PRO A 103 -10.68 -12.79 -16.65
C PRO A 103 -9.18 -12.83 -16.35
N TYR A 104 -8.37 -13.06 -17.38
CA TYR A 104 -6.92 -13.06 -17.24
C TYR A 104 -6.43 -11.72 -16.72
N ILE A 105 -5.29 -11.75 -16.03
CA ILE A 105 -4.70 -10.55 -15.47
C ILE A 105 -3.29 -10.37 -16.01
N ARG A 106 -2.80 -9.14 -15.91
CA ARG A 106 -1.56 -8.73 -16.56
C ARG A 106 -0.39 -8.73 -15.58
N LYS A 107 0.74 -9.30 -16.02
CA LYS A 107 2.02 -9.29 -15.29
C LYS A 107 3.07 -8.80 -16.27
N ASP A 108 3.32 -7.50 -16.28
CA ASP A 108 4.14 -6.90 -17.32
C ASP A 108 5.53 -7.51 -17.30
N GLY A 109 5.96 -8.01 -18.45
CA GLY A 109 7.32 -8.53 -18.56
C GLY A 109 7.46 -10.02 -18.26
N GLU A 110 6.39 -10.69 -17.88
CA GLU A 110 6.41 -12.11 -17.55
C GLU A 110 5.60 -12.86 -18.60
N ARG A 111 6.31 -13.49 -19.54
CA ARG A 111 5.64 -14.20 -20.62
C ARG A 111 4.93 -15.44 -20.09
N ASN A 112 3.63 -15.51 -20.34
CA ASN A 112 2.81 -16.69 -20.04
C ASN A 112 3.16 -17.80 -21.03
N PRO A 113 3.68 -18.95 -20.58
CA PRO A 113 4.00 -20.02 -21.53
C PRO A 113 2.81 -20.53 -22.30
N GLU A 114 1.59 -20.18 -21.89
CA GLU A 114 0.42 -20.51 -22.69
C GLU A 114 0.50 -19.95 -24.10
N VAL A 115 1.32 -18.90 -24.32
CA VAL A 115 1.46 -18.33 -25.67
C VAL A 115 1.89 -19.39 -26.67
N TYR A 116 2.65 -20.41 -26.24
CA TYR A 116 3.11 -21.43 -27.17
C TYR A 116 2.03 -22.42 -27.55
N GLU A 117 0.81 -22.27 -27.01
CA GLU A 117 -0.31 -23.09 -27.43
C GLU A 117 -0.97 -22.59 -28.71
N TYR A 118 -0.61 -21.40 -29.19
CA TYR A 118 -1.10 -20.85 -30.45
C TYR A 118 0.01 -21.02 -31.49
N PRO A 119 -0.08 -22.01 -32.38
CA PRO A 119 1.08 -22.32 -33.25
C PRO A 119 1.59 -21.17 -34.10
N GLU A 120 0.75 -20.20 -34.47
CA GLU A 120 1.24 -19.17 -35.37
C GLU A 120 2.15 -18.16 -34.69
N ARG A 121 2.24 -18.10 -33.37
CA ARG A 121 3.20 -17.19 -32.75
C ARG A 121 4.62 -17.51 -33.20
N GLU A 122 5.01 -18.77 -33.07
CA GLU A 122 6.33 -19.19 -33.50
C GLU A 122 6.38 -19.52 -34.98
N ASN A 123 5.28 -20.00 -35.58
CA ASN A 123 5.34 -20.34 -37.00
C ASN A 123 5.48 -19.10 -37.88
N ALA A 124 4.81 -18.00 -37.53
CA ALA A 124 5.03 -16.74 -38.26
C ALA A 124 6.49 -16.31 -38.20
N ASN A 125 7.16 -16.57 -37.08
CA ASN A 125 8.57 -16.25 -36.96
C ASN A 125 9.44 -17.16 -37.83
N ARG A 126 9.15 -18.47 -37.82
CA ARG A 126 9.88 -19.42 -38.67
C ARG A 126 9.66 -19.13 -40.15
N PHE A 127 8.41 -18.85 -40.55
CA PHE A 127 8.15 -18.46 -41.93
C PHE A 127 8.90 -17.18 -42.29
N GLY A 128 8.81 -16.16 -41.43
CA GLY A 128 9.49 -14.90 -41.71
C GLY A 128 10.99 -15.07 -41.89
N ASP A 129 11.62 -15.89 -41.04
CA ASP A 129 13.04 -16.13 -41.19
C ASP A 129 13.35 -16.81 -42.52
N ALA A 130 12.62 -17.87 -42.84
CA ALA A 130 12.86 -18.63 -44.07
C ALA A 130 12.66 -17.75 -45.31
N ALA A 131 11.56 -16.99 -45.36
CA ALA A 131 11.35 -16.17 -46.54
C ALA A 131 12.38 -15.05 -46.64
N TYR A 132 12.75 -14.46 -45.50
CA TYR A 132 13.71 -13.37 -45.53
C TYR A 132 15.06 -13.86 -46.02
N CYS A 133 15.56 -14.94 -45.41
CA CYS A 133 16.85 -15.51 -45.78
C CYS A 133 16.89 -15.89 -47.25
N LEU A 134 15.87 -16.62 -47.72
CA LEU A 134 15.89 -17.08 -49.11
C LEU A 134 15.80 -15.91 -50.10
N GLY A 135 14.93 -14.94 -49.84
CA GLY A 135 14.79 -13.80 -50.74
C GLY A 135 16.06 -12.96 -50.85
N VAL A 136 16.74 -12.73 -49.71
CA VAL A 136 18.01 -12.00 -49.70
C VAL A 136 19.10 -12.78 -50.44
N LEU A 137 19.15 -14.10 -50.25
CA LEU A 137 20.16 -14.89 -50.93
C LEU A 137 19.93 -14.93 -52.44
N TYR A 138 18.66 -14.90 -52.87
CA TYR A 138 18.38 -14.79 -54.30
C TYR A 138 18.85 -13.45 -54.86
N TYR A 139 18.58 -12.35 -54.15
CA TYR A 139 19.07 -11.06 -54.61
C TYR A 139 20.59 -11.06 -54.73
N ILE A 140 21.30 -11.67 -53.77
CA ILE A 140 22.77 -11.59 -53.77
C ILE A 140 23.35 -12.50 -54.85
N THR A 141 22.88 -13.74 -54.93
CA THR A 141 23.48 -14.74 -55.80
C THR A 141 22.79 -14.88 -57.15
N GLY A 142 21.52 -14.48 -57.26
CA GLY A 142 20.78 -14.73 -58.48
C GLY A 142 20.41 -16.18 -58.72
N LYS A 143 20.65 -17.07 -57.75
CA LYS A 143 20.37 -18.50 -57.94
C LYS A 143 18.88 -18.76 -57.84
N GLU A 144 18.30 -19.33 -58.90
CA GLU A 144 16.86 -19.59 -58.96
C GLU A 144 16.38 -20.47 -57.81
N VAL A 145 17.24 -21.37 -57.29
CA VAL A 145 16.76 -22.26 -56.23
C VAL A 145 16.26 -21.47 -55.05
N TYR A 146 16.83 -20.29 -54.79
CA TYR A 146 16.39 -19.50 -53.64
C TYR A 146 15.06 -18.80 -53.91
N ALA A 147 14.84 -18.30 -55.13
CA ALA A 147 13.55 -17.72 -55.48
C ALA A 147 12.45 -18.77 -55.44
N LYS A 148 12.74 -19.98 -55.95
CA LYS A 148 11.75 -21.03 -55.98
C LYS A 148 11.30 -21.39 -54.56
N ALA A 149 12.28 -21.54 -53.65
CA ALA A 149 11.93 -21.87 -52.26
C ALA A 149 11.30 -20.68 -51.54
N CYS A 150 11.80 -19.46 -51.78
CA CYS A 150 11.16 -18.29 -51.18
C CYS A 150 9.69 -18.22 -51.59
N ALA A 151 9.43 -18.38 -52.89
CA ALA A 151 8.07 -18.31 -53.43
C ALA A 151 7.17 -19.37 -52.78
N ASN A 152 7.70 -20.58 -52.57
CA ASN A 152 6.89 -21.62 -51.97
C ASN A 152 6.43 -21.24 -50.58
N HIS A 153 7.31 -20.64 -49.77
CA HIS A 153 6.90 -20.17 -48.44
C HIS A 153 5.88 -19.03 -48.54
N LEU A 154 6.10 -18.08 -49.48
CA LEU A 154 5.24 -16.92 -49.64
C LEU A 154 3.82 -17.29 -50.07
N ARG A 155 3.69 -18.18 -51.06
CA ARG A 155 2.38 -18.61 -51.52
C ARG A 155 1.58 -19.26 -50.40
N THR A 156 2.23 -20.14 -49.64
CA THR A 156 1.52 -20.89 -48.62
C THR A 156 1.09 -19.99 -47.47
N TRP A 157 1.97 -19.08 -47.02
CA TRP A 157 1.64 -18.21 -45.90
C TRP A 157 0.62 -17.13 -46.30
N PHE A 158 0.71 -16.60 -47.51
CA PHE A 158 -0.05 -15.40 -47.88
C PHE A 158 -1.26 -15.68 -48.76
N THR A 159 -1.07 -16.28 -49.95
CA THR A 159 -2.09 -16.20 -51.01
C THR A 159 -2.87 -17.48 -51.26
N ASP A 160 -2.48 -18.60 -50.68
CA ASP A 160 -3.16 -19.86 -51.00
C ASP A 160 -4.62 -19.79 -50.56
N PRO A 161 -5.57 -20.17 -51.42
CA PRO A 161 -7.00 -19.98 -51.06
C PRO A 161 -7.46 -20.88 -49.94
N LYS A 162 -6.67 -21.88 -49.53
CA LYS A 162 -6.96 -22.70 -48.37
C LYS A 162 -6.00 -22.51 -47.21
N LEU A 163 -4.68 -22.40 -47.48
CA LEU A 163 -3.66 -22.35 -46.45
C LEU A 163 -3.24 -20.93 -46.08
N GLY A 164 -3.53 -19.95 -46.94
CA GLY A 164 -3.10 -18.59 -46.72
C GLY A 164 -3.88 -17.87 -45.63
N MET A 165 -3.16 -17.00 -44.93
CA MET A 165 -3.68 -16.17 -43.86
C MET A 165 -4.72 -15.17 -44.38
N ASN A 166 -5.80 -14.95 -43.62
CA ASN A 166 -6.68 -13.82 -43.95
C ASN A 166 -5.94 -12.51 -43.68
N PRO A 167 -6.10 -11.50 -44.53
CA PRO A 167 -5.40 -10.20 -44.36
C PRO A 167 -6.02 -9.33 -43.26
N ASN A 168 -5.81 -9.72 -42.01
CA ASN A 168 -6.33 -9.00 -40.84
C ASN A 168 -5.54 -9.48 -39.62
N MET A 169 -5.56 -8.69 -38.55
CA MET A 169 -5.02 -9.13 -37.25
C MET A 169 -6.05 -8.98 -36.13
N THR A 170 -7.29 -9.34 -36.42
CA THR A 170 -8.38 -9.19 -35.48
C THR A 170 -8.14 -9.93 -34.19
N TYR A 171 -7.67 -11.18 -34.27
CA TYR A 171 -7.51 -12.01 -33.09
C TYR A 171 -6.06 -12.10 -32.64
N ALA A 172 -5.21 -11.22 -33.15
CA ALA A 172 -3.84 -11.20 -32.65
C ALA A 172 -3.84 -10.68 -31.22
N GLN A 173 -3.10 -11.36 -30.36
CA GLN A 173 -2.94 -11.06 -28.92
C GLN A 173 -4.30 -10.86 -28.23
N ALA A 174 -5.20 -11.82 -28.47
CA ALA A 174 -6.44 -11.89 -27.71
C ALA A 174 -6.13 -12.21 -26.25
N VAL A 175 -7.09 -11.89 -25.39
CA VAL A 175 -6.96 -12.13 -23.95
C VAL A 175 -8.25 -12.75 -23.44
N PRO A 176 -8.20 -13.94 -22.85
CA PRO A 176 -9.43 -14.57 -22.32
C PRO A 176 -10.08 -13.70 -21.26
N GLY A 177 -11.39 -13.48 -21.44
CA GLY A 177 -12.18 -12.68 -20.52
C GLY A 177 -12.16 -11.19 -20.77
N MET A 178 -11.23 -10.70 -21.59
CA MET A 178 -11.19 -9.26 -21.84
C MET A 178 -12.43 -8.85 -22.63
N LYS A 179 -13.09 -7.79 -22.18
CA LYS A 179 -14.35 -7.44 -22.82
C LYS A 179 -14.14 -6.56 -24.05
N LYS A 180 -13.13 -5.70 -24.01
CA LYS A 180 -12.89 -4.73 -25.07
C LYS A 180 -11.92 -5.24 -26.14
N MET A 181 -12.17 -4.80 -27.37
CA MET A 181 -11.27 -4.97 -28.49
C MET A 181 -9.98 -4.16 -28.29
N ARG A 182 -8.85 -4.73 -28.69
CA ARG A 182 -7.60 -3.97 -28.71
C ARG A 182 -6.87 -4.20 -30.01
N GLY A 183 -6.06 -3.23 -30.41
CA GLY A 183 -5.17 -3.42 -31.53
C GLY A 183 -3.76 -3.83 -31.14
N SER A 184 -3.53 -4.17 -29.85
CA SER A 184 -2.17 -4.43 -29.36
C SER A 184 -1.48 -5.55 -30.16
N GLY A 185 -2.24 -6.55 -30.58
CA GLY A 185 -1.65 -7.69 -31.28
C GLY A 185 -1.10 -7.37 -32.66
N PHE A 186 -1.42 -6.19 -33.20
CA PHE A 186 -0.94 -5.86 -34.52
C PHE A 186 0.58 -5.89 -34.59
N ILE A 187 1.26 -5.59 -33.48
CA ILE A 187 2.72 -5.63 -33.47
C ILE A 187 3.27 -7.01 -33.85
N ASP A 188 2.47 -8.08 -33.67
CA ASP A 188 2.84 -9.40 -34.19
C ASP A 188 3.09 -9.42 -35.70
N SER A 189 2.52 -8.46 -36.45
CA SER A 189 2.64 -8.46 -37.91
C SER A 189 4.09 -8.29 -38.40
N ARG A 190 4.95 -7.65 -37.62
CA ARG A 190 6.32 -7.42 -38.06
C ARG A 190 7.04 -8.72 -38.37
N ARG A 191 6.56 -9.84 -37.83
CA ARG A 191 7.19 -11.14 -38.08
CA ARG A 191 7.24 -11.09 -38.12
C ARG A 191 6.97 -11.58 -39.53
N PHE A 192 5.82 -11.25 -40.14
CA PHE A 192 5.62 -11.64 -41.54
C PHE A 192 5.61 -10.46 -42.51
N SER A 193 5.51 -9.22 -42.04
CA SER A 193 5.57 -8.12 -42.99
C SER A 193 6.97 -7.91 -43.56
N ARG A 194 8.03 -8.33 -42.84
CA ARG A 194 9.37 -8.28 -43.42
C ARG A 194 9.50 -9.24 -44.59
N ALA A 195 8.82 -10.39 -44.50
CA ALA A 195 8.86 -11.36 -45.59
C ALA A 195 8.04 -10.88 -46.77
N LEU A 196 6.91 -10.21 -46.50
CA LEU A 196 6.13 -9.58 -47.55
C LEU A 196 7.01 -8.63 -48.35
N GLY A 197 7.80 -7.81 -47.65
CA GLY A 197 8.65 -6.84 -48.33
C GLY A 197 9.71 -7.48 -49.20
N VAL A 198 10.36 -8.56 -48.72
CA VAL A 198 11.42 -9.25 -49.44
C VAL A 198 10.89 -9.95 -50.70
N ALA A 199 9.61 -10.24 -50.78
CA ALA A 199 9.01 -10.75 -52.01
C ALA A 199 9.34 -9.86 -53.21
N LYS A 200 9.57 -8.56 -52.97
CA LYS A 200 9.97 -7.70 -54.06
C LYS A 200 11.30 -8.15 -54.67
N LEU A 201 12.16 -8.81 -53.89
CA LEU A 201 13.47 -9.27 -54.34
C LEU A 201 13.42 -10.46 -55.29
N ILE A 202 12.35 -11.25 -55.27
CA ILE A 202 12.26 -12.38 -56.17
C ILE A 202 11.45 -12.09 -57.40
N GLU A 203 10.90 -10.87 -57.51
CA GLU A 203 10.23 -10.51 -58.74
C GLU A 203 11.22 -10.58 -59.89
N GLY A 204 10.76 -11.05 -61.03
CA GLY A 204 11.65 -11.26 -62.14
C GLY A 204 12.31 -12.61 -62.16
N SER A 205 12.25 -13.38 -61.07
CA SER A 205 12.66 -14.77 -61.14
C SER A 205 11.73 -15.55 -62.05
N LYS A 206 12.15 -16.75 -62.43
CA LYS A 206 11.24 -17.62 -63.17
C LYS A 206 10.17 -18.22 -62.26
N SER A 207 10.49 -18.45 -60.97
CA SER A 207 9.55 -19.14 -60.09
C SER A 207 8.41 -18.24 -59.59
N TRP A 208 8.57 -16.91 -59.65
CA TRP A 208 7.57 -15.96 -59.16
C TRP A 208 6.85 -15.33 -60.36
N THR A 209 5.71 -15.95 -60.73
CA THR A 209 5.01 -15.63 -61.96
C THR A 209 4.22 -14.32 -61.83
N PRO A 210 3.70 -13.80 -62.95
CA PRO A 210 2.81 -12.63 -62.84
C PRO A 210 1.57 -12.90 -62.02
N SER A 211 1.02 -14.12 -62.11
CA SER A 211 -0.11 -14.52 -61.28
C SER A 211 0.26 -14.52 -59.78
N ASP A 212 1.45 -15.01 -59.43
CA ASP A 212 1.88 -14.95 -58.02
C ASP A 212 1.93 -13.50 -57.51
N LYS A 213 2.51 -12.61 -58.31
CA LYS A 213 2.64 -11.21 -57.92
C LYS A 213 1.28 -10.54 -57.74
N LYS A 214 0.35 -10.81 -58.67
CA LYS A 214 -0.96 -10.17 -58.57
C LYS A 214 -1.70 -10.61 -57.30
N LYS A 215 -1.65 -11.91 -56.99
CA LYS A 215 -2.30 -12.40 -55.78
C LYS A 215 -1.71 -11.74 -54.53
N LEU A 216 -0.38 -11.67 -54.45
CA LEU A 216 0.24 -11.06 -53.27
C LEU A 216 0.03 -9.55 -53.26
N ASP A 217 0.03 -8.91 -54.43
CA ASP A 217 -0.33 -7.50 -54.49
C ASP A 217 -1.72 -7.28 -53.92
N ASP A 218 -2.67 -8.17 -54.26
CA ASP A 218 -4.04 -8.03 -53.77
C ASP A 218 -4.14 -8.31 -52.27
N TRP A 219 -3.43 -9.34 -51.79
CA TRP A 219 -3.40 -9.57 -50.35
C TRP A 219 -2.83 -8.36 -49.61
N ALA A 220 -1.71 -7.84 -50.10
CA ALA A 220 -1.07 -6.69 -49.44
C ALA A 220 -1.96 -5.46 -49.44
N THR A 221 -2.72 -5.26 -50.53
CA THR A 221 -3.69 -4.17 -50.61
C THR A 221 -4.82 -4.35 -49.59
N ALA A 222 -5.33 -5.57 -49.46
CA ALA A 222 -6.34 -5.85 -48.45
C ALA A 222 -5.78 -5.74 -47.03
N PHE A 223 -4.52 -6.19 -46.80
CA PHE A 223 -3.92 -6.01 -45.49
C PHE A 223 -3.73 -4.52 -45.19
N CYS A 224 -3.25 -3.74 -46.18
CA CYS A 224 -3.07 -2.31 -45.97
C CYS A 224 -4.40 -1.65 -45.67
N TYR A 225 -5.46 -2.03 -46.38
CA TYR A 225 -6.79 -1.48 -46.10
C TYR A 225 -7.19 -1.76 -44.65
N TRP A 226 -7.04 -3.01 -44.21
CA TRP A 226 -7.45 -3.42 -42.88
C TRP A 226 -6.72 -2.61 -41.81
N MET A 227 -5.37 -2.50 -41.94
CA MET A 227 -4.57 -1.85 -40.90
C MET A 227 -4.78 -0.34 -40.87
N GLU A 228 -5.21 0.26 -41.99
CA GLU A 228 -5.52 1.69 -42.00
C GLU A 228 -6.95 2.01 -41.58
N ASN A 229 -7.93 1.13 -41.85
CA ASN A 229 -9.33 1.47 -41.65
C ASN A 229 -10.05 0.68 -40.56
N SER A 230 -9.59 -0.51 -40.19
CA SER A 230 -10.21 -1.20 -39.06
C SER A 230 -10.01 -0.37 -37.78
N THR A 231 -10.95 -0.53 -36.85
CA THR A 231 -10.82 0.16 -35.57
C THR A 231 -9.53 -0.24 -34.86
N GLN A 232 -9.20 -1.54 -34.89
CA GLN A 232 -7.98 -2.00 -34.23
C GLN A 232 -6.74 -1.38 -34.85
N GLY A 233 -6.70 -1.31 -36.19
CA GLY A 233 -5.57 -0.67 -36.86
C GLY A 233 -5.48 0.81 -36.57
N GLN A 234 -6.64 1.49 -36.54
CA GLN A 234 -6.66 2.91 -36.18
C GLN A 234 -6.14 3.12 -34.77
N ARG A 235 -6.66 2.35 -33.81
CA ARG A 235 -6.23 2.49 -32.42
C ARG A 235 -4.73 2.23 -32.28
N GLU A 236 -4.21 1.20 -32.96
CA GLU A 236 -2.78 0.93 -32.87
C GLU A 236 -1.95 2.02 -33.55
N SER A 237 -2.49 2.65 -34.61
CA SER A 237 -1.82 3.76 -35.25
C SER A 237 -1.65 4.96 -34.32
N HIS A 238 -2.47 5.08 -33.28
CA HIS A 238 -2.38 6.19 -32.34
C HIS A 238 -1.84 5.78 -30.97
N ALA A 239 -1.25 4.59 -30.83
CA ALA A 239 -0.69 4.19 -29.54
C ALA A 239 0.46 5.10 -29.10
N ALA A 240 0.49 5.42 -27.81
CA ALA A 240 1.42 6.40 -27.24
C ALA A 240 2.84 5.88 -27.06
N ASN A 241 3.10 4.59 -27.31
CA ASN A 241 4.42 4.02 -27.04
C ASN A 241 4.96 3.31 -28.30
N ASN A 242 5.87 2.36 -28.10
CA ASN A 242 6.53 1.68 -29.20
C ASN A 242 5.55 0.96 -30.12
N HIS A 243 4.32 0.67 -29.67
CA HIS A 243 3.28 0.08 -30.55
C HIS A 243 2.97 0.99 -31.74
N GLY A 244 2.85 2.30 -31.50
CA GLY A 244 2.65 3.23 -32.59
C GLY A 244 3.85 3.31 -33.52
N LEU A 245 5.07 3.27 -32.97
CA LEU A 245 6.27 3.27 -33.80
C LEU A 245 6.37 2.00 -34.65
N TRP A 246 6.14 0.83 -34.03
CA TRP A 246 6.17 -0.43 -34.77
C TRP A 246 5.04 -0.52 -35.79
N TYR A 247 3.85 0.04 -35.47
CA TYR A 247 2.75 0.11 -36.43
C TYR A 247 3.21 0.80 -37.71
N GLU A 248 3.92 1.93 -37.57
CA GLU A 248 4.38 2.60 -38.78
C GLU A 248 5.54 1.89 -39.45
N ALA A 249 6.45 1.23 -38.70
CA ALA A 249 7.42 0.38 -39.36
C ALA A 249 6.73 -0.66 -40.24
N ILE A 250 5.74 -1.38 -39.68
CA ILE A 250 4.99 -2.36 -40.46
C ILE A 250 4.28 -1.67 -41.62
N HIS A 251 3.65 -0.53 -41.35
CA HIS A 251 2.95 0.23 -42.39
C HIS A 251 3.89 0.55 -43.54
N LEU A 252 5.12 0.96 -43.24
CA LEU A 252 6.05 1.30 -44.30
C LEU A 252 6.48 0.07 -45.10
N MET A 253 6.65 -1.07 -44.42
CA MET A 253 6.98 -2.31 -45.15
C MET A 253 5.89 -2.65 -46.17
N VAL A 254 4.62 -2.58 -45.74
CA VAL A 254 3.50 -2.88 -46.64
C VAL A 254 3.44 -1.88 -47.79
N LEU A 255 3.56 -0.58 -47.48
CA LEU A 255 3.54 0.47 -48.50
C LEU A 255 4.73 0.35 -49.46
N ALA A 256 5.91 -0.01 -48.95
CA ALA A 256 7.04 -0.16 -49.85
C ALA A 256 6.90 -1.38 -50.75
N TYR A 257 6.30 -2.47 -50.23
CA TYR A 257 5.99 -3.60 -51.10
C TYR A 257 5.10 -3.15 -52.24
N LEU A 258 4.11 -2.31 -51.94
CA LEU A 258 3.16 -1.84 -52.93
C LEU A 258 3.67 -0.64 -53.72
N ASP A 259 4.89 -0.18 -53.49
CA ASP A 259 5.54 0.89 -54.26
C ASP A 259 4.86 2.24 -54.09
N ARG A 260 4.21 2.47 -52.96
CA ARG A 260 3.52 3.73 -52.70
C ARG A 260 4.47 4.68 -51.97
N THR A 261 5.43 5.21 -52.73
CA THR A 261 6.46 6.05 -52.13
C THR A 261 5.91 7.39 -51.65
N ASP A 262 4.87 7.93 -52.28
CA ASP A 262 4.28 9.16 -51.77
C ASP A 262 3.68 8.94 -50.38
N ARG A 263 3.06 7.78 -50.17
CA ARG A 263 2.47 7.50 -48.86
C ARG A 263 3.55 7.31 -47.79
N ILE A 264 4.69 6.76 -48.17
CA ILE A 264 5.80 6.60 -47.25
C ILE A 264 6.28 7.97 -46.76
N ARG A 265 6.37 8.94 -47.67
CA ARG A 265 6.71 10.31 -47.27
C ARG A 265 5.67 10.88 -46.33
N GLU A 266 4.39 10.65 -46.64
CA GLU A 266 3.31 11.17 -45.82
C GLU A 266 3.29 10.51 -44.45
N VAL A 267 3.51 9.19 -44.39
CA VAL A 267 3.53 8.51 -43.08
C VAL A 267 4.65 9.08 -42.21
N ALA A 268 5.86 9.18 -42.76
CA ALA A 268 6.99 9.69 -41.99
C ALA A 268 6.73 11.10 -41.48
N GLU A 269 6.19 11.98 -42.34
CA GLU A 269 6.04 13.37 -41.91
C GLU A 269 4.84 13.54 -40.99
N GLN A 270 3.76 12.81 -41.24
CA GLN A 270 2.55 13.04 -40.47
C GLN A 270 2.37 12.09 -39.30
N SER A 271 3.05 10.96 -39.28
CA SER A 271 2.88 10.02 -38.17
C SER A 271 4.16 9.72 -37.41
N ILE A 272 5.24 9.31 -38.10
CA ILE A 272 6.44 8.88 -37.37
C ILE A 272 7.11 10.06 -36.68
N LEU A 273 7.28 11.17 -37.38
CA LEU A 273 7.96 12.30 -36.77
C LEU A 273 7.17 12.87 -35.60
N PRO A 274 5.87 13.15 -35.73
CA PRO A 274 5.11 13.58 -34.54
C PRO A 274 5.18 12.60 -33.39
N LYS A 275 5.26 11.28 -33.67
CA LYS A 275 5.38 10.29 -32.61
C LYS A 275 6.72 10.40 -31.88
N MET A 276 7.82 10.51 -32.63
CA MET A 276 9.10 10.75 -31.99
C MET A 276 9.04 11.99 -31.11
N GLY A 277 8.49 13.08 -31.64
CA GLY A 277 8.51 14.33 -30.91
C GLY A 277 7.75 14.25 -29.61
N ALA A 278 6.78 13.34 -29.53
CA ALA A 278 5.98 13.16 -28.34
C ALA A 278 6.61 12.16 -27.39
N GLN A 279 7.25 11.10 -27.90
CA GLN A 279 7.71 10.02 -27.05
C GLN A 279 9.14 10.22 -26.53
N ILE A 280 9.96 11.03 -27.20
CA ILE A 280 11.24 11.41 -26.64
C ILE A 280 11.03 12.60 -25.70
N ALA A 281 11.54 12.46 -24.49
CA ALA A 281 11.54 13.55 -23.52
C ALA A 281 12.67 14.53 -23.83
N ASP A 282 12.67 15.65 -23.11
CA ASP A 282 13.74 16.63 -23.31
C ASP A 282 15.13 16.02 -23.11
N ASP A 283 15.30 15.16 -22.11
CA ASP A 283 16.61 14.59 -21.86
C ASP A 283 16.94 13.41 -22.78
N GLY A 284 16.07 13.06 -23.73
CA GLY A 284 16.34 11.97 -24.63
C GLY A 284 15.83 10.61 -24.19
N SER A 285 15.22 10.51 -23.01
CA SER A 285 14.66 9.25 -22.59
C SER A 285 13.30 9.04 -23.25
N LEU A 286 12.77 7.82 -23.14
CA LEU A 286 11.43 7.52 -23.64
C LEU A 286 10.54 7.16 -22.45
N PRO A 287 9.84 8.13 -21.85
CA PRO A 287 9.10 7.87 -20.59
C PRO A 287 8.07 6.76 -20.69
N GLN A 288 7.44 6.55 -21.85
CA GLN A 288 6.49 5.44 -21.98
C GLN A 288 7.18 4.09 -21.83
N GLU A 289 8.43 3.95 -22.31
CA GLU A 289 9.16 2.70 -22.13
C GLU A 289 9.75 2.59 -20.73
N LEU A 290 10.05 3.73 -20.10
CA LEU A 290 10.63 3.74 -18.76
C LEU A 290 9.69 3.23 -17.69
N LYS A 291 8.38 3.27 -17.90
CA LYS A 291 7.47 2.73 -16.89
C LYS A 291 7.26 1.22 -17.00
N ARG A 292 7.89 0.53 -17.95
CA ARG A 292 7.75 -0.92 -18.12
C ARG A 292 8.70 -1.67 -17.20
N THR A 293 8.36 -2.93 -16.92
CA THR A 293 9.23 -3.75 -16.09
C THR A 293 10.47 -4.20 -16.84
N LEU A 294 10.47 -4.14 -18.17
CA LEU A 294 11.67 -4.36 -18.97
C LEU A 294 12.02 -3.08 -19.72
N SER A 295 12.37 -2.04 -18.97
CA SER A 295 12.42 -0.69 -19.54
C SER A 295 13.59 -0.48 -20.46
N LEU A 296 14.72 -1.15 -20.24
CA LEU A 296 15.83 -0.99 -21.17
C LEU A 296 15.57 -1.75 -22.47
N HIS A 297 14.91 -2.91 -22.37
CA HIS A 297 14.50 -3.63 -23.55
C HIS A 297 13.46 -2.85 -24.36
N TYR A 298 12.47 -2.24 -23.69
CA TYR A 298 11.44 -1.53 -24.43
C TYR A 298 11.89 -0.16 -24.96
N SER A 299 12.84 0.51 -24.31
CA SER A 299 13.50 1.66 -24.96
C SER A 299 14.21 1.23 -26.24
N THR A 300 14.99 0.16 -26.16
CA THR A 300 15.68 -0.38 -27.32
C THR A 300 14.69 -0.81 -28.41
N PHE A 301 13.60 -1.46 -28.00
CA PHE A 301 12.60 -1.96 -28.95
C PHE A 301 11.90 -0.82 -29.67
N ALA A 302 11.63 0.29 -28.97
CA ALA A 302 11.12 1.49 -29.63
C ALA A 302 12.10 1.99 -30.70
N LEU A 303 13.40 2.00 -30.40
CA LEU A 303 14.36 2.49 -31.39
C LEU A 303 14.56 1.48 -32.51
N GLU A 304 14.41 0.18 -32.22
CA GLU A 304 14.43 -0.80 -33.32
C GLU A 304 13.29 -0.56 -34.30
N ALA A 305 12.12 -0.12 -33.80
CA ALA A 305 11.03 0.24 -34.70
C ALA A 305 11.43 1.41 -35.62
N LEU A 306 12.02 2.46 -35.04
CA LEU A 306 12.51 3.57 -35.86
C LEU A 306 13.60 3.12 -36.81
N MET A 307 14.46 2.19 -36.38
CA MET A 307 15.53 1.67 -37.24
C MET A 307 14.99 0.97 -38.50
N GLU A 308 13.98 0.11 -38.34
CA GLU A 308 13.39 -0.57 -39.49
C GLU A 308 12.60 0.41 -40.36
N ALA A 309 11.87 1.34 -39.75
CA ALA A 309 11.24 2.41 -40.52
C ALA A 309 12.26 3.18 -41.34
N ASN A 310 13.42 3.49 -40.74
CA ASN A 310 14.43 4.29 -41.42
C ASN A 310 15.07 3.57 -42.60
N GLN A 311 15.28 2.25 -42.48
CA GLN A 311 15.82 1.49 -43.62
C GLN A 311 15.00 1.75 -44.86
N ILE A 312 13.70 1.92 -44.69
CA ILE A 312 12.83 2.19 -45.83
C ILE A 312 12.80 3.66 -46.20
N THR A 313 12.53 4.55 -45.23
CA THR A 313 12.51 5.98 -45.54
C THR A 313 13.83 6.43 -46.14
N SER A 314 14.96 5.88 -45.68
CA SER A 314 16.22 6.37 -46.25
C SER A 314 16.44 5.91 -47.68
N GLN A 315 15.73 4.87 -48.14
CA GLN A 315 15.84 4.53 -49.56
C GLN A 315 15.12 5.54 -50.44
N ILE A 316 14.29 6.41 -49.88
CA ILE A 316 13.67 7.48 -50.67
C ILE A 316 14.10 8.87 -50.18
N GLY A 317 15.19 8.96 -49.42
CA GLY A 317 15.80 10.24 -49.12
C GLY A 317 15.48 10.83 -47.76
N ILE A 318 14.78 10.12 -46.88
CA ILE A 318 14.40 10.64 -45.58
C ILE A 318 15.17 9.91 -44.50
N ASN A 319 15.94 10.65 -43.71
CA ASN A 319 16.74 10.10 -42.62
C ASN A 319 15.98 10.30 -41.31
N LEU A 320 15.43 9.21 -40.75
CA LEU A 320 14.64 9.32 -39.53
C LEU A 320 15.50 9.53 -38.28
N TRP A 321 16.80 9.31 -38.37
CA TRP A 321 17.63 9.49 -37.20
C TRP A 321 17.95 10.95 -36.95
N SER A 322 17.93 11.79 -37.99
CA SER A 322 18.32 13.17 -37.84
C SER A 322 17.29 14.19 -38.27
N THR A 323 16.11 13.75 -38.75
CA THR A 323 15.08 14.71 -39.16
C THR A 323 14.25 15.10 -37.96
N PRO A 324 14.14 16.39 -37.64
CA PRO A 324 13.48 16.78 -36.39
C PRO A 324 11.96 16.69 -36.50
N ALA A 325 11.33 16.42 -35.36
CA ALA A 325 9.92 16.72 -35.23
C ALA A 325 9.71 18.23 -35.27
N SER A 326 8.44 18.62 -35.34
CA SER A 326 8.08 20.03 -35.32
C SER A 326 8.49 20.72 -34.02
N ASN A 327 8.75 19.96 -32.94
CA ASN A 327 9.29 20.56 -31.72
C ASN A 327 10.81 20.51 -31.66
N GLY A 328 11.48 20.14 -32.73
CA GLY A 328 12.91 20.10 -32.76
C GLY A 328 13.58 18.87 -32.19
N LYS A 329 12.82 17.94 -31.60
CA LYS A 329 13.42 16.71 -31.09
C LYS A 329 13.83 15.78 -32.24
N VAL A 330 14.93 15.05 -32.04
CA VAL A 330 15.48 14.16 -33.05
C VAL A 330 15.77 12.79 -32.44
N ALA A 331 15.57 11.73 -33.23
CA ALA A 331 15.72 10.38 -32.72
C ALA A 331 17.13 10.11 -32.20
N SER A 332 18.16 10.78 -32.75
CA SER A 332 19.51 10.63 -32.21
C SER A 332 19.59 10.96 -30.71
N GLN A 333 18.73 11.86 -30.21
CA GLN A 333 18.73 12.14 -28.77
C GLN A 333 18.39 10.90 -27.96
N ALA A 334 17.52 10.03 -28.48
CA ALA A 334 17.16 8.84 -27.73
C ALA A 334 18.31 7.84 -27.71
N VAL A 335 19.05 7.73 -28.83
CA VAL A 335 20.26 6.92 -28.83
C VAL A 335 21.29 7.46 -27.86
N ASP A 336 21.48 8.80 -27.85
CA ASP A 336 22.47 9.40 -26.96
C ASP A 336 22.19 9.02 -25.53
N TYR A 337 20.92 9.11 -25.13
CA TYR A 337 20.55 8.81 -23.76
C TYR A 337 20.88 7.36 -23.41
N LEU A 338 20.65 6.43 -24.35
CA LEU A 338 20.84 5.01 -24.05
C LEU A 338 22.26 4.53 -24.22
N TYR A 339 23.07 5.22 -25.03
CA TYR A 339 24.40 4.71 -25.35
C TYR A 339 25.22 4.29 -24.13
N PRO A 340 25.38 5.11 -23.07
CA PRO A 340 26.18 4.64 -21.93
C PRO A 340 25.65 3.39 -21.27
N PHE A 341 24.33 3.12 -21.37
CA PHE A 341 23.78 1.89 -20.82
C PHE A 341 23.94 0.74 -21.80
N TYR A 342 24.13 1.01 -23.09
CA TYR A 342 24.58 -0.06 -23.97
C TYR A 342 26.02 -0.46 -23.65
N LEU A 343 26.84 0.51 -23.22
CA LEU A 343 28.19 0.19 -22.75
C LEU A 343 28.16 -0.60 -21.46
N ASN A 344 27.29 -0.21 -20.52
CA ASN A 344 27.18 -0.83 -19.20
C ASN A 344 25.73 -0.95 -18.79
N PRO A 345 25.05 -2.04 -19.19
CA PRO A 345 23.65 -2.22 -18.78
C PRO A 345 23.43 -2.22 -17.28
N GLU A 346 24.41 -2.68 -16.49
CA GLU A 346 24.24 -2.69 -15.03
C GLU A 346 24.03 -1.30 -14.47
N ASP A 347 24.43 -0.25 -15.19
CA ASP A 347 24.18 1.10 -14.73
C ASP A 347 22.73 1.56 -14.93
N TRP A 348 21.90 0.77 -15.62
CA TRP A 348 20.52 1.19 -15.89
C TRP A 348 19.75 1.35 -14.59
N LYS A 349 19.04 2.47 -14.47
CA LYS A 349 18.42 2.89 -13.21
C LYS A 349 16.91 2.65 -13.17
N PHE A 350 16.33 2.02 -14.19
CA PHE A 350 14.89 1.78 -14.21
C PHE A 350 14.62 0.27 -14.25
N LYS A 351 13.36 -0.10 -14.03
CA LYS A 351 13.00 -1.50 -13.85
C LYS A 351 13.38 -2.33 -15.07
N GLN A 352 14.13 -3.43 -14.82
CA GLN A 352 14.56 -4.35 -15.88
C GLN A 352 14.64 -5.76 -15.26
N ILE A 353 13.50 -6.47 -15.27
CA ILE A 353 13.33 -7.67 -14.45
C ILE A 353 13.85 -8.94 -15.12
N LYS A 354 14.42 -8.85 -16.29
CA LYS A 354 15.24 -9.88 -16.90
C LYS A 354 16.50 -9.19 -17.42
N PRO A 355 17.60 -9.92 -17.58
CA PRO A 355 18.83 -9.27 -18.06
C PRO A 355 18.66 -8.72 -19.47
N PHE A 356 19.28 -7.57 -19.72
CA PHE A 356 19.25 -6.99 -21.06
C PHE A 356 20.33 -7.62 -21.93
N ASP A 357 19.97 -8.01 -23.16
CA ASP A 357 20.91 -8.58 -24.12
C ASP A 357 21.65 -7.46 -24.83
N GLN A 358 22.92 -7.23 -24.44
CA GLN A 358 23.73 -6.17 -25.03
C GLN A 358 23.85 -6.29 -26.56
N SER A 359 23.76 -7.50 -27.11
CA SER A 359 24.03 -7.65 -28.54
C SER A 359 22.92 -7.06 -29.40
N ARG A 360 21.73 -6.81 -28.84
CA ARG A 360 20.70 -6.15 -29.63
C ARG A 360 21.09 -4.71 -29.95
N ALA A 361 22.07 -4.15 -29.24
CA ALA A 361 22.55 -2.82 -29.57
C ALA A 361 23.47 -2.79 -30.78
N ALA A 362 24.05 -3.93 -31.19
CA ALA A 362 25.07 -3.91 -32.23
C ALA A 362 24.50 -3.40 -33.56
N ILE A 363 23.47 -4.06 -34.08
CA ILE A 363 22.87 -3.60 -35.33
C ILE A 363 22.29 -2.20 -35.17
N LEU A 364 21.69 -1.92 -34.01
CA LEU A 364 21.04 -0.64 -33.77
C LEU A 364 22.06 0.50 -33.77
N LEU A 365 23.13 0.36 -32.99
CA LEU A 365 24.17 1.39 -32.99
C LEU A 365 24.84 1.50 -34.37
N TYR A 366 24.98 0.39 -35.11
CA TYR A 366 25.51 0.52 -36.47
C TYR A 366 24.58 1.31 -37.37
N GLU A 367 23.29 0.94 -37.40
CA GLU A 367 22.30 1.64 -38.20
C GLU A 367 22.26 3.13 -37.85
N ALA A 368 22.08 3.45 -36.57
CA ALA A 368 22.04 4.85 -36.17
C ALA A 368 23.39 5.52 -36.39
N GLY A 369 24.47 4.84 -36.06
CA GLY A 369 25.79 5.44 -36.22
C GLY A 369 26.07 5.87 -37.64
N THR A 370 25.82 4.99 -38.62
CA THR A 370 26.12 5.34 -40.00
C THR A 370 25.18 6.42 -40.51
N ALA A 371 23.91 6.39 -40.08
CA ALA A 371 22.98 7.43 -40.50
C ALA A 371 23.37 8.79 -39.95
N LEU A 372 24.03 8.83 -38.79
CA LEU A 372 24.40 10.09 -38.14
C LEU A 372 25.85 10.50 -38.35
N GLY A 373 26.66 9.68 -39.00
CA GLY A 373 28.08 9.94 -39.04
C GLY A 373 28.75 9.86 -37.69
N ASN A 374 28.15 9.17 -36.73
CA ASN A 374 28.68 9.09 -35.37
C ASN A 374 29.62 7.88 -35.33
N GLN A 375 30.92 8.14 -35.37
CA GLN A 375 31.86 7.03 -35.49
C GLN A 375 32.08 6.31 -34.18
N LYS A 376 31.83 6.97 -33.05
CA LYS A 376 31.84 6.24 -31.79
C LYS A 376 30.76 5.17 -31.75
N TYR A 377 29.58 5.46 -32.32
CA TYR A 377 28.52 4.46 -32.34
C TYR A 377 28.90 3.28 -33.23
N VAL A 378 29.42 3.56 -34.43
CA VAL A 378 29.83 2.49 -35.32
C VAL A 378 30.91 1.63 -34.67
N ASP A 379 31.91 2.27 -34.05
CA ASP A 379 32.99 1.52 -33.40
C ASP A 379 32.44 0.62 -32.33
N THR A 380 31.49 1.12 -31.53
CA THR A 380 30.89 0.29 -30.50
C THR A 380 30.06 -0.85 -31.12
N ALA A 381 29.33 -0.56 -32.20
CA ALA A 381 28.63 -1.64 -32.92
C ALA A 381 29.58 -2.77 -33.29
N LYS A 382 30.77 -2.44 -33.79
CA LYS A 382 31.75 -3.44 -34.16
C LYS A 382 32.40 -4.08 -32.95
N ARG A 383 32.73 -3.30 -31.92
CA ARG A 383 33.31 -3.86 -30.70
C ARG A 383 32.37 -4.90 -30.07
N ILE A 384 31.10 -4.54 -29.89
CA ILE A 384 30.09 -5.54 -29.50
C ILE A 384 30.02 -6.65 -30.54
N GLY A 385 29.71 -6.31 -31.80
CA GLY A 385 29.83 -7.24 -32.90
C GLY A 385 28.70 -8.27 -32.95
N LEU A 386 28.75 -9.08 -34.01
CA LEU A 386 27.93 -10.27 -34.17
C LEU A 386 28.83 -11.44 -34.53
N LYS A 387 28.39 -12.66 -34.22
CA LYS A 387 29.19 -13.84 -34.50
C LYS A 387 29.22 -14.12 -36.00
N TYR A 388 30.42 -14.42 -36.52
CA TYR A 388 30.60 -14.58 -37.95
C TYR A 388 29.69 -15.67 -38.50
N SER A 389 29.56 -16.78 -37.77
CA SER A 389 28.84 -17.94 -38.27
C SER A 389 27.41 -18.00 -37.79
N THR A 390 26.87 -16.94 -37.16
CA THR A 390 25.51 -17.03 -36.62
C THR A 390 24.52 -17.31 -37.74
N SER A 391 23.51 -18.12 -37.42
CA SER A 391 22.42 -18.37 -38.34
C SER A 391 21.26 -17.40 -38.18
N ASP A 392 21.39 -16.37 -37.34
CA ASP A 392 20.27 -15.43 -37.13
C ASP A 392 20.05 -14.63 -38.41
N VAL A 393 18.86 -14.76 -39.00
CA VAL A 393 18.70 -14.31 -40.38
C VAL A 393 18.73 -12.79 -40.47
N GLU A 394 18.37 -12.10 -39.39
CA GLU A 394 18.43 -10.64 -39.47
C GLU A 394 19.87 -10.12 -39.56
N THR A 395 20.87 -10.95 -39.27
CA THR A 395 22.26 -10.52 -39.34
C THR A 395 22.89 -10.73 -40.72
N ILE A 396 22.16 -11.26 -41.69
CA ILE A 396 22.75 -11.55 -43.01
C ILE A 396 23.46 -10.33 -43.62
N PRO A 397 22.86 -9.14 -43.70
CA PRO A 397 23.57 -8.03 -44.36
C PRO A 397 24.77 -7.51 -43.59
N TYR A 398 24.94 -7.86 -42.32
CA TYR A 398 25.91 -7.18 -41.44
C TYR A 398 27.23 -7.93 -41.32
N LEU A 399 27.80 -8.39 -42.44
CA LEU A 399 29.19 -8.83 -42.43
C LEU A 399 30.09 -7.77 -41.81
N VAL A 400 29.72 -6.49 -41.94
CA VAL A 400 30.52 -5.39 -41.42
C VAL A 400 30.67 -5.47 -39.90
N LEU A 401 29.73 -6.13 -39.21
CA LEU A 401 29.80 -6.34 -37.77
C LEU A 401 30.42 -7.68 -37.39
N LYS A 402 30.68 -8.52 -38.36
CA LYS A 402 31.20 -9.82 -38.07
C LYS A 402 32.72 -9.87 -38.30
N SER B 23 -5.79 -41.38 12.18
CA SER B 23 -4.50 -40.89 11.69
C SER B 23 -4.40 -41.08 10.17
N ALA B 24 -3.92 -40.05 9.47
CA ALA B 24 -3.90 -40.11 8.01
C ALA B 24 -2.91 -41.16 7.53
N PRO B 25 -3.17 -41.78 6.39
CA PRO B 25 -2.16 -42.66 5.78
C PRO B 25 -0.86 -41.92 5.53
N LEU B 26 0.25 -42.65 5.63
CA LEU B 26 1.55 -42.09 5.31
C LEU B 26 1.58 -41.57 3.87
N GLY B 27 2.01 -40.33 3.70
CA GLY B 27 2.01 -39.74 2.37
C GLY B 27 2.65 -38.38 2.31
N PRO B 28 2.69 -37.79 1.11
CA PRO B 28 3.45 -36.54 0.87
C PRO B 28 2.59 -35.28 1.02
N PHE B 29 2.34 -34.95 2.28
CA PHE B 29 1.47 -33.85 2.67
C PHE B 29 1.71 -33.63 4.15
N ASN B 30 1.33 -32.46 4.63
CA ASN B 30 1.35 -32.19 6.07
C ASN B 30 0.21 -32.99 6.66
N ALA B 31 0.54 -34.13 7.27
CA ALA B 31 -0.52 -35.02 7.77
C ALA B 31 -1.29 -34.38 8.92
N THR B 32 -0.62 -33.56 9.75
CA THR B 32 -1.30 -32.90 10.85
C THR B 32 -2.39 -31.95 10.35
N LEU B 33 -2.07 -31.14 9.33
CA LEU B 33 -3.08 -30.22 8.80
C LEU B 33 -4.19 -30.97 8.09
N LEU B 34 -3.86 -32.07 7.41
CA LEU B 34 -4.88 -32.81 6.69
C LEU B 34 -5.87 -33.48 7.65
N GLU B 35 -5.35 -34.09 8.71
CA GLU B 35 -6.20 -34.69 9.74
C GLU B 35 -7.09 -33.64 10.40
N GLN B 36 -6.52 -32.46 10.67
CA GLN B 36 -7.29 -31.38 11.27
C GLN B 36 -8.42 -30.94 10.35
N LEU B 37 -8.14 -30.81 9.05
CA LEU B 37 -9.18 -30.45 8.10
C LEU B 37 -10.29 -31.50 8.06
N LYS B 38 -9.90 -32.79 8.05
CA LYS B 38 -10.91 -33.84 7.96
C LYS B 38 -11.79 -33.87 9.20
N ASN B 39 -11.16 -33.74 10.39
CA ASN B 39 -11.91 -33.84 11.63
C ASN B 39 -12.87 -32.66 11.78
N ASP B 40 -12.42 -31.45 11.46
CA ASP B 40 -13.31 -30.30 11.49
C ASP B 40 -14.43 -30.44 10.46
N TYR B 41 -14.09 -30.88 9.24
CA TYR B 41 -15.13 -31.06 8.23
C TYR B 41 -16.18 -32.05 8.70
N GLN B 42 -15.76 -33.13 9.36
CA GLN B 42 -16.72 -34.11 9.85
C GLN B 42 -17.52 -33.59 11.03
N LYS B 43 -16.98 -32.64 11.77
CA LYS B 43 -17.71 -32.01 12.87
C LYS B 43 -18.60 -30.86 12.40
N GLY B 44 -18.63 -30.56 11.09
CA GLY B 44 -19.49 -29.48 10.64
C GLY B 44 -19.05 -28.10 11.07
N GLU B 45 -17.80 -27.93 11.46
CA GLU B 45 -17.22 -26.63 11.74
C GLU B 45 -17.36 -25.71 10.54
N LYS B 46 -17.87 -24.49 10.78
CA LYS B 46 -18.33 -23.67 9.67
C LYS B 46 -17.18 -23.18 8.82
N GLU B 47 -16.12 -22.68 9.46
CA GLU B 47 -14.98 -22.15 8.72
C GLU B 47 -14.38 -23.21 7.80
N VAL B 48 -14.17 -24.42 8.32
CA VAL B 48 -13.60 -25.49 7.52
C VAL B 48 -14.59 -25.95 6.45
N THR B 49 -15.85 -26.15 6.83
CA THR B 49 -16.86 -26.55 5.87
C THR B 49 -16.94 -25.57 4.69
N ARG B 50 -16.89 -24.26 4.97
CA ARG B 50 -16.90 -23.29 3.87
C ARG B 50 -15.65 -23.41 3.01
N TYR B 51 -14.48 -23.58 3.62
CA TYR B 51 -13.25 -23.72 2.86
C TYR B 51 -13.29 -24.93 1.93
N ILE B 52 -13.74 -26.07 2.45
CA ILE B 52 -13.79 -27.29 1.65
C ILE B 52 -14.84 -27.18 0.54
N GLU B 53 -15.95 -26.48 0.77
CA GLU B 53 -16.91 -26.24 -0.32
C GLU B 53 -16.29 -25.40 -1.44
N LEU B 54 -15.44 -24.44 -1.09
CA LEU B 54 -14.66 -23.76 -2.12
C LEU B 54 -13.75 -24.72 -2.86
N GLN B 55 -12.98 -25.53 -2.11
CA GLN B 55 -12.12 -26.54 -2.76
C GLN B 55 -12.92 -27.48 -3.65
N GLU B 56 -14.17 -27.78 -3.27
CA GLU B 56 -14.96 -28.69 -4.11
C GLU B 56 -15.35 -28.01 -5.41
N LYS B 57 -15.64 -26.70 -5.37
CA LYS B 57 -15.89 -25.94 -6.59
C LYS B 57 -14.65 -25.91 -7.47
N VAL B 58 -13.48 -25.67 -6.87
CA VAL B 58 -12.22 -25.68 -7.62
C VAL B 58 -11.98 -27.04 -8.25
N ALA B 59 -12.25 -28.12 -7.53
CA ALA B 59 -11.95 -29.48 -8.00
C ALA B 59 -12.88 -29.96 -9.12
N GLU B 60 -13.92 -29.20 -9.47
CA GLU B 60 -14.87 -29.71 -10.46
C GLU B 60 -14.22 -29.90 -11.82
N LYS B 61 -13.35 -28.97 -12.22
CA LYS B 61 -12.66 -29.11 -13.50
C LYS B 61 -11.88 -30.43 -13.56
N TYR B 62 -11.38 -30.92 -12.44
CA TYR B 62 -10.63 -32.17 -12.46
C TYR B 62 -11.53 -33.39 -12.60
N ILE B 63 -12.76 -33.33 -12.08
CA ILE B 63 -13.72 -34.40 -12.30
C ILE B 63 -14.06 -34.54 -13.77
N LYS B 64 -14.16 -33.42 -14.49
CA LYS B 64 -14.51 -33.42 -15.91
C LYS B 64 -13.30 -33.62 -16.81
N MET B 65 -12.08 -33.35 -16.33
CA MET B 65 -10.92 -33.30 -17.22
C MET B 65 -10.55 -34.69 -17.73
N THR B 66 -10.27 -34.80 -19.02
CA THR B 66 -9.89 -36.08 -19.59
C THR B 66 -8.51 -36.51 -19.11
N PRO B 67 -8.36 -37.72 -18.58
CA PRO B 67 -7.07 -38.16 -18.07
C PRO B 67 -5.98 -38.10 -19.14
N LEU B 68 -4.83 -37.58 -18.75
CA LEU B 68 -3.66 -37.40 -19.60
C LEU B 68 -2.77 -38.62 -19.56
N SER B 69 -1.90 -38.72 -20.57
CA SER B 69 -0.99 -39.84 -20.72
C SER B 69 0.30 -39.37 -21.37
N VAL B 70 1.43 -39.95 -20.94
CA VAL B 70 2.74 -39.60 -21.50
CA VAL B 70 2.74 -39.60 -21.51
C VAL B 70 2.82 -39.96 -22.98
N THR B 71 2.00 -40.92 -23.46
CA THR B 71 2.03 -41.33 -24.87
C THR B 71 1.42 -40.30 -25.82
N ALA B 72 0.85 -39.20 -25.31
CA ALA B 72 0.24 -38.22 -26.20
C ALA B 72 1.31 -37.27 -26.75
N LYS B 73 2.26 -37.86 -27.48
CA LYS B 73 3.28 -37.06 -28.12
C LYS B 73 3.46 -37.52 -29.56
N LYS B 74 3.92 -36.60 -30.39
CA LYS B 74 4.25 -36.86 -31.79
C LYS B 74 5.67 -37.39 -31.95
N LYS B 75 6.64 -36.60 -31.52
CA LYS B 75 8.05 -36.96 -31.66
C LYS B 75 8.41 -38.00 -30.62
N LEU B 76 8.81 -39.20 -31.06
CA LEU B 76 9.08 -40.31 -30.16
C LEU B 76 10.50 -40.26 -29.59
N PRO B 77 10.73 -40.90 -28.45
CA PRO B 77 12.10 -40.94 -27.88
C PRO B 77 12.94 -42.02 -28.56
N PRO B 78 14.26 -42.04 -28.31
CA PRO B 78 15.14 -42.98 -29.03
C PRO B 78 14.77 -44.45 -28.87
N SER B 79 14.00 -44.81 -27.85
CA SER B 79 13.51 -46.17 -27.69
C SER B 79 12.37 -46.51 -28.64
N LYS B 80 11.78 -45.51 -29.30
CA LYS B 80 10.59 -45.64 -30.15
C LYS B 80 9.33 -46.00 -29.35
N ASP B 81 9.36 -45.83 -28.03
CA ASP B 81 8.25 -46.22 -27.18
C ASP B 81 7.58 -44.94 -26.68
N PRO B 82 6.35 -44.63 -27.11
CA PRO B 82 5.69 -43.43 -26.58
C PRO B 82 5.41 -43.49 -25.08
N ARG B 83 5.52 -44.66 -24.45
CA ARG B 83 5.32 -44.75 -23.02
C ARG B 83 6.56 -44.37 -22.22
N ASP B 84 7.67 -44.05 -22.90
CA ASP B 84 8.84 -43.49 -22.23
C ASP B 84 8.67 -41.99 -22.08
N TYR B 85 8.73 -41.52 -20.83
CA TYR B 85 8.76 -40.09 -20.56
C TYR B 85 9.99 -39.44 -21.18
N MET B 86 9.79 -38.32 -21.90
CA MET B 86 10.91 -37.58 -22.46
C MET B 86 10.67 -36.08 -22.40
N THR B 87 11.67 -35.33 -21.91
CA THR B 87 11.63 -33.87 -21.91
C THR B 87 13.00 -33.34 -22.30
N LEU B 88 13.03 -32.06 -22.61
CA LEU B 88 14.26 -31.35 -22.87
C LEU B 88 14.74 -30.66 -21.60
N SER B 89 16.04 -30.76 -21.31
CA SER B 89 16.58 -30.07 -20.15
C SER B 89 16.43 -28.57 -20.37
N PRO B 90 15.81 -27.83 -19.43
CA PRO B 90 15.20 -26.53 -19.77
C PRO B 90 16.18 -25.44 -20.15
N TYR B 91 17.44 -25.53 -19.72
CA TYR B 91 18.42 -24.46 -19.90
C TYR B 91 19.34 -24.67 -21.09
N TRP B 92 19.02 -25.62 -21.96
CA TRP B 92 19.87 -25.96 -23.09
C TRP B 92 19.20 -25.48 -24.38
N TRP B 93 19.98 -24.82 -25.23
CA TRP B 93 19.53 -24.09 -26.41
C TRP B 93 20.32 -24.49 -27.64
N PRO B 94 19.74 -24.39 -28.83
CA PRO B 94 20.54 -24.53 -30.05
C PRO B 94 21.65 -23.49 -30.07
N ASP B 95 22.80 -23.89 -30.61
CA ASP B 95 23.94 -23.01 -30.80
C ASP B 95 23.83 -22.42 -32.20
N SER B 96 23.48 -21.12 -32.29
CA SER B 96 23.26 -20.52 -33.60
C SER B 96 24.53 -20.46 -34.44
N THR B 97 25.70 -20.57 -33.81
CA THR B 97 26.92 -20.60 -34.62
C THR B 97 27.20 -21.96 -35.25
N LYS B 98 26.35 -22.97 -35.03
CA LYS B 98 26.50 -24.27 -35.68
C LYS B 98 25.40 -24.43 -36.72
N ILE B 99 25.73 -25.08 -37.85
CA ILE B 99 24.80 -25.17 -38.98
C ILE B 99 23.50 -25.88 -38.57
N ASP B 100 23.61 -26.94 -37.79
CA ASP B 100 22.43 -27.65 -37.32
C ASP B 100 22.06 -27.29 -35.89
N GLY B 101 22.73 -26.32 -35.30
CA GLY B 101 22.46 -25.91 -33.93
C GLY B 101 23.03 -26.83 -32.86
N LEU B 102 23.73 -27.89 -33.25
CA LEU B 102 24.21 -28.96 -32.40
C LEU B 102 25.71 -28.86 -32.17
N PRO B 103 26.19 -29.19 -30.96
CA PRO B 103 25.39 -29.56 -29.79
C PRO B 103 24.75 -28.37 -29.09
N TYR B 104 23.63 -28.60 -28.41
CA TYR B 104 23.03 -27.55 -27.61
C TYR B 104 24.01 -27.06 -26.55
N ILE B 105 23.85 -25.81 -26.16
CA ILE B 105 24.68 -25.18 -25.15
C ILE B 105 23.78 -24.70 -24.03
N ARG B 106 24.39 -24.52 -22.86
CA ARG B 106 23.66 -24.22 -21.63
C ARG B 106 23.64 -22.72 -21.37
N LYS B 107 22.46 -22.20 -21.04
CA LYS B 107 22.26 -20.83 -20.58
C LYS B 107 21.50 -20.93 -19.26
N ASP B 108 22.21 -20.99 -18.13
CA ASP B 108 21.58 -21.28 -16.85
C ASP B 108 20.50 -20.26 -16.52
N GLY B 109 19.31 -20.77 -16.15
CA GLY B 109 18.22 -19.92 -15.71
C GLY B 109 17.35 -19.39 -16.83
N GLU B 110 17.73 -19.59 -18.08
CA GLU B 110 16.96 -19.13 -19.22
C GLU B 110 16.28 -20.34 -19.82
N ARG B 111 14.98 -20.46 -19.61
CA ARG B 111 14.24 -21.61 -20.08
C ARG B 111 14.00 -21.51 -21.57
N ASN B 112 14.48 -22.49 -22.31
CA ASN B 112 14.27 -22.62 -23.74
C ASN B 112 12.82 -23.00 -24.03
N PRO B 113 12.05 -22.18 -24.76
CA PRO B 113 10.64 -22.52 -25.04
C PRO B 113 10.45 -23.80 -25.82
N GLU B 114 11.49 -24.35 -26.41
CA GLU B 114 11.38 -25.68 -26.99
C GLU B 114 10.94 -26.73 -25.98
N VAL B 115 11.07 -26.48 -24.68
CA VAL B 115 10.64 -27.49 -23.70
C VAL B 115 9.16 -27.83 -23.90
N TYR B 116 8.36 -26.86 -24.36
CA TYR B 116 6.93 -27.07 -24.53
C TYR B 116 6.59 -27.92 -25.74
N GLU B 117 7.59 -28.31 -26.54
CA GLU B 117 7.35 -29.27 -27.62
C GLU B 117 7.25 -30.70 -27.11
N TYR B 118 7.57 -30.95 -25.82
CA TYR B 118 7.49 -32.26 -25.20
C TYR B 118 6.28 -32.27 -24.27
N PRO B 119 5.15 -32.82 -24.70
CA PRO B 119 3.88 -32.59 -23.98
C PRO B 119 3.89 -33.07 -22.54
N GLU B 120 4.67 -34.11 -22.20
CA GLU B 120 4.61 -34.61 -20.83
C GLU B 120 5.19 -33.63 -19.82
N ARG B 121 5.99 -32.65 -20.25
CA ARG B 121 6.49 -31.66 -19.30
C ARG B 121 5.33 -30.99 -18.56
N GLU B 122 4.42 -30.41 -19.31
CA GLU B 122 3.28 -29.78 -18.68
C GLU B 122 2.17 -30.78 -18.37
N ASN B 123 2.10 -31.92 -19.08
CA ASN B 123 1.04 -32.86 -18.79
C ASN B 123 1.26 -33.60 -17.46
N ALA B 124 2.53 -33.92 -17.12
CA ALA B 124 2.83 -34.47 -15.80
C ALA B 124 2.39 -33.52 -14.69
N ASN B 125 2.55 -32.21 -14.91
CA ASN B 125 2.10 -31.19 -13.96
C ASN B 125 0.57 -31.23 -13.80
N ARG B 126 -0.15 -31.24 -14.93
CA ARG B 126 -1.62 -31.23 -14.90
C ARG B 126 -2.15 -32.49 -14.26
N PHE B 127 -1.63 -33.65 -14.66
CA PHE B 127 -1.98 -34.90 -13.99
C PHE B 127 -1.68 -34.83 -12.49
N GLY B 128 -0.48 -34.37 -12.13
CA GLY B 128 -0.11 -34.31 -10.73
C GLY B 128 -1.06 -33.46 -9.89
N ASP B 129 -1.42 -32.29 -10.42
CA ASP B 129 -2.40 -31.42 -9.77
C ASP B 129 -3.76 -32.10 -9.61
N ALA B 130 -4.28 -32.68 -10.71
CA ALA B 130 -5.58 -33.34 -10.71
C ALA B 130 -5.64 -34.47 -9.69
N ALA B 131 -4.63 -35.34 -9.71
CA ALA B 131 -4.67 -36.49 -8.80
C ALA B 131 -4.50 -36.07 -7.34
N TYR B 132 -3.64 -35.09 -7.08
CA TYR B 132 -3.41 -34.64 -5.71
C TYR B 132 -4.68 -34.03 -5.12
N CYS B 133 -5.29 -33.11 -5.86
CA CYS B 133 -6.48 -32.43 -5.38
C CYS B 133 -7.61 -33.42 -5.11
N LEU B 134 -7.87 -34.32 -6.06
CA LEU B 134 -8.99 -35.26 -5.90
C LEU B 134 -8.74 -36.24 -4.74
N GLY B 135 -7.53 -36.80 -4.64
CA GLY B 135 -7.24 -37.72 -3.56
C GLY B 135 -7.39 -37.09 -2.19
N VAL B 136 -6.87 -35.86 -2.03
CA VAL B 136 -6.98 -35.14 -0.76
C VAL B 136 -8.45 -34.85 -0.44
N LEU B 137 -9.24 -34.48 -1.46
CA LEU B 137 -10.64 -34.19 -1.23
C LEU B 137 -11.45 -35.44 -0.90
N TYR B 138 -11.11 -36.58 -1.49
CA TYR B 138 -11.71 -37.83 -1.06
C TYR B 138 -11.37 -38.14 0.40
N TYR B 139 -10.13 -37.89 0.80
CA TYR B 139 -9.75 -38.15 2.18
C TYR B 139 -10.50 -37.24 3.14
N ILE B 140 -10.66 -35.96 2.80
CA ILE B 140 -11.31 -35.02 3.72
C ILE B 140 -12.81 -35.27 3.78
N THR B 141 -13.46 -35.44 2.63
CA THR B 141 -14.91 -35.48 2.55
C THR B 141 -15.50 -36.90 2.53
N GLY B 142 -14.72 -37.92 2.18
CA GLY B 142 -15.27 -39.26 2.00
C GLY B 142 -16.18 -39.44 0.80
N LYS B 143 -16.31 -38.44 -0.07
CA LYS B 143 -17.22 -38.52 -1.21
C LYS B 143 -16.60 -39.35 -2.32
N GLU B 144 -17.28 -40.45 -2.67
CA GLU B 144 -16.74 -41.42 -3.62
C GLU B 144 -16.41 -40.80 -4.97
N VAL B 145 -17.12 -39.73 -5.36
CA VAL B 145 -16.93 -39.17 -6.68
C VAL B 145 -15.50 -38.66 -6.85
N TYR B 146 -14.85 -38.26 -5.76
CA TYR B 146 -13.45 -37.82 -5.86
C TYR B 146 -12.51 -39.00 -6.02
N ALA B 147 -12.76 -40.10 -5.30
CA ALA B 147 -11.95 -41.28 -5.49
C ALA B 147 -12.08 -41.84 -6.89
N LYS B 148 -13.32 -41.80 -7.45
CA LYS B 148 -13.55 -42.34 -8.79
C LYS B 148 -12.76 -41.58 -9.83
N ALA B 149 -12.79 -40.25 -9.77
CA ALA B 149 -12.01 -39.42 -10.69
C ALA B 149 -10.50 -39.54 -10.40
N CYS B 150 -10.09 -39.51 -9.13
CA CYS B 150 -8.67 -39.66 -8.83
C CYS B 150 -8.13 -40.94 -9.44
N ALA B 151 -8.87 -42.04 -9.24
CA ALA B 151 -8.50 -43.35 -9.77
C ALA B 151 -8.44 -43.33 -11.29
N ASN B 152 -9.35 -42.61 -11.94
CA ASN B 152 -9.31 -42.57 -13.40
C ASN B 152 -8.02 -41.93 -13.88
N HIS B 153 -7.55 -40.89 -13.19
CA HIS B 153 -6.29 -40.25 -13.57
C HIS B 153 -5.10 -41.15 -13.29
N LEU B 154 -5.08 -41.80 -12.11
CA LEU B 154 -3.97 -42.66 -11.70
C LEU B 154 -3.75 -43.80 -12.67
N ARG B 155 -4.83 -44.50 -13.02
CA ARG B 155 -4.79 -45.66 -13.93
C ARG B 155 -4.23 -45.29 -15.28
N THR B 156 -4.68 -44.18 -15.85
CA THR B 156 -4.26 -43.81 -17.20
C THR B 156 -2.81 -43.38 -17.21
N TRP B 157 -2.38 -42.60 -16.20
CA TRP B 157 -1.01 -42.08 -16.18
C TRP B 157 0.00 -43.18 -15.84
N PHE B 158 -0.34 -44.08 -14.90
CA PHE B 158 0.61 -45.03 -14.32
C PHE B 158 0.46 -46.45 -14.87
N THR B 159 -0.70 -47.10 -14.71
CA THR B 159 -0.74 -48.56 -14.88
C THR B 159 -1.36 -49.04 -16.18
N ASP B 160 -2.06 -48.20 -16.94
CA ASP B 160 -2.73 -48.67 -18.16
C ASP B 160 -1.74 -49.32 -19.13
N PRO B 161 -2.06 -50.51 -19.67
CA PRO B 161 -1.09 -51.24 -20.50
C PRO B 161 -0.80 -50.60 -21.83
N LYS B 162 -1.62 -49.66 -22.29
CA LYS B 162 -1.30 -48.86 -23.47
C LYS B 162 -0.97 -47.42 -23.15
N LEU B 163 -1.63 -46.79 -22.17
CA LEU B 163 -1.47 -45.36 -21.92
C LEU B 163 -0.52 -45.04 -20.76
N GLY B 164 -0.23 -45.99 -19.88
CA GLY B 164 0.58 -45.69 -18.70
C GLY B 164 2.07 -45.57 -19.00
N MET B 165 2.75 -44.73 -18.22
CA MET B 165 4.16 -44.52 -18.49
C MET B 165 5.01 -45.71 -18.05
N ASN B 166 6.09 -45.96 -18.79
CA ASN B 166 7.07 -46.93 -18.33
C ASN B 166 7.73 -46.42 -17.05
N PRO B 167 8.01 -47.31 -16.10
CA PRO B 167 8.60 -46.89 -14.81
C PRO B 167 10.10 -46.60 -14.90
N ASN B 168 10.45 -45.53 -15.61
CA ASN B 168 11.83 -45.07 -15.74
C ASN B 168 11.81 -43.58 -16.06
N MET B 169 12.99 -42.95 -15.97
CA MET B 169 13.21 -41.58 -16.40
C MET B 169 14.44 -41.48 -17.31
N THR B 170 14.63 -42.48 -18.16
CA THR B 170 15.80 -42.54 -19.02
C THR B 170 15.90 -41.32 -19.93
N TYR B 171 14.78 -40.86 -20.47
CA TYR B 171 14.84 -39.78 -21.44
C TYR B 171 14.34 -38.46 -20.87
N ALA B 172 14.24 -38.38 -19.56
CA ALA B 172 13.90 -37.11 -18.93
C ALA B 172 15.08 -36.15 -19.05
N GLN B 173 14.76 -34.89 -19.40
CA GLN B 173 15.72 -33.79 -19.61
C GLN B 173 16.90 -34.20 -20.48
N ALA B 174 16.60 -34.91 -21.56
CA ALA B 174 17.60 -35.15 -22.59
C ALA B 174 18.02 -33.82 -23.23
N VAL B 175 19.21 -33.83 -23.83
CA VAL B 175 19.77 -32.65 -24.48
C VAL B 175 20.26 -33.04 -25.86
N PRO B 176 19.77 -32.42 -26.93
CA PRO B 176 20.23 -32.73 -28.27
C PRO B 176 21.74 -32.54 -28.40
N GLY B 177 22.42 -33.56 -28.94
CA GLY B 177 23.84 -33.50 -29.18
C GLY B 177 24.72 -33.82 -28.00
N MET B 178 24.17 -33.96 -26.79
CA MET B 178 25.00 -34.30 -25.64
C MET B 178 25.34 -35.78 -25.70
N LYS B 179 26.62 -36.12 -25.50
CA LYS B 179 26.99 -37.52 -25.69
C LYS B 179 26.83 -38.36 -24.43
N LYS B 180 27.00 -37.79 -23.23
CA LYS B 180 26.92 -38.60 -22.03
C LYS B 180 25.48 -38.67 -21.53
N MET B 181 25.17 -39.80 -20.91
CA MET B 181 23.97 -40.00 -20.12
C MET B 181 24.00 -39.12 -18.87
N ARG B 182 22.87 -38.50 -18.52
CA ARG B 182 22.74 -37.78 -17.27
C ARG B 182 21.51 -38.26 -16.54
N GLY B 183 21.53 -38.19 -15.21
CA GLY B 183 20.36 -38.44 -14.41
C GLY B 183 19.60 -37.18 -14.04
N SER B 184 20.01 -36.03 -14.58
CA SER B 184 19.49 -34.73 -14.11
C SER B 184 17.98 -34.62 -14.28
N GLY B 185 17.41 -35.30 -15.26
CA GLY B 185 15.99 -35.21 -15.49
C GLY B 185 15.14 -35.94 -14.49
N PHE B 186 15.75 -36.72 -13.59
CA PHE B 186 14.98 -37.42 -12.58
C PHE B 186 14.16 -36.46 -11.72
N ILE B 187 14.64 -35.24 -11.52
CA ILE B 187 13.95 -34.23 -10.73
C ILE B 187 12.55 -33.94 -11.29
N ASP B 188 12.32 -34.17 -12.58
CA ASP B 188 10.98 -34.11 -13.17
C ASP B 188 10.00 -35.05 -12.45
N SER B 189 10.48 -36.08 -11.74
CA SER B 189 9.56 -37.08 -11.19
C SER B 189 8.65 -36.53 -10.10
N ARG B 190 9.04 -35.42 -9.47
CA ARG B 190 8.29 -34.92 -8.33
C ARG B 190 6.86 -34.52 -8.70
N ARG B 191 6.62 -34.19 -9.96
CA ARG B 191 5.28 -33.78 -10.38
CA ARG B 191 5.28 -33.79 -10.39
C ARG B 191 4.32 -34.96 -10.39
N PHE B 192 4.80 -36.19 -10.61
CA PHE B 192 3.93 -37.35 -10.52
C PHE B 192 4.17 -38.23 -9.31
N SER B 193 5.29 -38.07 -8.59
CA SER B 193 5.51 -38.92 -7.42
C SER B 193 4.65 -38.50 -6.23
N ARG B 194 4.25 -37.22 -6.16
CA ARG B 194 3.26 -36.84 -5.16
C ARG B 194 1.91 -37.47 -5.46
N ALA B 195 1.55 -37.57 -6.74
CA ALA B 195 0.28 -38.19 -7.09
C ALA B 195 0.28 -39.67 -6.74
N LEU B 196 1.42 -40.33 -6.98
CA LEU B 196 1.60 -41.71 -6.54
C LEU B 196 1.37 -41.83 -5.04
N GLY B 197 1.91 -40.87 -4.28
CA GLY B 197 1.77 -40.91 -2.82
C GLY B 197 0.33 -40.76 -2.36
N VAL B 198 -0.43 -39.86 -3.00
CA VAL B 198 -1.83 -39.61 -2.62
C VAL B 198 -2.76 -40.77 -2.98
N ALA B 199 -2.37 -41.63 -3.94
CA ALA B 199 -3.18 -42.80 -4.25
C ALA B 199 -3.44 -43.65 -3.01
N LYS B 200 -2.53 -43.61 -2.04
CA LYS B 200 -2.79 -44.26 -0.76
C LYS B 200 -4.06 -43.74 -0.09
N LEU B 201 -4.41 -42.46 -0.29
CA LEU B 201 -5.59 -41.89 0.34
C LEU B 201 -6.90 -42.47 -0.18
N ILE B 202 -6.93 -43.03 -1.39
CA ILE B 202 -8.16 -43.59 -1.96
C ILE B 202 -8.22 -45.09 -1.80
N GLU B 203 -7.23 -45.70 -1.15
CA GLU B 203 -7.39 -47.09 -0.79
C GLU B 203 -8.59 -47.22 0.15
N GLY B 204 -9.42 -48.23 -0.10
CA GLY B 204 -10.64 -48.40 0.64
C GLY B 204 -11.87 -47.80 0.00
N SER B 205 -11.70 -46.89 -0.97
CA SER B 205 -12.85 -46.44 -1.75
C SER B 205 -13.36 -47.60 -2.59
N LYS B 206 -14.59 -47.47 -3.07
CA LYS B 206 -15.12 -48.52 -3.92
C LYS B 206 -14.48 -48.53 -5.30
N SER B 207 -14.05 -47.36 -5.79
CA SER B 207 -13.55 -47.24 -7.16
C SER B 207 -12.14 -47.81 -7.28
N TRP B 208 -11.33 -47.72 -6.23
CA TRP B 208 -9.95 -48.20 -6.27
C TRP B 208 -9.93 -49.65 -5.79
N THR B 209 -9.90 -50.58 -6.74
CA THR B 209 -10.09 -52.00 -6.48
C THR B 209 -8.78 -52.64 -6.03
N PRO B 210 -8.85 -53.85 -5.44
CA PRO B 210 -7.60 -54.57 -5.11
C PRO B 210 -6.72 -54.78 -6.32
N SER B 211 -7.32 -55.01 -7.48
CA SER B 211 -6.54 -55.15 -8.68
C SER B 211 -5.84 -53.84 -9.05
N ASP B 212 -6.53 -52.70 -8.90
CA ASP B 212 -5.91 -51.39 -9.15
C ASP B 212 -4.68 -51.16 -8.28
N LYS B 213 -4.85 -51.37 -6.97
CA LYS B 213 -3.73 -51.20 -6.04
C LYS B 213 -2.56 -52.09 -6.41
N LYS B 214 -2.85 -53.35 -6.77
CA LYS B 214 -1.81 -54.31 -7.10
C LYS B 214 -0.96 -53.82 -8.28
N LYS B 215 -1.62 -53.33 -9.33
CA LYS B 215 -0.89 -52.83 -10.50
C LYS B 215 -0.04 -51.62 -10.14
N LEU B 216 -0.58 -50.71 -9.32
CA LEU B 216 0.18 -49.51 -8.94
C LEU B 216 1.32 -49.88 -7.99
N ASP B 217 1.09 -50.84 -7.09
CA ASP B 217 2.17 -51.37 -6.25
C ASP B 217 3.30 -51.92 -7.12
N ASP B 218 2.96 -52.68 -8.17
CA ASP B 218 3.97 -53.24 -9.07
C ASP B 218 4.69 -52.15 -9.84
N TRP B 219 3.94 -51.16 -10.34
CA TRP B 219 4.58 -50.03 -11.02
C TRP B 219 5.55 -49.33 -10.09
N ALA B 220 5.09 -48.97 -8.89
CA ALA B 220 5.94 -48.27 -7.93
C ALA B 220 7.15 -49.12 -7.54
N THR B 221 6.98 -50.44 -7.41
CA THR B 221 8.13 -51.31 -7.13
C THR B 221 9.16 -51.25 -8.24
N ALA B 222 8.72 -51.28 -9.50
CA ALA B 222 9.64 -51.19 -10.64
C ALA B 222 10.27 -49.80 -10.75
N PHE B 223 9.51 -48.73 -10.49
CA PHE B 223 10.10 -47.40 -10.50
C PHE B 223 11.14 -47.26 -9.39
N CYS B 224 10.84 -47.81 -8.21
CA CYS B 224 11.81 -47.76 -7.12
C CYS B 224 13.08 -48.51 -7.50
N TYR B 225 12.94 -49.67 -8.14
CA TYR B 225 14.10 -50.44 -8.61
C TYR B 225 14.93 -49.61 -9.59
N TRP B 226 14.26 -48.97 -10.57
CA TRP B 226 14.97 -48.19 -11.57
C TRP B 226 15.74 -47.02 -10.93
N MET B 227 15.07 -46.25 -10.08
CA MET B 227 15.73 -45.08 -9.50
C MET B 227 16.88 -45.47 -8.57
N GLU B 228 16.84 -46.67 -7.99
CA GLU B 228 17.90 -47.10 -7.09
C GLU B 228 19.05 -47.78 -7.82
N ASN B 229 18.76 -48.51 -8.91
CA ASN B 229 19.79 -49.35 -9.53
C ASN B 229 20.27 -48.88 -10.90
N SER B 230 19.47 -48.10 -11.63
CA SER B 230 19.95 -47.62 -12.91
C SER B 230 21.12 -46.65 -12.71
N THR B 231 21.97 -46.57 -13.71
CA THR B 231 23.12 -45.67 -13.65
C THR B 231 22.67 -44.23 -13.45
N GLN B 232 21.62 -43.83 -14.17
CA GLN B 232 21.09 -42.48 -14.02
C GLN B 232 20.55 -42.23 -12.61
N GLY B 233 19.79 -43.18 -12.07
CA GLY B 233 19.34 -43.03 -10.69
C GLY B 233 20.49 -42.96 -9.69
N GLN B 234 21.50 -43.82 -9.84
CA GLN B 234 22.68 -43.79 -8.97
C GLN B 234 23.34 -42.41 -8.99
N ARG B 235 23.55 -41.87 -10.20
CA ARG B 235 24.18 -40.57 -10.36
C ARG B 235 23.39 -39.45 -9.69
N GLU B 236 22.08 -39.42 -9.93
CA GLU B 236 21.25 -38.40 -9.29
C GLU B 236 21.22 -38.55 -7.78
N SER B 237 21.27 -39.79 -7.27
CA SER B 237 21.35 -39.99 -5.82
C SER B 237 22.66 -39.46 -5.26
N HIS B 238 23.68 -39.25 -6.08
CA HIS B 238 24.95 -38.75 -5.57
C HIS B 238 25.12 -37.26 -5.80
N ALA B 239 24.14 -36.57 -6.37
CA ALA B 239 24.32 -35.16 -6.70
C ALA B 239 24.50 -34.30 -5.45
N ALA B 240 25.47 -33.38 -5.51
CA ALA B 240 25.88 -32.58 -4.36
C ALA B 240 25.08 -31.28 -4.20
N ASN B 241 24.01 -31.09 -4.96
CA ASN B 241 23.18 -29.89 -4.83
C ASN B 241 21.73 -30.30 -4.64
N ASN B 242 20.80 -29.39 -5.00
CA ASN B 242 19.39 -29.67 -4.75
C ASN B 242 18.87 -30.88 -5.51
N HIS B 243 19.56 -31.32 -6.59
CA HIS B 243 19.17 -32.55 -7.27
C HIS B 243 19.24 -33.75 -6.34
N GLY B 244 20.23 -33.77 -5.45
CA GLY B 244 20.35 -34.87 -4.50
C GLY B 244 19.26 -34.84 -3.45
N LEU B 245 18.89 -33.64 -3.00
CA LEU B 245 17.81 -33.46 -2.04
C LEU B 245 16.46 -33.85 -2.64
N TRP B 246 16.19 -33.41 -3.88
CA TRP B 246 14.95 -33.80 -4.54
C TRP B 246 14.92 -35.28 -4.85
N TYR B 247 16.08 -35.86 -5.21
CA TYR B 247 16.15 -37.31 -5.43
C TYR B 247 15.62 -38.07 -4.22
N GLU B 248 16.06 -37.68 -3.02
CA GLU B 248 15.62 -38.39 -1.83
C GLU B 248 14.18 -38.05 -1.44
N ALA B 249 13.71 -36.80 -1.67
CA ALA B 249 12.31 -36.49 -1.43
C ALA B 249 11.38 -37.35 -2.29
N ILE B 250 11.71 -37.48 -3.58
CA ILE B 250 11.00 -38.40 -4.47
C ILE B 250 11.14 -39.84 -3.98
N HIS B 251 12.37 -40.22 -3.60
CA HIS B 251 12.60 -41.56 -3.07
C HIS B 251 11.66 -41.83 -1.89
N LEU B 252 11.58 -40.90 -0.94
CA LEU B 252 10.72 -41.12 0.23
C LEU B 252 9.26 -41.25 -0.17
N MET B 253 8.82 -40.50 -1.18
CA MET B 253 7.45 -40.61 -1.65
C MET B 253 7.16 -42.01 -2.16
N VAL B 254 8.05 -42.56 -2.98
CA VAL B 254 7.89 -43.92 -3.50
C VAL B 254 7.92 -44.93 -2.36
N LEU B 255 8.87 -44.75 -1.44
CA LEU B 255 9.00 -45.69 -0.32
C LEU B 255 7.79 -45.63 0.61
N ALA B 256 7.27 -44.42 0.88
CA ALA B 256 6.08 -44.28 1.70
C ALA B 256 4.85 -44.91 1.03
N TYR B 257 4.70 -44.73 -0.29
CA TYR B 257 3.60 -45.40 -1.00
C TYR B 257 3.68 -46.91 -0.80
N LEU B 258 4.87 -47.47 -0.82
CA LEU B 258 5.09 -48.90 -0.63
C LEU B 258 5.17 -49.33 0.82
N ASP B 259 4.95 -48.44 1.79
CA ASP B 259 4.94 -48.80 3.22
C ASP B 259 6.28 -49.28 3.74
N ARG B 260 7.37 -48.86 3.11
CA ARG B 260 8.71 -49.27 3.55
C ARG B 260 9.25 -48.24 4.55
N THR B 261 8.67 -48.27 5.76
CA THR B 261 9.06 -47.29 6.77
C THR B 261 10.48 -47.52 7.25
N ASP B 262 10.95 -48.77 7.24
CA ASP B 262 12.33 -49.05 7.62
C ASP B 262 13.32 -48.40 6.66
N ARG B 263 13.02 -48.44 5.34
CA ARG B 263 13.88 -47.76 4.37
C ARG B 263 13.79 -46.23 4.49
N ILE B 264 12.61 -45.71 4.82
CA ILE B 264 12.46 -44.27 5.03
C ILE B 264 13.42 -43.79 6.11
N ARG B 265 13.43 -44.50 7.24
CA ARG B 265 14.37 -44.20 8.32
C ARG B 265 15.81 -44.28 7.82
N GLU B 266 16.14 -45.34 7.07
CA GLU B 266 17.52 -45.46 6.59
C GLU B 266 17.88 -44.35 5.61
N VAL B 267 16.96 -44.00 4.70
CA VAL B 267 17.26 -42.93 3.76
C VAL B 267 17.44 -41.60 4.50
N ALA B 268 16.63 -41.35 5.52
CA ALA B 268 16.72 -40.09 6.24
C ALA B 268 18.05 -39.97 6.95
N GLU B 269 18.43 -41.02 7.66
CA GLU B 269 19.64 -41.00 8.49
C GLU B 269 20.91 -41.18 7.67
N GLN B 270 20.88 -41.94 6.59
CA GLN B 270 22.12 -42.24 5.89
C GLN B 270 22.29 -41.44 4.61
N SER B 271 21.23 -40.82 4.09
CA SER B 271 21.41 -40.04 2.88
C SER B 271 20.94 -38.59 3.01
N ILE B 272 19.70 -38.36 3.46
CA ILE B 272 19.17 -36.99 3.47
C ILE B 272 19.94 -36.11 4.43
N LEU B 273 20.02 -36.51 5.70
CA LEU B 273 20.70 -35.66 6.68
C LEU B 273 22.18 -35.47 6.34
N PRO B 274 22.96 -36.51 5.99
CA PRO B 274 24.33 -36.23 5.53
C PRO B 274 24.39 -35.33 4.31
N LYS B 275 23.49 -35.47 3.34
CA LYS B 275 23.51 -34.55 2.19
C LYS B 275 23.23 -33.12 2.62
N MET B 276 22.17 -32.92 3.42
CA MET B 276 21.85 -31.58 3.90
C MET B 276 23.02 -30.97 4.65
N GLY B 277 23.71 -31.77 5.47
CA GLY B 277 24.82 -31.24 6.23
C GLY B 277 26.03 -30.88 5.39
N ALA B 278 26.26 -31.62 4.30
CA ALA B 278 27.38 -31.30 3.41
C ALA B 278 27.11 -30.06 2.55
N GLN B 279 25.85 -29.67 2.38
CA GLN B 279 25.48 -28.56 1.50
C GLN B 279 25.38 -27.22 2.22
N ILE B 280 25.38 -27.21 3.55
CA ILE B 280 25.25 -25.98 4.33
C ILE B 280 26.61 -25.48 4.74
N ALA B 281 26.93 -24.24 4.38
CA ALA B 281 28.18 -23.62 4.79
C ALA B 281 28.06 -23.07 6.21
N ASP B 282 29.15 -22.51 6.72
CA ASP B 282 29.18 -22.07 8.12
C ASP B 282 28.17 -20.94 8.41
N ASP B 283 27.89 -20.07 7.45
CA ASP B 283 26.92 -18.99 7.66
C ASP B 283 25.49 -19.39 7.31
N GLY B 284 25.24 -20.68 7.04
CA GLY B 284 23.93 -21.14 6.69
C GLY B 284 23.59 -21.07 5.22
N SER B 285 24.46 -20.52 4.39
CA SER B 285 24.20 -20.46 2.96
C SER B 285 24.40 -21.82 2.30
N LEU B 286 23.82 -21.97 1.10
CA LEU B 286 23.97 -23.18 0.30
C LEU B 286 24.88 -22.84 -0.89
N PRO B 287 26.20 -23.06 -0.77
CA PRO B 287 27.12 -22.61 -1.84
C PRO B 287 26.79 -23.16 -3.21
N GLN B 288 26.32 -24.40 -3.30
CA GLN B 288 25.99 -24.96 -4.61
C GLN B 288 24.86 -24.17 -5.27
N GLU B 289 23.91 -23.64 -4.48
CA GLU B 289 22.84 -22.87 -5.08
C GLU B 289 23.24 -21.43 -5.35
N LEU B 290 24.17 -20.89 -4.54
CA LEU B 290 24.64 -19.52 -4.75
C LEU B 290 25.37 -19.32 -6.06
N LYS B 291 25.92 -20.37 -6.66
CA LYS B 291 26.57 -20.17 -7.95
C LYS B 291 25.60 -20.20 -9.13
N ARG B 292 24.30 -20.29 -8.88
CA ARG B 292 23.33 -20.33 -9.96
C ARG B 292 22.87 -18.91 -10.32
N THR B 293 22.38 -18.76 -11.55
CA THR B 293 21.84 -17.48 -11.97
C THR B 293 20.51 -17.17 -11.30
N LEU B 294 19.85 -18.19 -10.74
CA LEU B 294 18.65 -17.98 -9.95
C LEU B 294 18.89 -18.49 -8.52
N SER B 295 19.83 -17.84 -7.83
CA SER B 295 20.38 -18.41 -6.61
C SER B 295 19.43 -18.32 -5.43
N LEU B 296 18.57 -17.27 -5.37
CA LEU B 296 17.58 -17.23 -4.30
C LEU B 296 16.48 -18.26 -4.55
N HIS B 297 16.11 -18.46 -5.81
CA HIS B 297 15.15 -19.50 -6.16
C HIS B 297 15.69 -20.89 -5.83
N TYR B 298 16.95 -21.17 -6.21
CA TYR B 298 17.47 -22.50 -5.99
C TYR B 298 17.85 -22.75 -4.53
N SER B 299 18.21 -21.70 -3.78
CA SER B 299 18.33 -21.85 -2.34
C SER B 299 16.99 -22.29 -1.74
N THR B 300 15.90 -21.66 -2.17
CA THR B 300 14.55 -22.03 -1.72
C THR B 300 14.14 -23.40 -2.22
N PHE B 301 14.48 -23.73 -3.48
CA PHE B 301 14.11 -25.01 -4.07
C PHE B 301 14.80 -26.16 -3.34
N ALA B 302 16.06 -25.97 -2.91
CA ALA B 302 16.74 -26.97 -2.11
C ALA B 302 16.00 -27.22 -0.80
N LEU B 303 15.59 -26.14 -0.13
CA LEU B 303 14.87 -26.31 1.14
C LEU B 303 13.47 -26.86 0.93
N GLU B 304 12.87 -26.62 -0.23
CA GLU B 304 11.55 -27.21 -0.51
C GLU B 304 11.64 -28.72 -0.65
N ALA B 305 12.73 -29.22 -1.22
CA ALA B 305 12.95 -30.66 -1.26
C ALA B 305 13.01 -31.22 0.16
N LEU B 306 13.74 -30.54 1.05
CA LEU B 306 13.83 -31.01 2.44
C LEU B 306 12.49 -30.89 3.14
N MET B 307 11.73 -29.84 2.83
CA MET B 307 10.40 -29.67 3.40
C MET B 307 9.48 -30.83 3.03
N GLU B 308 9.46 -31.24 1.75
CA GLU B 308 8.59 -32.34 1.36
C GLU B 308 9.13 -33.68 1.89
N ALA B 309 10.47 -33.83 1.92
CA ALA B 309 11.04 -35.00 2.58
C ALA B 309 10.63 -35.06 4.05
N ASN B 310 10.66 -33.92 4.76
CA ASN B 310 10.29 -33.90 6.18
C ASN B 310 8.81 -34.20 6.41
N GLN B 311 7.91 -33.81 5.49
CA GLN B 311 6.50 -34.15 5.66
C GLN B 311 6.32 -35.66 5.84
N ILE B 312 7.16 -36.45 5.19
CA ILE B 312 7.10 -37.91 5.30
C ILE B 312 7.89 -38.42 6.51
N THR B 313 9.15 -37.99 6.69
CA THR B 313 9.92 -38.53 7.82
C THR B 313 9.29 -38.18 9.15
N SER B 314 8.75 -36.96 9.28
CA SER B 314 8.14 -36.57 10.55
C SER B 314 6.88 -37.37 10.86
N GLN B 315 6.29 -38.04 9.87
CA GLN B 315 5.17 -38.93 10.16
C GLN B 315 5.62 -40.22 10.83
N ILE B 316 6.93 -40.52 10.84
CA ILE B 316 7.49 -41.62 11.61
C ILE B 316 8.48 -41.11 12.66
N GLY B 317 8.40 -39.84 13.03
CA GLY B 317 9.15 -39.30 14.15
C GLY B 317 10.53 -38.74 13.85
N ILE B 318 10.88 -38.48 12.59
CA ILE B 318 12.20 -37.92 12.27
C ILE B 318 11.99 -36.51 11.74
N ASN B 319 12.49 -35.53 12.48
CA ASN B 319 12.34 -34.11 12.17
C ASN B 319 13.62 -33.65 11.45
N LEU B 320 13.53 -33.41 10.14
CA LEU B 320 14.70 -33.05 9.35
C LEU B 320 15.13 -31.59 9.55
N TRP B 321 14.26 -30.74 10.05
CA TRP B 321 14.61 -29.34 10.25
C TRP B 321 15.51 -29.15 11.46
N SER B 322 15.34 -29.97 12.50
CA SER B 322 16.04 -29.79 13.76
C SER B 322 17.07 -30.87 14.08
N THR B 323 17.09 -31.98 13.34
CA THR B 323 18.06 -33.04 13.60
C THR B 323 19.40 -32.69 12.98
N PRO B 324 20.47 -32.54 13.77
CA PRO B 324 21.77 -32.21 13.18
C PRO B 324 22.34 -33.37 12.41
N ALA B 325 23.08 -33.04 11.37
CA ALA B 325 23.86 -34.03 10.68
C ALA B 325 25.07 -34.39 11.53
N SER B 326 25.78 -35.39 11.00
CA SER B 326 27.03 -35.89 11.51
C SER B 326 28.06 -34.80 11.76
N ASN B 327 28.04 -33.77 10.93
CA ASN B 327 29.04 -32.72 10.97
C ASN B 327 28.60 -31.52 11.79
N GLY B 328 27.51 -31.63 12.53
CA GLY B 328 27.00 -30.55 13.34
C GLY B 328 26.09 -29.55 12.63
N LYS B 329 26.02 -29.58 11.30
CA LYS B 329 25.12 -28.71 10.56
C LYS B 329 23.68 -29.20 10.70
N VAL B 330 22.74 -28.25 10.71
CA VAL B 330 21.32 -28.54 10.86
C VAL B 330 20.54 -27.62 9.91
N ALA B 331 19.48 -28.16 9.31
CA ALA B 331 18.77 -27.45 8.24
C ALA B 331 18.18 -26.12 8.71
N SER B 332 17.82 -26.00 9.99
CA SER B 332 17.39 -24.71 10.53
C SER B 332 18.39 -23.60 10.25
N GLN B 333 19.68 -23.92 10.19
CA GLN B 333 20.69 -22.89 9.90
C GLN B 333 20.51 -22.30 8.51
N ALA B 334 20.03 -23.09 7.56
CA ALA B 334 19.83 -22.59 6.20
C ALA B 334 18.59 -21.71 6.13
N VAL B 335 17.52 -22.06 6.85
CA VAL B 335 16.36 -21.17 6.93
C VAL B 335 16.75 -19.85 7.55
N ASP B 336 17.59 -19.91 8.60
CA ASP B 336 18.01 -18.70 9.29
C ASP B 336 18.78 -17.78 8.36
N TYR B 337 19.68 -18.33 7.55
CA TYR B 337 20.37 -17.50 6.58
C TYR B 337 19.41 -16.85 5.59
N LEU B 338 18.40 -17.60 5.13
CA LEU B 338 17.54 -17.07 4.06
C LEU B 338 16.44 -16.16 4.57
N TYR B 339 16.08 -16.27 5.85
CA TYR B 339 14.93 -15.55 6.39
C TYR B 339 14.92 -14.06 6.08
N PRO B 340 15.98 -13.28 6.32
CA PRO B 340 15.90 -11.84 6.01
C PRO B 340 15.62 -11.56 4.54
N PHE B 341 16.13 -12.40 3.64
CA PHE B 341 15.86 -12.21 2.21
C PHE B 341 14.45 -12.62 1.86
N TYR B 342 13.81 -13.47 2.65
CA TYR B 342 12.38 -13.69 2.48
C TYR B 342 11.57 -12.46 2.93
N LEU B 343 12.05 -11.74 3.95
CA LEU B 343 11.41 -10.48 4.32
C LEU B 343 11.57 -9.43 3.22
N ASN B 344 12.79 -9.30 2.68
CA ASN B 344 13.11 -8.30 1.67
C ASN B 344 13.91 -8.97 0.56
N PRO B 345 13.25 -9.60 -0.43
CA PRO B 345 14.01 -10.25 -1.51
C PRO B 345 14.93 -9.31 -2.27
N GLU B 346 14.60 -8.01 -2.31
CA GLU B 346 15.45 -7.06 -3.00
C GLU B 346 16.82 -6.94 -2.36
N ASP B 347 16.96 -7.36 -1.11
CA ASP B 347 18.27 -7.33 -0.46
C ASP B 347 19.19 -8.47 -0.90
N TRP B 348 18.70 -9.43 -1.68
CA TRP B 348 19.52 -10.58 -2.08
C TRP B 348 20.72 -10.12 -2.90
N LYS B 349 21.91 -10.61 -2.51
CA LYS B 349 23.19 -10.12 -3.04
C LYS B 349 23.81 -11.05 -4.07
N PHE B 350 23.16 -12.15 -4.46
CA PHE B 350 23.72 -13.03 -5.46
C PHE B 350 22.85 -13.02 -6.71
N LYS B 351 23.33 -13.65 -7.76
CA LYS B 351 22.70 -13.54 -9.05
C LYS B 351 21.28 -14.10 -9.00
N GLN B 352 20.33 -13.31 -9.50
CA GLN B 352 18.91 -13.70 -9.56
C GLN B 352 18.31 -12.91 -10.73
N ILE B 353 18.33 -13.54 -11.91
CA ILE B 353 18.07 -12.87 -13.19
C ILE B 353 16.59 -12.90 -13.56
N LYS B 354 15.76 -13.33 -12.62
CA LYS B 354 14.32 -13.18 -12.71
C LYS B 354 13.87 -12.82 -11.31
N PRO B 355 12.74 -12.13 -11.16
CA PRO B 355 12.27 -11.76 -9.81
C PRO B 355 11.94 -13.00 -8.98
N PHE B 356 12.27 -12.93 -7.69
CA PHE B 356 11.95 -14.01 -6.77
C PHE B 356 10.51 -13.85 -6.27
N ASP B 357 9.76 -14.94 -6.34
CA ASP B 357 8.37 -14.97 -5.88
C ASP B 357 8.34 -15.14 -4.36
N GLN B 358 8.11 -14.05 -3.63
CA GLN B 358 8.13 -14.11 -2.17
C GLN B 358 7.13 -15.14 -1.63
N SER B 359 6.00 -15.35 -2.32
CA SER B 359 4.95 -16.22 -1.79
C SER B 359 5.39 -17.67 -1.62
N ARG B 360 6.51 -18.08 -2.25
CA ARG B 360 7.02 -19.41 -2.00
C ARG B 360 7.62 -19.56 -0.60
N ALA B 361 7.93 -18.43 0.06
CA ALA B 361 8.38 -18.50 1.43
C ALA B 361 7.26 -18.86 2.40
N ALA B 362 5.99 -18.71 1.99
CA ALA B 362 4.89 -18.85 2.94
C ALA B 362 4.80 -20.27 3.50
N ILE B 363 4.62 -21.25 2.63
CA ILE B 363 4.50 -22.63 3.12
C ILE B 363 5.81 -23.09 3.72
N LEU B 364 6.93 -22.70 3.11
CA LEU B 364 8.23 -23.14 3.61
C LEU B 364 8.46 -22.70 5.05
N LEU B 365 8.24 -21.41 5.33
CA LEU B 365 8.46 -20.91 6.68
C LEU B 365 7.42 -21.46 7.65
N TYR B 366 6.20 -21.75 7.19
CA TYR B 366 5.25 -22.39 8.07
C TYR B 366 5.72 -23.78 8.45
N GLU B 367 6.11 -24.58 7.45
CA GLU B 367 6.63 -25.91 7.70
C GLU B 367 7.84 -25.89 8.64
N ALA B 368 8.87 -25.13 8.27
CA ALA B 368 10.06 -25.06 9.12
C ALA B 368 9.74 -24.43 10.47
N GLY B 369 8.87 -23.41 10.48
CA GLY B 369 8.55 -22.75 11.73
C GLY B 369 7.87 -23.68 12.71
N THR B 370 6.89 -24.45 12.21
CA THR B 370 6.17 -25.39 13.05
C THR B 370 7.08 -26.52 13.53
N ALA B 371 7.94 -27.02 12.65
CA ALA B 371 8.83 -28.10 13.08
C ALA B 371 9.83 -27.62 14.11
N LEU B 372 10.23 -26.35 14.05
CA LEU B 372 11.26 -25.82 14.92
C LEU B 372 10.72 -25.08 16.15
N GLY B 373 9.41 -24.95 16.28
CA GLY B 373 8.86 -24.12 17.34
C GLY B 373 9.28 -22.67 17.24
N ASN B 374 9.50 -22.16 16.04
CA ASN B 374 10.00 -20.80 15.85
C ASN B 374 8.81 -19.91 15.47
N GLN B 375 8.29 -19.18 16.46
CA GLN B 375 7.08 -18.41 16.25
C GLN B 375 7.30 -17.26 15.29
N LYS B 376 8.52 -16.76 15.19
CA LYS B 376 8.80 -15.69 14.24
C LYS B 376 8.59 -16.16 12.81
N TYR B 377 9.04 -17.38 12.51
CA TYR B 377 8.87 -17.97 11.18
C TYR B 377 7.40 -18.17 10.85
N VAL B 378 6.62 -18.72 11.79
CA VAL B 378 5.19 -18.96 11.55
C VAL B 378 4.46 -17.64 11.36
N ASP B 379 4.83 -16.62 12.14
CA ASP B 379 4.18 -15.32 12.02
C ASP B 379 4.41 -14.72 10.64
N THR B 380 5.65 -14.75 10.16
CA THR B 380 5.93 -14.23 8.82
C THR B 380 5.22 -15.04 7.75
N ALA B 381 5.15 -16.38 7.92
CA ALA B 381 4.42 -17.23 6.99
C ALA B 381 2.98 -16.77 6.84
N LYS B 382 2.32 -16.47 7.97
CA LYS B 382 0.94 -15.99 7.90
C LYS B 382 0.86 -14.55 7.37
N ARG B 383 1.86 -13.72 7.69
CA ARG B 383 1.88 -12.34 7.18
C ARG B 383 2.04 -12.33 5.66
N ILE B 384 3.01 -13.08 5.14
CA ILE B 384 3.13 -13.25 3.70
C ILE B 384 1.85 -13.86 3.14
N GLY B 385 1.42 -14.99 3.70
CA GLY B 385 0.12 -15.57 3.40
C GLY B 385 -0.07 -16.24 2.06
N LEU B 386 -1.21 -16.90 1.90
CA LEU B 386 -1.67 -17.43 0.62
C LEU B 386 -3.08 -16.91 0.39
N LYS B 387 -3.46 -16.76 -0.86
CA LYS B 387 -4.79 -16.23 -1.16
C LYS B 387 -5.85 -17.25 -0.81
N TYR B 388 -6.87 -16.80 -0.08
CA TYR B 388 -7.93 -17.70 0.38
C TYR B 388 -8.54 -18.50 -0.77
N SER B 389 -8.76 -17.88 -1.92
CA SER B 389 -9.51 -18.52 -2.98
C SER B 389 -8.61 -19.13 -4.08
N THR B 390 -7.30 -19.23 -3.83
CA THR B 390 -6.42 -19.72 -4.87
C THR B 390 -6.76 -21.15 -5.25
N SER B 391 -6.53 -21.48 -6.52
CA SER B 391 -6.77 -22.84 -6.99
C SER B 391 -5.49 -23.67 -7.04
N ASP B 392 -4.35 -23.13 -6.60
CA ASP B 392 -3.11 -23.91 -6.55
C ASP B 392 -3.26 -25.11 -5.62
N VAL B 393 -3.18 -26.32 -6.19
CA VAL B 393 -3.52 -27.52 -5.42
C VAL B 393 -2.57 -27.73 -4.26
N GLU B 394 -1.31 -27.28 -4.40
CA GLU B 394 -0.37 -27.52 -3.31
C GLU B 394 -0.79 -26.81 -2.02
N THR B 395 -1.60 -25.75 -2.11
CA THR B 395 -2.00 -24.98 -0.93
C THR B 395 -3.22 -25.55 -0.22
N ILE B 396 -3.82 -26.62 -0.73
CA ILE B 396 -5.08 -27.12 -0.15
C ILE B 396 -4.98 -27.36 1.36
N PRO B 397 -3.94 -28.02 1.89
CA PRO B 397 -3.89 -28.23 3.34
C PRO B 397 -3.71 -26.96 4.16
N TYR B 398 -3.46 -25.81 3.54
CA TYR B 398 -3.01 -24.64 4.31
C TYR B 398 -4.07 -23.57 4.50
N LEU B 399 -5.27 -23.95 4.92
CA LEU B 399 -6.23 -22.97 5.43
C LEU B 399 -5.59 -22.06 6.48
N VAL B 400 -4.66 -22.59 7.29
CA VAL B 400 -4.02 -21.77 8.33
C VAL B 400 -3.27 -20.59 7.75
N LEU B 401 -2.85 -20.64 6.51
CA LEU B 401 -2.17 -19.50 5.91
C LEU B 401 -3.11 -18.60 5.12
N LYS B 402 -4.38 -18.95 4.98
CA LYS B 402 -5.23 -18.22 4.04
C LYS B 402 -6.21 -17.23 4.69
N SER C 23 -35.75 -13.64 19.64
CA SER C 23 -35.55 -12.25 19.21
C SER C 23 -34.99 -11.38 20.31
N ALA C 24 -34.03 -10.54 19.94
CA ALA C 24 -33.41 -9.66 20.92
C ALA C 24 -34.44 -8.64 21.40
N PRO C 25 -34.31 -8.16 22.64
CA PRO C 25 -35.17 -7.06 23.09
C PRO C 25 -35.00 -5.84 22.21
N LEU C 26 -36.09 -5.09 22.09
CA LEU C 26 -36.06 -3.83 21.36
C LEU C 26 -35.05 -2.89 22.00
N GLY C 27 -34.13 -2.34 21.20
CA GLY C 27 -33.08 -1.50 21.74
C GLY C 27 -32.16 -0.89 20.70
N PRO C 28 -31.17 -0.11 21.16
CA PRO C 28 -30.35 0.70 20.24
C PRO C 28 -29.10 -0.03 19.74
N PHE C 29 -29.34 -0.95 18.80
CA PHE C 29 -28.32 -1.84 18.26
C PHE C 29 -28.92 -2.52 17.05
N ASN C 30 -28.04 -3.07 16.21
CA ASN C 30 -28.49 -3.90 15.10
C ASN C 30 -28.94 -5.24 15.68
N ALA C 31 -30.25 -5.41 15.82
CA ALA C 31 -30.75 -6.61 16.49
C ALA C 31 -30.45 -7.86 15.68
N THR C 32 -30.45 -7.75 14.35
CA THR C 32 -30.11 -8.91 13.51
C THR C 32 -28.71 -9.41 13.82
N LEU C 33 -27.73 -8.48 13.89
CA LEU C 33 -26.35 -8.88 14.17
C LEU C 33 -26.17 -9.35 15.61
N LEU C 34 -26.89 -8.75 16.56
CA LEU C 34 -26.75 -9.15 17.95
C LEU C 34 -27.26 -10.57 18.17
N GLU C 35 -28.45 -10.89 17.62
CA GLU C 35 -29.02 -12.22 17.76
C GLU C 35 -28.12 -13.30 17.17
N GLN C 36 -27.58 -13.03 15.98
CA GLN C 36 -26.73 -14.02 15.33
C GLN C 36 -25.43 -14.24 16.11
N LEU C 37 -24.85 -13.18 16.67
CA LEU C 37 -23.69 -13.36 17.54
C LEU C 37 -24.03 -14.23 18.74
N LYS C 38 -25.18 -13.98 19.37
CA LYS C 38 -25.56 -14.75 20.55
C LYS C 38 -25.78 -16.20 20.19
N ASN C 39 -26.52 -16.45 19.12
CA ASN C 39 -26.86 -17.83 18.75
C ASN C 39 -25.61 -18.59 18.29
N ASP C 40 -24.74 -17.93 17.53
CA ASP C 40 -23.47 -18.57 17.15
C ASP C 40 -22.61 -18.86 18.37
N TYR C 41 -22.49 -17.90 19.31
CA TYR C 41 -21.71 -18.14 20.52
C TYR C 41 -22.29 -19.29 21.34
N GLN C 42 -23.63 -19.42 21.37
CA GLN C 42 -24.24 -20.49 22.16
C GLN C 42 -24.09 -21.83 21.47
N LYS C 43 -23.92 -21.85 20.16
CA LYS C 43 -23.62 -23.08 19.42
C LYS C 43 -22.14 -23.42 19.43
N GLY C 44 -21.30 -22.64 20.13
CA GLY C 44 -19.89 -22.96 20.18
C GLY C 44 -19.19 -22.76 18.87
N GLU C 45 -19.79 -21.96 17.98
CA GLU C 45 -19.18 -21.66 16.68
C GLU C 45 -17.81 -21.03 16.88
N LYS C 46 -16.83 -21.58 16.17
CA LYS C 46 -15.43 -21.32 16.50
C LYS C 46 -15.06 -19.86 16.21
N GLU C 47 -15.39 -19.35 15.00
CA GLU C 47 -15.04 -17.99 14.63
C GLU C 47 -15.64 -16.96 15.59
N VAL C 48 -16.92 -17.12 15.92
CA VAL C 48 -17.61 -16.19 16.79
C VAL C 48 -17.05 -16.27 18.21
N THR C 49 -16.82 -17.49 18.71
CA THR C 49 -16.34 -17.71 20.08
C THR C 49 -15.03 -16.95 20.33
N ARG C 50 -14.10 -16.98 19.37
CA ARG C 50 -12.82 -16.28 19.51
C ARG C 50 -13.03 -14.78 19.55
N TYR C 51 -13.89 -14.27 18.67
CA TYR C 51 -14.22 -12.85 18.66
C TYR C 51 -14.74 -12.39 20.01
N ILE C 52 -15.70 -13.15 20.56
CA ILE C 52 -16.29 -12.80 21.83
C ILE C 52 -15.27 -12.93 22.95
N GLU C 53 -14.34 -13.89 22.84
CA GLU C 53 -13.29 -14.00 23.87
C GLU C 53 -12.42 -12.76 23.86
N LEU C 54 -12.11 -12.23 22.68
CA LEU C 54 -11.42 -10.95 22.58
C LEU C 54 -12.25 -9.82 23.18
N GLN C 55 -13.54 -9.75 22.83
CA GLN C 55 -14.40 -8.73 23.44
C GLN C 55 -14.39 -8.83 24.97
N GLU C 56 -14.27 -10.04 25.51
CA GLU C 56 -14.25 -10.20 26.96
C GLU C 56 -12.92 -9.71 27.55
N LYS C 57 -11.81 -9.93 26.85
CA LYS C 57 -10.54 -9.35 27.28
C LYS C 57 -10.62 -7.82 27.27
N VAL C 58 -11.18 -7.26 26.19
CA VAL C 58 -11.41 -5.82 26.13
C VAL C 58 -12.34 -5.36 27.25
N ALA C 59 -13.37 -6.16 27.56
CA ALA C 59 -14.34 -5.73 28.55
C ALA C 59 -13.82 -5.73 29.98
N GLU C 60 -12.66 -6.33 30.25
CA GLU C 60 -12.17 -6.44 31.64
C GLU C 60 -12.05 -5.09 32.31
N LYS C 61 -11.52 -4.09 31.59
CA LYS C 61 -11.34 -2.77 32.20
C LYS C 61 -12.66 -2.19 32.71
N TYR C 62 -13.78 -2.55 32.08
CA TYR C 62 -15.06 -2.04 32.53
C TYR C 62 -15.56 -2.75 33.78
N ILE C 63 -15.22 -4.02 33.95
CA ILE C 63 -15.55 -4.73 35.18
C ILE C 63 -14.83 -4.08 36.35
N LYS C 64 -13.59 -3.64 36.14
CA LYS C 64 -12.77 -3.03 37.18
C LYS C 64 -13.05 -1.54 37.35
N MET C 65 -13.60 -0.86 36.35
CA MET C 65 -13.68 0.59 36.38
C MET C 65 -14.70 1.09 37.40
N THR C 66 -14.31 2.12 38.15
CA THR C 66 -15.21 2.69 39.14
C THR C 66 -16.37 3.39 38.44
N PRO C 67 -17.62 3.13 38.83
CA PRO C 67 -18.75 3.83 38.20
C PRO C 67 -18.65 5.34 38.36
N LEU C 68 -18.91 6.05 37.27
CA LEU C 68 -18.84 7.51 37.20
C LEU C 68 -20.19 8.12 37.52
N SER C 69 -20.17 9.41 37.86
CA SER C 69 -21.37 10.15 38.22
C SER C 69 -21.23 11.61 37.79
N VAL C 70 -22.36 12.18 37.34
CA VAL C 70 -22.41 13.56 36.89
C VAL C 70 -22.08 14.55 38.03
N THR C 71 -22.16 14.11 39.28
CA THR C 71 -21.86 14.95 40.43
C THR C 71 -20.36 15.15 40.67
N ALA C 72 -19.49 14.49 39.92
CA ALA C 72 -18.06 14.61 40.16
C ALA C 72 -17.50 15.87 39.48
N LYS C 73 -18.02 17.02 39.89
CA LYS C 73 -17.56 18.32 39.40
C LYS C 73 -17.42 19.29 40.56
N LYS C 74 -16.52 20.27 40.39
CA LYS C 74 -16.34 21.35 41.36
C LYS C 74 -17.26 22.53 41.05
N LYS C 75 -17.21 23.01 39.82
CA LYS C 75 -18.02 24.15 39.39
C LYS C 75 -19.48 23.70 39.24
N LEU C 76 -20.37 24.20 40.11
CA LEU C 76 -21.75 23.77 40.11
C LEU C 76 -22.53 24.53 39.04
N PRO C 77 -23.65 23.98 38.57
CA PRO C 77 -24.46 24.70 37.58
C PRO C 77 -25.28 25.79 38.23
N PRO C 78 -25.92 26.66 37.44
CA PRO C 78 -26.69 27.76 38.05
C PRO C 78 -27.79 27.31 38.97
N SER C 79 -28.23 26.05 38.89
CA SER C 79 -29.20 25.49 39.83
C SER C 79 -28.60 25.20 41.21
N LYS C 80 -27.28 25.21 41.33
CA LYS C 80 -26.53 24.81 42.51
C LYS C 80 -26.63 23.31 42.78
N ASP C 81 -27.09 22.52 41.81
CA ASP C 81 -27.31 21.10 42.02
C ASP C 81 -26.25 20.31 41.27
N PRO C 82 -25.35 19.60 41.96
CA PRO C 82 -24.35 18.80 41.23
C PRO C 82 -24.94 17.67 40.39
N ARG C 83 -26.20 17.29 40.61
CA ARG C 83 -26.83 16.24 39.80
C ARG C 83 -27.38 16.76 38.47
N ASP C 84 -27.27 18.07 38.22
CA ASP C 84 -27.61 18.63 36.91
C ASP C 84 -26.40 18.51 35.98
N TYR C 85 -26.61 17.84 34.85
CA TYR C 85 -25.63 17.79 33.77
C TYR C 85 -25.34 19.18 33.20
N MET C 86 -24.06 19.53 33.07
CA MET C 86 -23.70 20.81 32.47
C MET C 86 -22.42 20.68 31.66
N THR C 87 -22.46 21.16 30.43
CA THR C 87 -21.29 21.20 29.58
C THR C 87 -21.24 22.55 28.88
N LEU C 88 -20.08 22.85 28.33
CA LEU C 88 -19.89 24.05 27.53
C LEU C 88 -20.09 23.69 26.07
N SER C 89 -20.85 24.53 25.35
CA SER C 89 -21.06 24.28 23.92
C SER C 89 -19.72 24.38 23.19
N PRO C 90 -19.34 23.36 22.40
CA PRO C 90 -17.91 23.18 22.10
C PRO C 90 -17.30 24.26 21.22
N TYR C 91 -18.10 24.99 20.43
CA TYR C 91 -17.56 25.92 19.44
C TYR C 91 -17.57 27.37 19.93
N TRP C 92 -17.74 27.59 21.23
CA TRP C 92 -17.84 28.92 21.79
C TRP C 92 -16.60 29.23 22.62
N TRP C 93 -16.01 30.41 22.40
CA TRP C 93 -14.71 30.80 22.90
C TRP C 93 -14.77 32.15 23.58
N PRO C 94 -13.90 32.42 24.55
CA PRO C 94 -13.81 33.79 25.08
C PRO C 94 -13.46 34.76 23.96
N ASP C 95 -13.99 35.98 24.08
CA ASP C 95 -13.70 37.06 23.13
C ASP C 95 -12.51 37.83 23.67
N SER C 96 -11.35 37.69 23.02
CA SER C 96 -10.12 38.32 23.49
C SER C 96 -10.18 39.84 23.44
N THR C 97 -11.08 40.41 22.63
CA THR C 97 -11.26 41.87 22.60
C THR C 97 -12.13 42.39 23.75
N LYS C 98 -12.68 41.51 24.58
CA LYS C 98 -13.43 41.91 25.76
C LYS C 98 -12.61 41.67 27.01
N ILE C 99 -12.74 42.59 27.97
CA ILE C 99 -11.86 42.57 29.13
C ILE C 99 -12.01 41.28 29.93
N ASP C 100 -13.24 40.79 30.07
CA ASP C 100 -13.49 39.53 30.77
C ASP C 100 -13.82 38.37 29.84
N GLY C 101 -13.67 38.56 28.52
CA GLY C 101 -13.94 37.52 27.54
C GLY C 101 -15.39 37.32 27.17
N LEU C 102 -16.32 38.09 27.73
CA LEU C 102 -17.76 37.91 27.57
C LEU C 102 -18.37 38.94 26.63
N PRO C 103 -19.37 38.55 25.83
CA PRO C 103 -19.91 37.17 25.70
C PRO C 103 -19.02 36.30 24.84
N TYR C 104 -19.06 34.98 25.04
CA TYR C 104 -18.32 34.08 24.17
C TYR C 104 -18.78 34.24 22.72
N ILE C 105 -17.87 33.89 21.80
CA ILE C 105 -18.13 33.97 20.37
C ILE C 105 -17.94 32.58 19.79
N ARG C 106 -18.58 32.35 18.65
CA ARG C 106 -18.65 31.04 18.05
C ARG C 106 -17.61 30.88 16.95
N LYS C 107 -16.85 29.80 16.99
CA LYS C 107 -15.96 29.46 15.87
C LYS C 107 -16.29 28.03 15.45
N ASP C 108 -17.19 27.93 14.47
CA ASP C 108 -17.75 26.65 14.05
C ASP C 108 -16.63 25.69 13.69
N GLY C 109 -16.70 24.49 14.24
CA GLY C 109 -15.74 23.46 13.92
C GLY C 109 -14.47 23.50 14.72
N GLU C 110 -14.27 24.53 15.54
CA GLU C 110 -13.06 24.65 16.36
C GLU C 110 -13.46 24.44 17.81
N ARG C 111 -13.08 23.28 18.36
CA ARG C 111 -13.48 22.90 19.71
C ARG C 111 -12.61 23.63 20.75
N ASN C 112 -13.28 24.39 21.59
CA ASN C 112 -12.65 25.10 22.70
C ASN C 112 -12.22 24.09 23.76
N PRO C 113 -10.92 23.95 24.05
CA PRO C 113 -10.47 22.99 25.08
C PRO C 113 -11.04 23.26 26.46
N GLU C 114 -11.64 24.42 26.70
CA GLU C 114 -12.38 24.63 27.95
C GLU C 114 -13.51 23.61 28.17
N VAL C 115 -13.95 22.91 27.12
CA VAL C 115 -15.02 21.91 27.31
C VAL C 115 -14.60 20.85 28.33
N TYR C 116 -13.30 20.54 28.41
CA TYR C 116 -12.84 19.49 29.32
C TYR C 116 -12.83 19.92 30.79
N GLU C 117 -13.18 21.18 31.11
CA GLU C 117 -13.39 21.62 32.48
C GLU C 117 -14.73 21.14 33.04
N TYR C 118 -15.59 20.60 32.19
CA TYR C 118 -16.88 20.07 32.60
C TYR C 118 -16.76 18.55 32.56
N PRO C 119 -16.57 17.89 33.72
CA PRO C 119 -16.17 16.47 33.69
C PRO C 119 -17.18 15.55 33.02
N GLU C 120 -18.48 15.87 33.09
CA GLU C 120 -19.48 14.96 32.52
C GLU C 120 -19.41 14.91 31.00
N ARG C 121 -18.76 15.85 30.33
CA ARG C 121 -18.62 15.73 28.89
C ARG C 121 -17.95 14.42 28.53
N GLU C 122 -16.78 14.18 29.10
CA GLU C 122 -16.09 12.93 28.79
C GLU C 122 -16.56 11.78 29.67
N ASN C 123 -17.10 12.06 30.88
CA ASN C 123 -17.55 10.98 31.75
C ASN C 123 -18.83 10.35 31.23
N ALA C 124 -19.74 11.14 30.63
CA ALA C 124 -20.91 10.55 29.97
C ALA C 124 -20.49 9.61 28.86
N ASN C 125 -19.46 9.98 28.09
CA ASN C 125 -18.93 9.10 27.06
C ASN C 125 -18.37 7.80 27.68
N ARG C 126 -17.56 7.93 28.74
CA ARG C 126 -16.95 6.75 29.35
C ARG C 126 -18.01 5.84 29.97
N PHE C 127 -18.96 6.42 30.70
CA PHE C 127 -20.08 5.63 31.25
C PHE C 127 -20.83 4.92 30.13
N GLY C 128 -21.20 5.65 29.07
CA GLY C 128 -21.95 5.06 27.98
C GLY C 128 -21.24 3.89 27.34
N ASP C 129 -19.92 4.02 27.13
CA ASP C 129 -19.10 2.93 26.60
C ASP C 129 -19.14 1.71 27.52
N ALA C 130 -18.90 1.91 28.82
CA ALA C 130 -18.86 0.81 29.77
C ALA C 130 -20.19 0.05 29.79
N ALA C 131 -21.29 0.78 29.91
CA ALA C 131 -22.60 0.14 30.00
C ALA C 131 -22.98 -0.55 28.70
N TYR C 132 -22.64 0.05 27.56
CA TYR C 132 -23.01 -0.57 26.29
C TYR C 132 -22.28 -1.90 26.14
N CYS C 133 -20.94 -1.89 26.32
CA CYS C 133 -20.13 -3.11 26.17
C CYS C 133 -20.59 -4.21 27.12
N LEU C 134 -20.79 -3.86 28.40
CA LEU C 134 -21.15 -4.87 29.39
C LEU C 134 -22.53 -5.46 29.13
N GLY C 135 -23.53 -4.61 28.84
CA GLY C 135 -24.86 -5.11 28.55
C GLY C 135 -24.90 -6.02 27.32
N VAL C 136 -24.22 -5.62 26.25
CA VAL C 136 -24.18 -6.43 25.03
C VAL C 136 -23.49 -7.77 25.29
N LEU C 137 -22.39 -7.76 26.05
CA LEU C 137 -21.67 -8.99 26.35
C LEU C 137 -22.49 -9.91 27.26
N TYR C 138 -23.24 -9.34 28.21
CA TYR C 138 -24.17 -10.17 28.98
C TYR C 138 -25.20 -10.82 28.07
N TYR C 139 -25.73 -10.05 27.10
CA TYR C 139 -26.75 -10.62 26.24
C TYR C 139 -26.19 -11.75 25.39
N ILE C 140 -24.95 -11.59 24.91
CA ILE C 140 -24.36 -12.61 24.05
C ILE C 140 -23.99 -13.85 24.87
N THR C 141 -23.34 -13.65 26.01
CA THR C 141 -22.75 -14.74 26.77
C THR C 141 -23.63 -15.27 27.90
N GLY C 142 -24.60 -14.49 28.38
CA GLY C 142 -25.31 -14.92 29.56
C GLY C 142 -24.50 -14.95 30.85
N LYS C 143 -23.27 -14.45 30.86
CA LYS C 143 -22.43 -14.50 32.06
C LYS C 143 -22.83 -13.39 33.04
N GLU C 144 -23.23 -13.80 34.24
CA GLU C 144 -23.78 -12.87 35.23
C GLU C 144 -22.82 -11.73 35.55
N VAL C 145 -21.51 -11.95 35.40
CA VAL C 145 -20.54 -10.94 35.81
C VAL C 145 -20.69 -9.66 34.98
N TYR C 146 -21.17 -9.77 33.74
CA TYR C 146 -21.35 -8.58 32.91
C TYR C 146 -22.61 -7.80 33.28
N ALA C 147 -23.70 -8.51 33.64
CA ALA C 147 -24.90 -7.82 34.09
C ALA C 147 -24.64 -7.11 35.42
N LYS C 148 -23.84 -7.73 36.29
CA LYS C 148 -23.56 -7.14 37.60
C LYS C 148 -22.79 -5.82 37.46
N ALA C 149 -21.78 -5.82 36.58
CA ALA C 149 -21.02 -4.60 36.31
C ALA C 149 -21.86 -3.55 35.58
N CYS C 150 -22.60 -3.96 34.54
CA CYS C 150 -23.46 -3.02 33.83
C CYS C 150 -24.43 -2.35 34.79
N ALA C 151 -25.08 -3.15 35.64
CA ALA C 151 -26.06 -2.60 36.59
C ALA C 151 -25.42 -1.59 37.54
N ASN C 152 -24.19 -1.86 37.99
CA ASN C 152 -23.50 -0.93 38.89
C ASN C 152 -23.28 0.42 38.23
N HIS C 153 -22.90 0.40 36.94
CA HIS C 153 -22.74 1.64 36.19
C HIS C 153 -24.09 2.34 35.99
N LEU C 154 -25.13 1.57 35.60
CA LEU C 154 -26.47 2.12 35.36
C LEU C 154 -27.04 2.77 36.61
N ARG C 155 -26.97 2.07 37.75
CA ARG C 155 -27.48 2.59 39.02
C ARG C 155 -26.84 3.91 39.38
N THR C 156 -25.50 3.98 39.27
CA THR C 156 -24.78 5.16 39.72
C THR C 156 -25.04 6.35 38.80
N TRP C 157 -25.06 6.12 37.49
CA TRP C 157 -25.23 7.23 36.56
C TRP C 157 -26.66 7.76 36.56
N PHE C 158 -27.66 6.87 36.65
CA PHE C 158 -29.06 7.22 36.41
C PHE C 158 -29.87 7.39 37.70
N THR C 159 -29.96 6.35 38.54
CA THR C 159 -31.01 6.29 39.55
C THR C 159 -30.55 6.57 40.99
N ASP C 160 -29.24 6.55 41.28
CA ASP C 160 -28.79 6.73 42.67
C ASP C 160 -29.29 8.07 43.23
N PRO C 161 -29.87 8.08 44.45
CA PRO C 161 -30.48 9.32 44.98
C PRO C 161 -29.47 10.43 45.30
N LYS C 162 -28.19 10.11 45.42
CA LYS C 162 -27.14 11.12 45.54
C LYS C 162 -26.30 11.27 44.29
N LEU C 163 -25.99 10.16 43.59
CA LEU C 163 -25.04 10.20 42.49
C LEU C 163 -25.68 10.26 41.11
N GLY C 164 -26.96 9.91 40.99
CA GLY C 164 -27.59 9.85 39.69
C GLY C 164 -27.95 11.22 39.15
N MET C 165 -27.92 11.34 37.82
CA MET C 165 -28.20 12.62 37.22
C MET C 165 -29.70 12.94 37.31
N ASN C 166 -30.00 14.23 37.41
CA ASN C 166 -31.36 14.68 37.24
C ASN C 166 -31.80 14.42 35.79
N PRO C 167 -33.06 14.01 35.58
CA PRO C 167 -33.56 13.71 34.21
C PRO C 167 -33.92 14.97 33.41
N ASN C 168 -32.90 15.76 33.07
CA ASN C 168 -33.07 16.95 32.24
C ASN C 168 -31.74 17.21 31.53
N MET C 169 -31.77 18.12 30.53
CA MET C 169 -30.55 18.63 29.91
C MET C 169 -30.57 20.15 29.89
N THR C 170 -31.09 20.71 30.98
CA THR C 170 -31.27 22.16 31.07
C THR C 170 -29.96 22.92 30.87
N TYR C 171 -28.85 22.41 31.41
CA TYR C 171 -27.58 23.12 31.38
C TYR C 171 -26.58 22.50 30.42
N ALA C 172 -27.04 21.64 29.51
CA ALA C 172 -26.18 21.06 28.50
C ALA C 172 -25.78 22.09 27.46
N GLN C 173 -24.50 22.09 27.11
CA GLN C 173 -23.91 23.05 26.15
C GLN C 173 -24.36 24.47 26.43
N ALA C 174 -24.30 24.85 27.71
CA ALA C 174 -24.42 26.25 28.10
C ALA C 174 -23.27 27.06 27.52
N VAL C 175 -23.49 28.36 27.36
CA VAL C 175 -22.52 29.28 26.79
C VAL C 175 -22.37 30.51 27.68
N PRO C 176 -21.18 30.82 28.19
CA PRO C 176 -21.01 32.01 29.04
C PRO C 176 -21.41 33.29 28.31
N GLY C 177 -22.24 34.09 28.97
CA GLY C 177 -22.68 35.35 28.40
C GLY C 177 -23.86 35.27 27.44
N MET C 178 -24.31 34.08 27.06
CA MET C 178 -25.46 33.99 26.17
C MET C 178 -26.72 34.24 26.98
N LYS C 179 -27.60 35.11 26.48
CA LYS C 179 -28.79 35.48 27.27
C LYS C 179 -29.97 34.55 27.03
N LYS C 180 -30.07 33.97 25.86
CA LYS C 180 -31.18 33.11 25.46
C LYS C 180 -30.93 31.66 25.84
N MET C 181 -32.01 30.99 26.23
CA MET C 181 -32.05 29.54 26.41
C MET C 181 -31.90 28.85 25.05
N ARG C 182 -31.12 27.76 24.99
CA ARG C 182 -31.03 26.93 23.80
C ARG C 182 -31.24 25.46 24.13
N GLY C 183 -31.77 24.70 23.16
CA GLY C 183 -31.86 23.26 23.29
C GLY C 183 -30.72 22.50 22.64
N SER C 184 -29.71 23.20 22.12
CA SER C 184 -28.67 22.56 21.32
C SER C 184 -27.89 21.49 22.10
N GLY C 185 -27.79 21.63 23.42
CA GLY C 185 -27.02 20.65 24.18
C GLY C 185 -27.72 19.31 24.36
N PHE C 186 -28.99 19.20 23.98
CA PHE C 186 -29.69 17.93 24.13
C PHE C 186 -29.00 16.80 23.40
N ILE C 187 -28.29 17.13 22.30
CA ILE C 187 -27.57 16.15 21.50
C ILE C 187 -26.52 15.43 22.33
N ASP C 188 -26.02 16.05 23.41
CA ASP C 188 -25.15 15.34 24.35
C ASP C 188 -25.81 14.08 24.92
N SER C 189 -27.14 13.99 24.90
CA SER C 189 -27.82 12.87 25.55
C SER C 189 -27.53 11.53 24.90
N ARG C 190 -27.09 11.53 23.63
CA ARG C 190 -26.91 10.27 22.91
C ARG C 190 -25.83 9.40 23.56
N ARG C 191 -24.86 10.00 24.24
CA ARG C 191 -23.87 9.20 24.95
C ARG C 191 -24.50 8.28 25.99
N PHE C 192 -25.45 8.79 26.79
CA PHE C 192 -26.03 7.95 27.83
C PHE C 192 -27.36 7.30 27.45
N SER C 193 -28.05 7.77 26.41
CA SER C 193 -29.36 7.18 26.07
C SER C 193 -29.19 5.82 25.39
N ARG C 194 -28.04 5.57 24.73
CA ARG C 194 -27.75 4.22 24.27
C ARG C 194 -27.56 3.27 25.44
N ALA C 195 -26.94 3.76 26.51
CA ALA C 195 -26.76 2.93 27.70
C ALA C 195 -28.09 2.66 28.36
N LEU C 196 -28.98 3.67 28.37
CA LEU C 196 -30.32 3.45 28.88
C LEU C 196 -31.00 2.31 28.14
N GLY C 197 -30.94 2.32 26.80
CA GLY C 197 -31.59 1.30 26.02
C GLY C 197 -31.01 -0.09 26.24
N VAL C 198 -29.69 -0.18 26.40
CA VAL C 198 -29.04 -1.46 26.64
C VAL C 198 -29.42 -2.07 27.98
N ALA C 199 -29.90 -1.26 28.95
CA ALA C 199 -30.35 -1.83 30.22
C ALA C 199 -31.42 -2.91 30.02
N LYS C 200 -32.22 -2.80 28.95
CA LYS C 200 -33.18 -3.85 28.64
C LYS C 200 -32.51 -5.20 28.50
N LEU C 201 -31.26 -5.23 28.02
CA LEU C 201 -30.55 -6.49 27.81
C LEU C 201 -30.23 -7.20 29.11
N ILE C 202 -30.11 -6.49 30.24
CA ILE C 202 -29.78 -7.16 31.50
C ILE C 202 -31.00 -7.44 32.36
N GLU C 203 -32.18 -7.08 31.89
CA GLU C 203 -33.40 -7.50 32.58
C GLU C 203 -33.46 -9.03 32.58
N GLY C 204 -33.83 -9.61 33.72
CA GLY C 204 -33.80 -11.05 33.87
C GLY C 204 -32.53 -11.61 34.50
N SER C 205 -31.44 -10.84 34.55
CA SER C 205 -30.29 -11.25 35.34
C SER C 205 -30.61 -11.19 36.83
N LYS C 206 -29.78 -11.89 37.62
CA LYS C 206 -29.93 -11.77 39.07
C LYS C 206 -29.54 -10.40 39.59
N SER C 207 -28.62 -9.70 38.92
CA SER C 207 -28.07 -8.46 39.43
C SER C 207 -28.98 -7.26 39.24
N TRP C 208 -29.76 -7.24 38.17
CA TRP C 208 -30.70 -6.17 37.86
C TRP C 208 -32.05 -6.57 38.43
N THR C 209 -32.38 -6.04 39.59
CA THR C 209 -33.56 -6.45 40.31
C THR C 209 -34.79 -5.73 39.78
N PRO C 210 -36.00 -6.24 40.09
CA PRO C 210 -37.20 -5.48 39.70
C PRO C 210 -37.19 -4.07 40.26
N SER C 211 -36.63 -3.89 41.46
CA SER C 211 -36.52 -2.55 42.03
C SER C 211 -35.61 -1.67 41.19
N ASP C 212 -34.49 -2.22 40.70
CA ASP C 212 -33.61 -1.49 39.79
C ASP C 212 -34.37 -1.06 38.53
N LYS C 213 -35.06 -2.00 37.89
CA LYS C 213 -35.81 -1.70 36.68
C LYS C 213 -36.86 -0.62 36.93
N LYS C 214 -37.59 -0.72 38.05
CA LYS C 214 -38.61 0.26 38.34
C LYS C 214 -38.02 1.66 38.49
N LYS C 215 -36.89 1.77 39.20
CA LYS C 215 -36.29 3.10 39.35
C LYS C 215 -35.85 3.66 38.01
N LEU C 216 -35.27 2.81 37.14
CA LEU C 216 -34.82 3.28 35.82
C LEU C 216 -36.00 3.59 34.91
N ASP C 217 -37.08 2.79 35.00
CA ASP C 217 -38.30 3.11 34.28
C ASP C 217 -38.82 4.50 34.68
N ASP C 218 -38.80 4.81 35.97
CA ASP C 218 -39.28 6.11 36.47
C ASP C 218 -38.37 7.24 36.01
N TRP C 219 -37.05 7.05 36.08
CA TRP C 219 -36.13 8.05 35.54
C TRP C 219 -36.38 8.27 34.05
N ALA C 220 -36.46 7.18 33.28
CA ALA C 220 -36.68 7.31 31.84
C ALA C 220 -38.00 8.01 31.52
N THR C 221 -39.06 7.72 32.29
CA THR C 221 -40.34 8.40 32.10
C THR C 221 -40.21 9.90 32.33
N ALA C 222 -39.45 10.30 33.35
CA ALA C 222 -39.22 11.71 33.65
C ALA C 222 -38.35 12.39 32.59
N PHE C 223 -37.33 11.68 32.09
CA PHE C 223 -36.51 12.23 31.00
C PHE C 223 -37.32 12.40 29.72
N CYS C 224 -38.17 11.40 29.41
CA CYS C 224 -39.04 11.50 28.25
C CYS C 224 -39.99 12.68 28.38
N TYR C 225 -40.58 12.88 29.56
CA TYR C 225 -41.44 14.06 29.79
C TYR C 225 -40.65 15.36 29.59
N TRP C 226 -39.45 15.45 30.16
CA TRP C 226 -38.67 16.68 30.03
C TRP C 226 -38.36 16.99 28.56
N MET C 227 -37.86 15.99 27.82
CA MET C 227 -37.46 16.22 26.44
C MET C 227 -38.65 16.51 25.53
N GLU C 228 -39.85 16.04 25.89
CA GLU C 228 -41.02 16.32 25.08
C GLU C 228 -41.72 17.61 25.46
N ASN C 229 -41.68 18.01 26.74
CA ASN C 229 -42.47 19.16 27.20
C ASN C 229 -41.68 20.39 27.63
N SER C 230 -40.41 20.26 27.99
CA SER C 230 -39.65 21.46 28.30
C SER C 230 -39.47 22.29 27.02
N THR C 231 -39.32 23.61 27.20
CA THR C 231 -39.12 24.49 26.06
C THR C 231 -37.89 24.11 25.26
N GLN C 232 -36.80 23.74 25.97
CA GLN C 232 -35.57 23.35 25.28
C GLN C 232 -35.78 22.07 24.49
N GLY C 233 -36.45 21.07 25.07
CA GLY C 233 -36.78 19.87 24.31
C GLY C 233 -37.63 20.15 23.08
N GLN C 234 -38.65 21.01 23.22
CA GLN C 234 -39.51 21.40 22.10
C GLN C 234 -38.72 22.06 20.98
N ARG C 235 -37.88 23.05 21.33
CA ARG C 235 -37.06 23.73 20.33
C ARG C 235 -36.14 22.74 19.61
N GLU C 236 -35.46 21.88 20.36
CA GLU C 236 -34.58 20.89 19.72
C GLU C 236 -35.37 19.89 18.87
N SER C 237 -36.60 19.57 19.24
CA SER C 237 -37.44 18.71 18.40
C SER C 237 -37.80 19.37 17.08
N HIS C 238 -37.66 20.70 16.98
CA HIS C 238 -37.99 21.42 15.77
C HIS C 238 -36.77 21.80 14.96
N ALA C 239 -35.57 21.38 15.37
CA ALA C 239 -34.35 21.78 14.68
C ALA C 239 -34.31 21.20 13.27
N ALA C 240 -33.90 22.03 12.30
CA ALA C 240 -33.96 21.69 10.88
C ALA C 240 -32.69 21.05 10.34
N ASN C 241 -31.73 20.71 11.19
CA ASN C 241 -30.50 20.08 10.74
C ASN C 241 -30.33 18.78 11.54
N ASN C 242 -29.09 18.32 11.65
CA ASN C 242 -28.85 17.04 12.31
C ASN C 242 -29.27 17.04 13.77
N HIS C 243 -29.42 18.21 14.42
CA HIS C 243 -29.92 18.25 15.80
C HIS C 243 -31.32 17.65 15.91
N GLY C 244 -32.16 17.85 14.89
CA GLY C 244 -33.51 17.31 14.93
C GLY C 244 -33.52 15.81 14.70
N LEU C 245 -32.64 15.34 13.82
CA LEU C 245 -32.52 13.91 13.58
C LEU C 245 -32.01 13.18 14.82
N TRP C 246 -30.96 13.72 15.49
CA TRP C 246 -30.45 13.12 16.72
C TRP C 246 -31.45 13.23 17.85
N TYR C 247 -32.19 14.34 17.91
CA TYR C 247 -33.25 14.46 18.90
C TYR C 247 -34.20 13.27 18.81
N GLU C 248 -34.64 12.90 17.59
CA GLU C 248 -35.58 11.80 17.48
C GLU C 248 -34.91 10.44 17.64
N ALA C 249 -33.64 10.30 17.25
CA ALA C 249 -32.92 9.05 17.52
C ALA C 249 -32.83 8.80 19.02
N ILE C 250 -32.49 9.85 19.79
CA ILE C 250 -32.52 9.78 21.25
C ILE C 250 -33.93 9.50 21.74
N HIS C 251 -34.91 10.21 21.17
CA HIS C 251 -36.31 10.00 21.55
C HIS C 251 -36.66 8.52 21.42
N LEU C 252 -36.31 7.90 20.29
CA LEU C 252 -36.65 6.49 20.05
C LEU C 252 -35.98 5.56 21.06
N MET C 253 -34.75 5.89 21.45
CA MET C 253 -34.03 5.11 22.47
C MET C 253 -34.79 5.12 23.78
N VAL C 254 -35.24 6.30 24.23
CA VAL C 254 -36.02 6.41 25.46
C VAL C 254 -37.34 5.67 25.31
N LEU C 255 -38.02 5.85 24.18
CA LEU C 255 -39.31 5.20 23.95
C LEU C 255 -39.17 3.69 23.82
N ALA C 256 -38.14 3.22 23.11
CA ALA C 256 -37.92 1.78 23.05
C ALA C 256 -37.63 1.18 24.42
N TYR C 257 -36.83 1.89 25.24
CA TYR C 257 -36.57 1.41 26.61
C TYR C 257 -37.87 1.23 27.40
N LEU C 258 -38.82 2.14 27.19
CA LEU C 258 -40.12 2.11 27.87
C LEU C 258 -41.16 1.24 27.15
N ASP C 259 -40.78 0.53 26.08
CA ASP C 259 -41.69 -0.38 25.37
C ASP C 259 -42.85 0.37 24.70
N ARG C 260 -42.68 1.64 24.37
CA ARG C 260 -43.73 2.43 23.71
C ARG C 260 -43.64 2.30 22.18
N THR C 261 -44.01 1.11 21.69
CA THR C 261 -43.94 0.86 20.25
C THR C 261 -44.94 1.71 19.48
N ASP C 262 -46.07 2.08 20.11
CA ASP C 262 -47.00 2.99 19.46
C ASP C 262 -46.35 4.35 19.20
N ARG C 263 -45.61 4.87 20.19
CA ARG C 263 -44.96 6.15 20.00
C ARG C 263 -43.81 6.07 18.99
N ILE C 264 -43.10 4.95 18.94
CA ILE C 264 -42.00 4.82 17.97
C ILE C 264 -42.52 5.02 16.55
N ARG C 265 -43.61 4.32 16.21
CA ARG C 265 -44.20 4.47 14.88
C ARG C 265 -44.64 5.92 14.60
N GLU C 266 -45.30 6.57 15.57
CA GLU C 266 -45.70 7.95 15.37
C GLU C 266 -44.51 8.90 15.21
N VAL C 267 -43.45 8.69 15.99
CA VAL C 267 -42.27 9.55 15.82
C VAL C 267 -41.65 9.34 14.44
N ALA C 268 -41.61 8.09 13.98
CA ALA C 268 -40.99 7.76 12.70
C ALA C 268 -41.78 8.37 11.54
N GLU C 269 -43.11 8.17 11.53
CA GLU C 269 -43.95 8.62 10.43
C GLU C 269 -44.21 10.12 10.48
N GLN C 270 -44.34 10.69 11.69
CA GLN C 270 -44.76 12.09 11.80
C GLN C 270 -43.62 13.05 12.03
N SER C 271 -42.44 12.61 12.44
CA SER C 271 -41.36 13.56 12.66
C SER C 271 -40.10 13.24 11.87
N ILE C 272 -39.58 12.01 11.97
CA ILE C 272 -38.29 11.70 11.34
C ILE C 272 -38.39 11.83 9.82
N LEU C 273 -39.34 11.12 9.21
CA LEU C 273 -39.45 11.14 7.75
C LEU C 273 -39.75 12.54 7.22
N PRO C 274 -40.66 13.33 7.80
CA PRO C 274 -40.77 14.74 7.35
C PRO C 274 -39.47 15.51 7.51
N LYS C 275 -38.74 15.28 8.61
CA LYS C 275 -37.46 15.96 8.79
C LYS C 275 -36.48 15.53 7.72
N MET C 276 -36.37 14.22 7.51
CA MET C 276 -35.51 13.69 6.45
C MET C 276 -35.90 14.27 5.09
N GLY C 277 -37.20 14.40 4.84
CA GLY C 277 -37.66 14.93 3.56
C GLY C 277 -37.38 16.41 3.38
N ALA C 278 -37.40 17.17 4.47
CA ALA C 278 -37.06 18.58 4.35
C ALA C 278 -35.56 18.81 4.22
N GLN C 279 -34.72 17.88 4.68
CA GLN C 279 -33.29 18.13 4.75
C GLN C 279 -32.52 17.65 3.53
N ILE C 280 -33.11 16.80 2.70
CA ILE C 280 -32.45 16.29 1.50
C ILE C 280 -32.83 17.18 0.33
N ALA C 281 -31.83 17.72 -0.38
CA ALA C 281 -32.11 18.50 -1.58
C ALA C 281 -32.25 17.56 -2.78
N ASP C 282 -32.52 18.15 -3.95
CA ASP C 282 -32.79 17.36 -5.15
C ASP C 282 -31.61 16.49 -5.57
N ASP C 283 -30.38 16.94 -5.35
CA ASP C 283 -29.23 16.11 -5.69
C ASP C 283 -28.85 15.15 -4.57
N GLY C 284 -29.65 15.06 -3.51
CA GLY C 284 -29.34 14.17 -2.41
C GLY C 284 -28.43 14.74 -1.34
N SER C 285 -27.93 15.96 -1.53
CA SER C 285 -27.10 16.59 -0.53
C SER C 285 -27.95 17.14 0.62
N LEU C 286 -27.29 17.41 1.75
CA LEU C 286 -27.93 17.97 2.95
C LEU C 286 -27.53 19.43 3.12
N PRO C 287 -28.31 20.39 2.59
CA PRO C 287 -27.87 21.80 2.58
C PRO C 287 -27.57 22.38 3.96
N GLN C 288 -28.30 21.98 5.00
CA GLN C 288 -28.01 22.48 6.33
C GLN C 288 -26.62 22.08 6.78
N GLU C 289 -26.14 20.89 6.37
CA GLU C 289 -24.81 20.46 6.79
C GLU C 289 -23.71 21.03 5.90
N LEU C 290 -24.02 21.31 4.63
CA LEU C 290 -23.02 21.85 3.72
C LEU C 290 -22.55 23.25 4.12
N LYS C 291 -23.35 23.98 4.88
CA LYS C 291 -22.88 25.29 5.31
C LYS C 291 -21.99 25.24 6.57
N ARG C 292 -21.63 24.06 7.07
CA ARG C 292 -20.78 23.96 8.25
C ARG C 292 -19.30 23.92 7.86
N THR C 293 -18.44 24.25 8.83
CA THR C 293 -17.00 24.14 8.59
C THR C 293 -16.54 22.68 8.57
N LEU C 294 -17.34 21.76 9.10
CA LEU C 294 -17.04 20.33 9.01
C LEU C 294 -18.14 19.62 8.22
N SER C 295 -18.31 20.00 6.95
CA SER C 295 -19.53 19.64 6.21
C SER C 295 -19.60 18.19 5.79
N LEU C 296 -18.46 17.53 5.49
CA LEU C 296 -18.52 16.09 5.23
C LEU C 296 -18.78 15.35 6.53
N HIS C 297 -18.19 15.83 7.63
CA HIS C 297 -18.44 15.22 8.94
C HIS C 297 -19.91 15.36 9.33
N TYR C 298 -20.50 16.55 9.15
CA TYR C 298 -21.87 16.76 9.60
C TYR C 298 -22.90 16.14 8.65
N SER C 299 -22.58 16.01 7.36
CA SER C 299 -23.41 15.21 6.48
C SER C 299 -23.45 13.77 6.96
N THR C 300 -22.29 13.23 7.34
CA THR C 300 -22.23 11.88 7.89
C THR C 300 -22.93 11.79 9.25
N PHE C 301 -22.76 12.79 10.10
CA PHE C 301 -23.38 12.78 11.44
C PHE C 301 -24.90 12.81 11.34
N ALA C 302 -25.45 13.56 10.38
CA ALA C 302 -26.89 13.52 10.15
C ALA C 302 -27.36 12.12 9.76
N LEU C 303 -26.63 11.46 8.86
CA LEU C 303 -27.03 10.11 8.46
C LEU C 303 -26.81 9.10 9.57
N GLU C 304 -25.83 9.33 10.46
CA GLU C 304 -25.67 8.44 11.61
C GLU C 304 -26.86 8.56 12.56
N ALA C 305 -27.44 9.75 12.72
CA ALA C 305 -28.68 9.86 13.50
C ALA C 305 -29.78 9.00 12.90
N LEU C 306 -29.96 9.05 11.57
CA LEU C 306 -30.99 8.21 10.94
C LEU C 306 -30.64 6.73 11.05
N MET C 307 -29.35 6.39 10.96
CA MET C 307 -28.94 5.00 11.10
C MET C 307 -29.35 4.44 12.45
N GLU C 308 -29.10 5.18 13.53
CA GLU C 308 -29.43 4.67 14.86
C GLU C 308 -30.92 4.66 15.10
N ALA C 309 -31.65 5.66 14.58
CA ALA C 309 -33.11 5.63 14.63
C ALA C 309 -33.65 4.40 13.88
N ASN C 310 -33.11 4.11 12.68
CA ASN C 310 -33.59 2.98 11.91
C ASN C 310 -33.30 1.65 12.60
N GLN C 311 -32.18 1.53 13.31
CA GLN C 311 -31.93 0.30 14.06
C GLN C 311 -33.10 -0.01 14.97
N ILE C 312 -33.75 1.03 15.52
CA ILE C 312 -34.89 0.79 16.40
C ILE C 312 -36.16 0.61 15.60
N THR C 313 -36.45 1.54 14.67
CA THR C 313 -37.70 1.46 13.91
C THR C 313 -37.78 0.19 13.06
N SER C 314 -36.64 -0.25 12.51
CA SER C 314 -36.71 -1.46 11.69
C SER C 314 -37.01 -2.69 12.51
N GLN C 315 -36.82 -2.64 13.84
CA GLN C 315 -37.20 -3.75 14.70
C GLN C 315 -38.71 -3.87 14.86
N ILE C 316 -39.46 -2.87 14.43
CA ILE C 316 -40.92 -3.01 14.36
C ILE C 316 -41.42 -2.82 12.92
N GLY C 317 -40.55 -3.03 11.93
CA GLY C 317 -40.99 -3.07 10.55
C GLY C 317 -41.01 -1.76 9.80
N ILE C 318 -40.36 -0.71 10.31
CA ILE C 318 -40.29 0.57 9.62
C ILE C 318 -38.85 0.81 9.17
N ASN C 319 -38.64 0.80 7.85
CA ASN C 319 -37.31 0.99 7.26
C ASN C 319 -37.17 2.46 6.88
N LEU C 320 -36.36 3.21 7.65
CA LEU C 320 -36.20 4.63 7.36
C LEU C 320 -35.30 4.90 6.15
N TRP C 321 -34.52 3.93 5.71
CA TRP C 321 -33.67 4.15 4.56
C TRP C 321 -34.46 4.17 3.26
N SER C 322 -35.50 3.34 3.17
CA SER C 322 -36.25 3.15 1.92
C SER C 322 -37.68 3.67 1.96
N THR C 323 -38.20 4.07 3.12
CA THR C 323 -39.53 4.64 3.15
C THR C 323 -39.49 6.10 2.71
N PRO C 324 -40.14 6.46 1.60
CA PRO C 324 -40.11 7.86 1.16
C PRO C 324 -40.91 8.75 2.10
N ALA C 325 -40.49 10.00 2.23
CA ALA C 325 -41.28 10.99 2.94
C ALA C 325 -42.49 11.42 2.08
N SER C 326 -43.35 12.24 2.70
CA SER C 326 -44.53 12.76 2.02
C SER C 326 -44.20 13.47 0.72
N ASN C 327 -43.01 14.07 0.62
CA ASN C 327 -42.62 14.84 -0.56
C ASN C 327 -41.86 14.01 -1.58
N GLY C 328 -41.82 12.69 -1.43
CA GLY C 328 -41.10 11.83 -2.35
C GLY C 328 -39.63 11.66 -2.05
N LYS C 329 -39.03 12.48 -1.17
CA LYS C 329 -37.63 12.29 -0.80
C LYS C 329 -37.46 11.03 0.05
N VAL C 330 -36.32 10.37 -0.11
CA VAL C 330 -36.04 9.15 0.64
C VAL C 330 -34.55 9.13 0.99
N ALA C 331 -34.23 8.64 2.20
CA ALA C 331 -32.88 8.79 2.76
C ALA C 331 -31.81 8.12 1.91
N SER C 332 -32.18 7.09 1.14
CA SER C 332 -31.24 6.47 0.20
C SER C 332 -30.59 7.49 -0.72
N GLN C 333 -31.30 8.57 -1.07
CA GLN C 333 -30.73 9.60 -1.94
C GLN C 333 -29.56 10.32 -1.26
N ALA C 334 -29.58 10.43 0.06
CA ALA C 334 -28.50 11.13 0.76
C ALA C 334 -27.24 10.29 0.80
N VAL C 335 -27.40 8.97 0.97
CA VAL C 335 -26.27 8.05 0.89
C VAL C 335 -25.69 8.06 -0.51
N ASP C 336 -26.56 8.12 -1.53
CA ASP C 336 -26.09 8.12 -2.92
C ASP C 336 -25.23 9.34 -3.20
N TYR C 337 -25.66 10.52 -2.72
CA TYR C 337 -24.85 11.72 -2.90
C TYR C 337 -23.48 11.58 -2.24
N LEU C 338 -23.42 11.00 -1.04
CA LEU C 338 -22.18 10.96 -0.26
C LEU C 338 -21.24 9.81 -0.64
N TYR C 339 -21.77 8.74 -1.24
CA TYR C 339 -20.95 7.54 -1.50
C TYR C 339 -19.64 7.80 -2.23
N PRO C 340 -19.58 8.55 -3.35
CA PRO C 340 -18.27 8.76 -3.99
C PRO C 340 -17.30 9.50 -3.07
N PHE C 341 -17.81 10.39 -2.22
CA PHE C 341 -16.93 11.08 -1.28
C PHE C 341 -16.50 10.19 -0.12
N TYR C 342 -17.24 9.13 0.21
CA TYR C 342 -16.69 8.11 1.11
C TYR C 342 -15.59 7.31 0.42
N LEU C 343 -15.72 7.10 -0.90
CA LEU C 343 -14.65 6.47 -1.65
C LEU C 343 -13.41 7.35 -1.70
N ASN C 344 -13.58 8.65 -2.01
CA ASN C 344 -12.48 9.59 -2.14
C ASN C 344 -12.82 10.85 -1.37
N PRO C 345 -12.58 10.86 -0.06
CA PRO C 345 -12.87 12.07 0.73
C PRO C 345 -12.13 13.31 0.25
N GLU C 346 -10.99 13.16 -0.43
CA GLU C 346 -10.27 14.32 -0.96
C GLU C 346 -11.07 15.04 -2.02
N ASP C 347 -12.02 14.36 -2.68
CA ASP C 347 -12.85 15.00 -3.71
C ASP C 347 -13.94 15.89 -3.14
N TRP C 348 -14.13 15.91 -1.82
CA TRP C 348 -15.17 16.73 -1.22
C TRP C 348 -14.90 18.22 -1.46
N LYS C 349 -15.90 18.94 -1.95
CA LYS C 349 -15.71 20.29 -2.44
C LYS C 349 -16.23 21.37 -1.49
N PHE C 350 -16.74 20.99 -0.31
CA PHE C 350 -17.21 21.97 0.65
C PHE C 350 -16.29 21.99 1.86
N LYS C 351 -16.50 23.00 2.71
CA LYS C 351 -15.56 23.28 3.78
C LYS C 351 -15.48 22.13 4.77
N GLN C 352 -14.24 21.69 5.03
CA GLN C 352 -13.96 20.58 5.93
C GLN C 352 -12.56 20.84 6.51
N ILE C 353 -12.53 21.53 7.65
CA ILE C 353 -11.32 22.15 8.19
C ILE C 353 -10.54 21.21 9.11
N LYS C 354 -10.96 19.95 9.16
CA LYS C 354 -10.21 18.88 9.78
C LYS C 354 -10.34 17.66 8.88
N PRO C 355 -9.36 16.74 8.91
CA PRO C 355 -9.49 15.55 8.05
C PRO C 355 -10.71 14.72 8.43
N PHE C 356 -11.42 14.21 7.40
CA PHE C 356 -12.59 13.36 7.61
C PHE C 356 -12.17 11.90 7.81
N ASP C 357 -12.68 11.30 8.88
CA ASP C 357 -12.37 9.91 9.22
C ASP C 357 -13.17 8.97 8.33
N GLN C 358 -12.53 8.44 7.28
CA GLN C 358 -13.23 7.59 6.31
C GLN C 358 -13.88 6.39 6.98
N SER C 359 -13.23 5.82 8.01
CA SER C 359 -13.72 4.59 8.62
C SER C 359 -15.11 4.74 9.22
N ARG C 360 -15.58 5.97 9.44
CA ARG C 360 -16.95 6.16 9.93
C ARG C 360 -18.00 5.79 8.88
N ALA C 361 -17.61 5.79 7.61
CA ALA C 361 -18.52 5.34 6.56
C ALA C 361 -18.73 3.83 6.59
N ALA C 362 -17.89 3.08 7.29
CA ALA C 362 -17.95 1.62 7.25
C ALA C 362 -19.28 1.10 7.81
N ILE C 363 -19.58 1.41 9.08
CA ILE C 363 -20.83 0.95 9.66
C ILE C 363 -22.02 1.61 8.97
N LEU C 364 -21.90 2.90 8.64
CA LEU C 364 -22.98 3.62 7.96
C LEU C 364 -23.35 2.94 6.65
N LEU C 365 -22.37 2.64 5.80
CA LEU C 365 -22.70 2.03 4.52
C LEU C 365 -23.20 0.61 4.68
N TYR C 366 -22.75 -0.12 5.70
CA TYR C 366 -23.28 -1.46 5.92
C TYR C 366 -24.76 -1.42 6.32
N GLU C 367 -25.08 -0.59 7.32
CA GLU C 367 -26.47 -0.41 7.77
C GLU C 367 -27.38 -0.01 6.61
N ALA C 368 -27.03 1.08 5.92
CA ALA C 368 -27.84 1.52 4.79
C ALA C 368 -27.83 0.50 3.66
N GLY C 369 -26.68 -0.11 3.39
CA GLY C 369 -26.58 -1.10 2.33
C GLY C 369 -27.44 -2.32 2.59
N THR C 370 -27.38 -2.85 3.80
CA THR C 370 -28.19 -4.02 4.14
C THR C 370 -29.67 -3.67 4.17
N ALA C 371 -30.02 -2.46 4.63
CA ALA C 371 -31.42 -2.05 4.62
C ALA C 371 -31.96 -1.83 3.21
N LEU C 372 -31.11 -1.42 2.27
CA LEU C 372 -31.52 -1.10 0.91
C LEU C 372 -31.29 -2.23 -0.08
N GLY C 373 -30.74 -3.36 0.36
CA GLY C 373 -30.35 -4.41 -0.56
C GLY C 373 -29.31 -3.99 -1.56
N ASN C 374 -28.44 -3.06 -1.18
CA ASN C 374 -27.47 -2.50 -2.12
C ASN C 374 -26.14 -3.19 -1.89
N GLN C 375 -25.80 -4.12 -2.78
CA GLN C 375 -24.61 -4.94 -2.59
C GLN C 375 -23.33 -4.12 -2.75
N LYS C 376 -23.38 -3.05 -3.53
CA LYS C 376 -22.21 -2.19 -3.68
C LYS C 376 -21.86 -1.49 -2.37
N TYR C 377 -22.88 -0.98 -1.66
CA TYR C 377 -22.66 -0.33 -0.38
C TYR C 377 -22.07 -1.30 0.62
N VAL C 378 -22.63 -2.51 0.67
CA VAL C 378 -22.17 -3.52 1.61
C VAL C 378 -20.73 -3.91 1.29
N ASP C 379 -20.42 -4.04 0.00
CA ASP C 379 -19.07 -4.40 -0.41
C ASP C 379 -18.06 -3.32 -0.01
N THR C 380 -18.39 -2.04 -0.26
CA THR C 380 -17.52 -0.94 0.15
C THR C 380 -17.40 -0.84 1.67
N ALA C 381 -18.49 -1.06 2.39
CA ALA C 381 -18.41 -1.07 3.85
C ALA C 381 -17.39 -2.11 4.34
N LYS C 382 -17.41 -3.30 3.75
CA LYS C 382 -16.48 -4.36 4.14
C LYS C 382 -15.07 -4.07 3.63
N ARG C 383 -14.95 -3.40 2.49
CA ARG C 383 -13.64 -3.04 1.95
C ARG C 383 -12.95 -2.03 2.86
N ILE C 384 -13.65 -0.95 3.23
CA ILE C 384 -13.15 -0.01 4.23
C ILE C 384 -12.88 -0.75 5.54
N GLY C 385 -13.86 -1.50 6.00
CA GLY C 385 -13.67 -2.41 7.12
C GLY C 385 -13.52 -1.74 8.46
N LEU C 386 -13.50 -2.57 9.50
CA LEU C 386 -13.12 -2.16 10.84
C LEU C 386 -12.03 -3.10 11.31
N LYS C 387 -11.13 -2.61 12.15
CA LYS C 387 -10.05 -3.48 12.58
C LYS C 387 -10.56 -4.55 13.52
N TYR C 388 -10.19 -5.80 13.23
CA TYR C 388 -10.70 -6.96 13.97
C TYR C 388 -10.54 -6.76 15.48
N SER C 389 -9.43 -6.17 15.90
CA SER C 389 -9.12 -6.13 17.32
C SER C 389 -9.47 -4.79 17.98
N THR C 390 -10.23 -3.92 17.31
CA THR C 390 -10.51 -2.60 17.88
C THR C 390 -11.32 -2.72 19.16
N SER C 391 -11.08 -1.78 20.07
CA SER C 391 -11.81 -1.74 21.33
C SER C 391 -12.95 -0.73 21.32
N ASP C 392 -13.22 -0.09 20.18
CA ASP C 392 -14.36 0.82 20.01
C ASP C 392 -15.67 0.08 20.25
N VAL C 393 -16.41 0.42 21.31
CA VAL C 393 -17.52 -0.42 21.74
C VAL C 393 -18.66 -0.46 20.73
N GLU C 394 -18.85 0.61 19.96
CA GLU C 394 -19.96 0.62 19.00
C GLU C 394 -19.76 -0.42 17.91
N THR C 395 -18.53 -0.90 17.68
CA THR C 395 -18.27 -1.89 16.65
C THR C 395 -18.51 -3.32 17.11
N ILE C 396 -18.90 -3.54 18.37
CA ILE C 396 -19.03 -4.92 18.88
C ILE C 396 -19.93 -5.80 18.00
N PRO C 397 -21.11 -5.36 17.56
CA PRO C 397 -21.95 -6.23 16.72
C PRO C 397 -21.42 -6.48 15.32
N TYR C 398 -20.36 -5.80 14.89
CA TYR C 398 -19.98 -5.80 13.48
C TYR C 398 -18.76 -6.68 13.19
N LEU C 399 -18.75 -7.91 13.73
CA LEU C 399 -17.82 -8.93 13.25
C LEU C 399 -17.85 -9.02 11.73
N VAL C 400 -19.03 -8.81 11.12
CA VAL C 400 -19.18 -8.88 9.67
C VAL C 400 -18.27 -7.88 8.95
N LEU C 401 -17.86 -6.80 9.60
CA LEU C 401 -16.96 -5.82 9.02
C LEU C 401 -15.50 -6.01 9.43
N LYS C 402 -15.19 -6.99 10.27
CA LYS C 402 -13.84 -7.08 10.82
C LYS C 402 -12.97 -8.19 10.21
N SER D 23 17.58 52.28 28.50
CA SER D 23 17.73 51.04 27.75
C SER D 23 17.22 49.87 28.60
N ALA D 24 16.41 49.02 27.97
CA ALA D 24 15.77 47.96 28.73
C ALA D 24 16.80 46.95 29.20
N PRO D 25 16.56 46.28 30.33
CA PRO D 25 17.39 45.13 30.67
C PRO D 25 17.29 44.10 29.55
N LEU D 26 18.37 43.34 29.38
CA LEU D 26 18.40 42.25 28.43
C LEU D 26 17.30 41.23 28.77
N GLY D 27 16.50 40.87 27.77
CA GLY D 27 15.38 39.98 28.00
C GLY D 27 14.63 39.60 26.73
N PRO D 28 13.56 38.79 26.87
CA PRO D 28 12.83 38.21 25.73
C PRO D 28 11.63 39.06 25.29
N PHE D 29 11.93 40.14 24.57
CA PHE D 29 10.98 41.14 24.10
C PHE D 29 11.71 42.03 23.11
N ASN D 30 10.94 42.75 22.30
CA ASN D 30 11.48 43.79 21.43
C ASN D 30 11.83 44.98 22.32
N ALA D 31 13.12 45.13 22.62
CA ALA D 31 13.52 46.18 23.56
C ALA D 31 13.25 47.58 23.01
N THR D 32 13.35 47.75 21.69
CA THR D 32 13.07 49.05 21.06
C THR D 32 11.64 49.48 21.28
N LEU D 33 10.67 48.59 21.06
CA LEU D 33 9.27 48.96 21.24
C LEU D 33 8.95 49.22 22.70
N LEU D 34 9.53 48.43 23.61
CA LEU D 34 9.22 48.56 25.03
C LEU D 34 9.77 49.86 25.62
N GLU D 35 11.02 50.21 25.28
CA GLU D 35 11.58 51.49 25.72
C GLU D 35 10.75 52.65 25.18
N GLN D 36 10.37 52.57 23.91
CA GLN D 36 9.60 53.64 23.27
C GLN D 36 8.21 53.77 23.90
N LEU D 37 7.58 52.65 24.25
CA LEU D 37 6.31 52.73 24.98
C LEU D 37 6.51 53.41 26.32
N LYS D 38 7.60 53.06 27.04
CA LYS D 38 7.85 53.64 28.35
C LYS D 38 8.17 55.14 28.23
N ASN D 39 8.96 55.52 27.23
CA ASN D 39 9.34 56.92 27.08
C ASN D 39 8.14 57.79 26.71
N ASP D 40 7.28 57.30 25.82
CA ASP D 40 6.06 58.03 25.50
C ASP D 40 5.12 58.10 26.70
N TYR D 41 4.93 56.98 27.41
CA TYR D 41 4.06 56.98 28.59
C TYR D 41 4.55 57.94 29.65
N GLN D 42 5.86 58.04 29.86
CA GLN D 42 6.33 58.94 30.90
C GLN D 42 6.19 60.41 30.51
N LYS D 43 6.16 60.69 29.23
CA LYS D 43 5.94 62.03 28.73
C LYS D 43 4.48 62.42 28.58
N GLY D 44 3.57 61.54 28.98
CA GLY D 44 2.15 61.84 28.86
C GLY D 44 1.64 61.85 27.45
N GLU D 45 2.38 61.27 26.50
CA GLU D 45 1.88 61.13 25.13
C GLU D 45 0.54 60.41 25.13
N LYS D 46 -0.43 60.99 24.42
CA LYS D 46 -1.84 60.63 24.63
C LYS D 46 -2.16 59.22 24.16
N GLU D 47 -1.79 58.86 22.92
CA GLU D 47 -2.14 57.54 22.37
C GLU D 47 -1.55 56.42 23.22
N VAL D 48 -0.29 56.58 23.64
CA VAL D 48 0.36 55.58 24.49
C VAL D 48 -0.29 55.53 25.87
N THR D 49 -0.58 56.69 26.45
CA THR D 49 -1.24 56.72 27.76
C THR D 49 -2.56 55.96 27.72
N ARG D 50 -3.37 56.18 26.67
CA ARG D 50 -4.64 55.48 26.55
C ARG D 50 -4.43 53.98 26.35
N TYR D 51 -3.46 53.61 25.50
CA TYR D 51 -3.15 52.20 25.25
C TYR D 51 -2.69 51.49 26.52
N ILE D 52 -1.77 52.10 27.26
CA ILE D 52 -1.26 51.48 28.48
C ILE D 52 -2.35 51.39 29.53
N GLU D 53 -3.27 52.37 29.57
CA GLU D 53 -4.41 52.28 30.50
C GLU D 53 -5.31 51.10 30.16
N LEU D 54 -5.49 50.81 28.86
CA LEU D 54 -6.19 49.60 28.47
C LEU D 54 -5.45 48.36 28.93
N GLN D 55 -4.13 48.31 28.69
CA GLN D 55 -3.35 47.16 29.17
C GLN D 55 -3.46 47.00 30.68
N GLU D 56 -3.61 48.11 31.42
CA GLU D 56 -3.70 48.02 32.88
C GLU D 56 -5.03 47.40 33.31
N LYS D 57 -6.12 47.70 32.58
CA LYS D 57 -7.40 47.02 32.83
C LYS D 57 -7.31 45.53 32.52
N VAL D 58 -6.70 45.18 31.39
CA VAL D 58 -6.51 43.77 31.05
C VAL D 58 -5.71 43.06 32.13
N ALA D 59 -4.69 43.73 32.67
CA ALA D 59 -3.79 43.12 33.65
C ALA D 59 -4.42 42.92 35.02
N GLU D 60 -5.59 43.50 35.29
CA GLU D 60 -6.13 43.44 36.64
C GLU D 60 -6.42 42.01 37.05
N LYS D 61 -6.87 41.17 36.10
CA LYS D 61 -7.14 39.77 36.40
C LYS D 61 -5.89 39.04 36.90
N TYR D 62 -4.71 39.46 36.46
CA TYR D 62 -3.46 38.83 36.90
C TYR D 62 -3.07 39.30 38.30
N ILE D 63 -3.44 40.52 38.67
CA ILE D 63 -3.22 40.97 40.04
C ILE D 63 -4.00 40.11 41.02
N LYS D 64 -5.24 39.76 40.64
CA LYS D 64 -6.10 38.96 41.50
C LYS D 64 -5.84 37.46 41.40
N MET D 65 -5.23 36.98 40.31
CA MET D 65 -5.19 35.55 40.04
C MET D 65 -4.32 34.82 41.08
N THR D 66 -4.80 33.68 41.56
CA THR D 66 -4.00 32.88 42.49
C THR D 66 -2.80 32.29 41.76
N PRO D 67 -1.57 32.47 42.26
CA PRO D 67 -0.39 31.90 41.56
C PRO D 67 -0.53 30.40 41.38
N LEU D 68 -0.18 29.93 40.19
CA LEU D 68 -0.26 28.52 39.87
C LEU D 68 1.04 27.79 40.20
N SER D 69 0.95 26.46 40.30
CA SER D 69 2.10 25.64 40.59
C SER D 69 2.03 24.33 39.80
N VAL D 70 3.21 23.85 39.38
CA VAL D 70 3.30 22.56 38.71
C VAL D 70 2.87 21.42 39.63
N THR D 71 2.85 21.61 40.95
CA THR D 71 2.45 20.51 41.84
C THR D 71 0.95 20.26 41.88
N ALA D 72 0.14 21.10 41.24
CA ALA D 72 -1.32 20.96 41.34
C ALA D 72 -1.84 19.90 40.36
N LYS D 73 -1.33 18.69 40.53
CA LYS D 73 -1.76 17.57 39.73
C LYS D 73 -2.03 16.39 40.65
N LYS D 74 -2.90 15.49 40.18
CA LYS D 74 -3.22 14.29 40.92
C LYS D 74 -2.29 13.13 40.53
N LYS D 75 -2.19 12.84 39.23
CA LYS D 75 -1.34 11.76 38.74
C LYS D 75 0.12 12.21 38.77
N LEU D 76 0.94 11.51 39.56
CA LEU D 76 2.34 11.88 39.72
C LEU D 76 3.18 11.31 38.58
N PRO D 77 4.35 11.91 38.30
CA PRO D 77 5.25 11.35 37.28
C PRO D 77 6.04 10.19 37.86
N PRO D 78 6.80 9.45 37.03
CA PRO D 78 7.53 8.27 37.53
C PRO D 78 8.50 8.56 38.65
N SER D 79 8.89 9.82 38.86
CA SER D 79 9.74 10.16 39.99
C SER D 79 8.98 10.19 41.30
N LYS D 80 7.65 10.19 41.28
CA LYS D 80 6.79 10.41 42.46
C LYS D 80 6.92 11.81 43.02
N ASP D 81 7.48 12.75 42.25
CA ASP D 81 7.70 14.11 42.72
C ASP D 81 6.72 15.06 42.04
N PRO D 82 5.77 15.64 42.78
CA PRO D 82 4.83 16.58 42.15
C PRO D 82 5.50 17.82 41.59
N ARG D 83 6.73 18.12 41.99
CA ARG D 83 7.44 19.27 41.46
C ARG D 83 8.11 18.99 40.11
N ASP D 84 7.99 17.77 39.58
CA ASP D 84 8.45 17.47 38.21
C ASP D 84 7.38 17.81 37.20
N TYR D 85 7.72 18.71 36.26
CA TYR D 85 6.85 19.00 35.12
C TYR D 85 6.63 17.74 34.29
N MET D 86 5.36 17.46 33.96
CA MET D 86 5.04 16.32 33.11
C MET D 86 3.85 16.63 32.22
N THR D 87 4.00 16.33 30.93
CA THR D 87 2.92 16.45 29.96
C THR D 87 2.94 15.25 29.01
N LEU D 88 1.86 15.12 28.24
CA LEU D 88 1.77 14.13 27.17
C LEU D 88 2.13 14.78 25.84
N SER D 89 2.96 14.10 25.06
CA SER D 89 3.32 14.61 23.73
C SER D 89 2.07 14.65 22.85
N PRO D 90 1.71 15.80 22.28
CA PRO D 90 0.31 16.02 21.88
C PRO D 90 -0.20 15.14 20.74
N TYR D 91 0.69 14.61 19.88
CA TYR D 91 0.23 13.88 18.70
C TYR D 91 0.22 12.38 18.91
N TRP D 92 0.29 11.92 20.17
CA TRP D 92 0.34 10.49 20.49
C TRP D 92 -0.99 10.07 21.12
N TRP D 93 -1.54 8.96 20.63
CA TRP D 93 -2.88 8.48 20.94
C TRP D 93 -2.86 7.02 21.36
N PRO D 94 -3.85 6.59 22.16
CA PRO D 94 -4.01 5.16 22.40
C PRO D 94 -4.23 4.39 21.11
N ASP D 95 -3.67 3.18 21.06
CA ASP D 95 -3.85 2.26 19.94
C ASP D 95 -5.05 1.37 20.25
N SER D 96 -6.17 1.60 19.54
CA SER D 96 -7.40 0.87 19.83
C SER D 96 -7.30 -0.62 19.54
N THR D 97 -6.35 -1.05 18.71
CA THR D 97 -6.14 -2.48 18.44
C THR D 97 -5.33 -3.19 19.52
N LYS D 98 -4.91 -2.51 20.58
CA LYS D 98 -4.29 -3.13 21.73
C LYS D 98 -5.25 -3.10 22.91
N ILE D 99 -5.26 -4.17 23.71
CA ILE D 99 -6.23 -4.28 24.79
C ILE D 99 -6.05 -3.14 25.79
N ASP D 100 -4.81 -2.75 26.08
CA ASP D 100 -4.60 -1.61 26.97
C ASP D 100 -4.25 -0.32 26.21
N GLY D 101 -4.29 -0.33 24.88
CA GLY D 101 -4.01 0.87 24.12
C GLY D 101 -2.55 1.21 23.96
N LEU D 102 -1.64 0.36 24.46
CA LEU D 102 -0.21 0.59 24.53
C LEU D 102 0.52 -0.21 23.45
N PRO D 103 1.61 0.32 22.89
CA PRO D 103 2.14 1.67 23.10
C PRO D 103 1.35 2.68 22.29
N TYR D 104 1.32 3.93 22.72
CA TYR D 104 0.66 4.98 21.95
C TYR D 104 1.27 5.08 20.56
N ILE D 105 0.47 5.59 19.63
CA ILE D 105 0.87 5.75 18.25
C ILE D 105 0.73 7.21 17.85
N ARG D 106 1.47 7.60 16.82
CA ARG D 106 1.59 9.00 16.45
C ARG D 106 0.63 9.34 15.32
N LYS D 107 -0.11 10.44 15.47
CA LYS D 107 -0.92 11.01 14.40
C LYS D 107 -0.51 12.48 14.25
N ASP D 108 0.44 12.74 13.36
CA ASP D 108 1.03 14.07 13.27
C ASP D 108 -0.04 15.13 12.98
N GLY D 109 -0.04 16.19 13.80
CA GLY D 109 -0.94 17.31 13.61
C GLY D 109 -2.31 17.14 14.25
N GLU D 110 -2.60 15.98 14.83
CA GLU D 110 -3.88 15.72 15.48
C GLU D 110 -3.66 15.65 16.98
N ARG D 111 -4.12 16.67 17.68
CA ARG D 111 -3.84 16.82 19.10
C ARG D 111 -4.74 15.87 19.90
N ASN D 112 -4.13 14.99 20.68
CA ASN D 112 -4.87 14.10 21.58
C ASN D 112 -5.45 14.90 22.74
N PRO D 113 -6.79 14.96 22.89
CA PRO D 113 -7.37 15.73 24.01
C PRO D 113 -6.92 15.27 25.39
N GLU D 114 -6.34 14.07 25.50
CA GLU D 114 -5.73 13.65 26.74
C GLU D 114 -4.66 14.61 27.25
N VAL D 115 -4.14 15.50 26.40
CA VAL D 115 -3.12 16.44 26.88
C VAL D 115 -3.67 17.27 28.03
N TYR D 116 -4.97 17.55 28.02
CA TYR D 116 -5.57 18.42 29.04
C TYR D 116 -5.75 17.71 30.37
N GLU D 117 -5.41 16.42 30.46
CA GLU D 117 -5.37 15.70 31.74
C GLU D 117 -4.13 15.99 32.55
N TYR D 118 -3.14 16.67 31.97
CA TYR D 118 -1.89 17.07 32.64
C TYR D 118 -1.95 18.56 32.92
N PRO D 119 -2.21 18.98 34.17
CA PRO D 119 -2.57 20.38 34.42
C PRO D 119 -1.49 21.39 34.04
N GLU D 120 -0.20 21.04 34.11
CA GLU D 120 0.82 22.04 33.81
C GLU D 120 0.87 22.43 32.33
N ARG D 121 0.28 21.65 31.42
CA ARG D 121 0.29 22.06 30.02
C ARG D 121 -0.32 23.44 29.87
N GLU D 122 -1.56 23.63 30.34
CA GLU D 122 -2.20 24.94 30.23
C GLU D 122 -1.80 25.88 31.36
N ASN D 123 -1.43 25.33 32.52
CA ASN D 123 -1.05 26.18 33.64
C ASN D 123 0.28 26.87 33.41
N ALA D 124 1.24 26.21 32.78
CA ALA D 124 2.49 26.88 32.43
C ALA D 124 2.22 28.07 31.53
N ASN D 125 1.27 27.89 30.63
CA ASN D 125 0.83 28.95 29.72
C ASN D 125 0.16 30.11 30.48
N ARG D 126 -0.74 29.79 31.41
CA ARG D 126 -1.39 30.85 32.19
C ARG D 126 -0.40 31.59 33.10
N PHE D 127 0.46 30.85 33.80
CA PHE D 127 1.50 31.50 34.60
C PHE D 127 2.37 32.41 33.74
N GLY D 128 2.87 31.88 32.60
CA GLY D 128 3.72 32.66 31.73
C GLY D 128 3.06 33.93 31.23
N ASP D 129 1.78 33.84 30.84
CA ASP D 129 1.05 35.03 30.44
C ASP D 129 0.99 36.06 31.57
N ALA D 130 0.61 35.62 32.78
CA ALA D 130 0.49 36.53 33.91
C ALA D 130 1.81 37.23 34.24
N ALA D 131 2.89 36.45 34.36
CA ALA D 131 4.17 37.03 34.72
C ALA D 131 4.69 37.95 33.62
N TYR D 132 4.49 37.58 32.35
CA TYR D 132 4.93 38.42 31.24
C TYR D 132 4.19 39.75 31.23
N CYS D 133 2.85 39.70 31.29
CA CYS D 133 2.08 40.95 31.31
C CYS D 133 2.45 41.82 32.49
N LEU D 134 2.56 41.23 33.70
CA LEU D 134 2.83 42.04 34.88
C LEU D 134 4.22 42.66 34.86
N GLY D 135 5.25 41.87 34.53
CA GLY D 135 6.60 42.42 34.49
C GLY D 135 6.74 43.55 33.47
N VAL D 136 6.18 43.37 32.28
CA VAL D 136 6.24 44.42 31.25
C VAL D 136 5.53 45.67 31.72
N LEU D 137 4.36 45.51 32.35
CA LEU D 137 3.64 46.70 32.82
C LEU D 137 4.39 47.38 33.97
N TYR D 138 5.05 46.61 34.83
CA TYR D 138 5.92 47.27 35.81
C TYR D 138 7.02 48.07 35.12
N TYR D 139 7.60 47.52 34.04
CA TYR D 139 8.65 48.25 33.34
C TYR D 139 8.12 49.53 32.71
N ILE D 140 6.92 49.49 32.13
CA ILE D 140 6.42 50.67 31.43
C ILE D 140 5.95 51.73 32.41
N THR D 141 5.21 51.34 33.45
CA THR D 141 4.57 52.30 34.33
C THR D 141 5.35 52.57 35.61
N GLY D 142 6.22 51.65 36.02
CA GLY D 142 6.86 51.77 37.31
C GLY D 142 5.99 51.58 38.53
N LYS D 143 4.73 51.17 38.38
CA LYS D 143 3.82 51.03 39.51
C LYS D 143 4.12 49.73 40.27
N GLU D 144 4.45 49.86 41.55
CA GLU D 144 4.94 48.74 42.36
C GLU D 144 3.95 47.58 42.38
N VAL D 145 2.65 47.85 42.22
CA VAL D 145 1.66 46.79 42.31
C VAL D 145 1.89 45.72 41.25
N TYR D 146 2.44 46.09 40.09
CA TYR D 146 2.69 45.10 39.05
C TYR D 146 3.91 44.25 39.39
N ALA D 147 4.96 44.85 39.96
CA ALA D 147 6.11 44.08 40.42
C ALA D 147 5.75 43.14 41.56
N LYS D 148 4.89 43.60 42.47
CA LYS D 148 4.48 42.76 43.59
C LYS D 148 3.73 41.53 43.12
N ALA D 149 2.76 41.71 42.20
CA ALA D 149 2.04 40.57 41.67
C ALA D 149 2.96 39.68 40.81
N CYS D 150 3.78 40.28 39.94
CA CYS D 150 4.71 39.50 39.14
C CYS D 150 5.59 38.62 40.03
N ALA D 151 6.12 39.21 41.10
CA ALA D 151 6.97 38.48 42.02
C ALA D 151 6.23 37.31 42.66
N ASN D 152 4.96 37.50 43.04
CA ASN D 152 4.22 36.42 43.66
C ASN D 152 4.07 35.22 42.73
N HIS D 153 3.80 35.48 41.43
CA HIS D 153 3.72 34.39 40.47
C HIS D 153 5.09 33.73 40.27
N LEU D 154 6.14 34.54 40.12
CA LEU D 154 7.48 33.98 39.92
C LEU D 154 7.90 33.08 41.08
N ARG D 155 7.71 33.55 42.31
CA ARG D 155 8.11 32.78 43.49
C ARG D 155 7.43 31.42 43.51
N THR D 156 6.12 31.39 43.25
CA THR D 156 5.36 30.16 43.37
C THR D 156 5.73 29.16 42.29
N TRP D 157 5.91 29.63 41.04
CA TRP D 157 6.18 28.70 39.94
C TRP D 157 7.60 28.16 39.98
N PHE D 158 8.57 29.00 40.33
CA PHE D 158 9.99 28.67 40.18
C PHE D 158 10.66 28.23 41.48
N THR D 159 10.67 29.10 42.52
CA THR D 159 11.61 28.98 43.64
C THR D 159 11.00 28.48 44.95
N ASP D 160 9.67 28.46 45.09
CA ASP D 160 9.07 28.02 46.36
C ASP D 160 9.51 26.60 46.70
N PRO D 161 9.95 26.35 47.94
CA PRO D 161 10.52 25.03 48.28
C PRO D 161 9.51 23.88 48.25
N LYS D 162 8.21 24.17 48.30
CA LYS D 162 7.17 23.15 48.16
C LYS D 162 6.43 23.24 46.83
N LEU D 163 6.18 24.44 46.31
CA LEU D 163 5.33 24.62 45.15
C LEU D 163 6.11 24.84 43.85
N GLY D 164 7.39 25.22 43.93
CA GLY D 164 8.15 25.53 42.72
C GLY D 164 8.56 24.27 41.97
N MET D 165 8.66 24.39 40.65
CA MET D 165 9.02 23.24 39.82
C MET D 165 10.50 22.92 39.95
N ASN D 166 10.82 21.62 39.87
CA ASN D 166 12.22 21.23 39.79
C ASN D 166 12.83 21.73 38.47
N PRO D 167 14.09 22.20 38.48
CA PRO D 167 14.68 22.75 37.23
C PRO D 167 15.10 21.66 36.25
N ASN D 168 14.11 20.95 35.69
CA ASN D 168 14.36 19.94 34.66
C ASN D 168 13.14 19.79 33.76
N MET D 169 13.31 19.07 32.66
CA MET D 169 12.16 18.76 31.81
C MET D 169 12.12 17.29 31.48
N THR D 170 12.48 16.47 32.46
CA THR D 170 12.62 15.04 32.27
C THR D 170 11.32 14.39 31.80
N TYR D 171 10.18 14.81 32.33
CA TYR D 171 8.92 14.14 32.02
C TYR D 171 8.03 14.95 31.10
N ALA D 172 8.59 15.97 30.46
CA ALA D 172 7.86 16.78 29.50
C ALA D 172 7.62 15.99 28.22
N GLN D 173 6.37 16.07 27.72
CA GLN D 173 5.89 15.31 26.54
C GLN D 173 6.30 13.83 26.59
N ALA D 174 6.06 13.22 27.75
CA ALA D 174 6.14 11.77 27.82
C ALA D 174 5.03 11.15 26.97
N VAL D 175 5.26 9.91 26.53
CA VAL D 175 4.22 9.18 25.79
C VAL D 175 4.11 7.76 26.32
N PRO D 176 2.92 7.33 26.72
CA PRO D 176 2.72 6.00 27.31
C PRO D 176 3.21 4.88 26.41
N GLY D 177 3.95 3.94 27.01
CA GLY D 177 4.44 2.77 26.31
C GLY D 177 5.71 2.97 25.52
N MET D 178 6.17 4.21 25.38
CA MET D 178 7.39 4.46 24.62
C MET D 178 8.59 4.02 25.46
N LYS D 179 9.51 3.29 24.85
CA LYS D 179 10.64 2.71 25.59
C LYS D 179 11.83 3.65 25.71
N LYS D 180 12.09 4.48 24.70
CA LYS D 180 13.23 5.37 24.70
C LYS D 180 12.89 6.75 25.29
N MET D 181 13.88 7.33 25.95
CA MET D 181 13.84 8.72 26.41
C MET D 181 13.88 9.68 25.21
N ARG D 182 13.09 10.75 25.28
CA ARG D 182 13.17 11.80 24.26
C ARG D 182 13.34 13.16 24.92
N GLY D 183 13.98 14.08 24.20
CA GLY D 183 14.11 15.48 24.57
C GLY D 183 13.04 16.36 23.96
N SER D 184 12.06 15.77 23.26
CA SER D 184 11.08 16.55 22.50
C SER D 184 10.26 17.48 23.37
N GLY D 185 10.00 17.12 24.63
CA GLY D 185 9.16 17.94 25.48
C GLY D 185 9.81 19.20 25.99
N PHE D 186 11.11 19.38 25.75
CA PHE D 186 11.77 20.59 26.22
C PHE D 186 11.15 21.85 25.61
N ILE D 187 10.59 21.72 24.40
CA ILE D 187 10.00 22.85 23.71
C ILE D 187 8.88 23.48 24.52
N ASP D 188 8.25 22.70 25.43
CA ASP D 188 7.29 23.23 26.40
C ASP D 188 7.87 24.34 27.28
N SER D 189 9.20 24.43 27.40
CA SER D 189 9.79 25.39 28.33
C SER D 189 9.54 26.83 27.93
N ARG D 190 9.22 27.10 26.67
CA ARG D 190 9.06 28.47 26.20
C ARG D 190 7.88 29.16 26.88
N ARG D 191 6.91 28.40 27.37
CA ARG D 191 5.79 29.00 28.07
C ARG D 191 6.25 29.70 29.35
N PHE D 192 7.23 29.13 30.05
CA PHE D 192 7.68 29.78 31.27
C PHE D 192 9.03 30.46 31.16
N SER D 193 9.82 30.18 30.12
CA SER D 193 11.13 30.81 30.03
C SER D 193 11.02 32.28 29.62
N ARG D 194 9.96 32.67 28.92
CA ARG D 194 9.74 34.10 28.72
C ARG D 194 9.44 34.77 30.06
N ALA D 195 8.75 34.07 30.96
CA ALA D 195 8.46 34.63 32.27
C ALA D 195 9.74 34.77 33.10
N LEU D 196 10.64 33.78 33.01
CA LEU D 196 11.94 33.87 33.68
C LEU D 196 12.70 35.11 33.23
N GLY D 197 12.73 35.38 31.93
CA GLY D 197 13.45 36.53 31.43
C GLY D 197 12.87 37.84 31.90
N VAL D 198 11.54 37.93 31.98
CA VAL D 198 10.88 39.16 32.40
C VAL D 198 11.16 39.49 33.87
N ALA D 199 11.54 38.52 34.69
CA ALA D 199 11.89 38.81 36.08
C ALA D 199 12.99 39.86 36.19
N LYS D 200 13.87 39.96 35.17
CA LYS D 200 14.87 41.01 35.15
C LYS D 200 14.24 42.39 35.22
N LEU D 201 13.04 42.54 34.64
CA LEU D 201 12.42 43.86 34.61
C LEU D 201 11.98 44.33 36.00
N ILE D 202 11.71 43.40 36.92
CA ILE D 202 11.25 43.79 38.25
C ILE D 202 12.35 43.78 39.28
N GLU D 203 13.58 43.50 38.87
CA GLU D 203 14.70 43.73 39.78
C GLU D 203 14.82 45.22 40.08
N GLY D 204 15.07 45.55 41.35
CA GLY D 204 15.10 46.93 41.77
C GLY D 204 13.80 47.45 42.32
N SER D 205 12.69 46.73 42.11
CA SER D 205 11.43 47.04 42.79
C SER D 205 11.54 46.70 44.28
N LYS D 206 10.60 47.25 45.07
CA LYS D 206 10.56 46.93 46.50
C LYS D 206 10.19 45.47 46.70
N SER D 207 9.36 44.92 45.81
CA SER D 207 8.77 43.60 46.03
C SER D 207 9.76 42.47 45.76
N TRP D 208 10.66 42.64 44.79
CA TRP D 208 11.61 41.59 44.41
C TRP D 208 12.91 41.82 45.18
N THR D 209 13.10 41.05 46.27
CA THR D 209 14.20 41.27 47.20
C THR D 209 15.48 40.61 46.70
N PRO D 210 16.65 40.98 47.25
CA PRO D 210 17.89 40.28 46.87
C PRO D 210 17.82 38.79 47.13
N SER D 211 17.12 38.39 48.18
CA SER D 211 16.91 36.97 48.44
C SER D 211 16.07 36.30 47.34
N ASP D 212 15.01 36.98 46.86
CA ASP D 212 14.21 36.47 45.74
C ASP D 212 15.07 36.26 44.50
N LYS D 213 15.84 37.28 44.12
CA LYS D 213 16.72 37.22 42.96
C LYS D 213 17.75 36.10 43.08
N LYS D 214 18.35 35.93 44.27
CA LYS D 214 19.35 34.89 44.45
C LYS D 214 18.76 33.52 44.21
N LYS D 215 17.56 33.27 44.75
CA LYS D 215 16.90 31.98 44.56
C LYS D 215 16.57 31.73 43.08
N LEU D 216 16.10 32.75 42.36
CA LEU D 216 15.78 32.56 40.94
C LEU D 216 17.06 32.43 40.11
N ASP D 217 18.10 33.17 40.47
CA ASP D 217 19.40 32.98 39.85
C ASP D 217 19.88 31.54 40.00
N ASP D 218 19.75 30.97 41.21
CA ASP D 218 20.18 29.59 41.45
C ASP D 218 19.31 28.60 40.69
N TRP D 219 17.98 28.84 40.66
CA TRP D 219 17.09 27.99 39.86
C TRP D 219 17.48 28.02 38.38
N ALA D 220 17.63 29.21 37.81
CA ALA D 220 17.98 29.34 36.40
C ALA D 220 19.34 28.71 36.11
N THR D 221 20.29 28.83 37.04
CA THR D 221 21.58 28.18 36.88
C THR D 221 21.43 26.65 36.82
N ALA D 222 20.61 26.07 37.69
CA ALA D 222 20.38 24.62 37.63
C ALA D 222 19.61 24.22 36.36
N PHE D 223 18.62 25.03 35.95
CA PHE D 223 17.90 24.69 34.72
C PHE D 223 18.84 24.77 33.51
N CYS D 224 19.70 25.80 33.48
CA CYS D 224 20.68 25.92 32.41
C CYS D 224 21.61 24.72 32.40
N TYR D 225 22.08 24.30 33.57
CA TYR D 225 22.91 23.10 33.65
C TYR D 225 22.17 21.88 33.11
N TRP D 226 20.91 21.69 33.53
CA TRP D 226 20.14 20.54 33.07
C TRP D 226 19.95 20.58 31.56
N MET D 227 19.56 21.73 30.99
CA MET D 227 19.32 21.79 29.54
C MET D 227 20.59 21.62 28.73
N GLU D 228 21.76 21.98 29.29
CA GLU D 228 23.00 21.83 28.57
C GLU D 228 23.65 20.47 28.73
N ASN D 229 23.50 19.79 29.87
CA ASN D 229 24.25 18.58 30.13
C ASN D 229 23.42 17.29 30.21
N SER D 230 22.12 17.36 30.49
CA SER D 230 21.34 16.14 30.48
C SER D 230 21.25 15.57 29.06
N THR D 231 21.10 14.25 28.99
CA THR D 231 20.99 13.61 27.68
C THR D 231 19.83 14.19 26.88
N GLN D 232 18.70 14.46 27.54
CA GLN D 232 17.56 15.02 26.81
C GLN D 232 17.86 16.40 26.29
N GLY D 233 18.48 17.26 27.10
CA GLY D 233 18.88 18.57 26.64
C GLY D 233 19.85 18.52 25.47
N GLN D 234 20.85 17.63 25.55
CA GLN D 234 21.82 17.48 24.46
C GLN D 234 21.13 17.09 23.16
N ARG D 235 20.27 16.06 23.21
CA ARG D 235 19.56 15.58 22.03
C ARG D 235 18.69 16.67 21.42
N GLU D 236 17.92 17.38 22.26
CA GLU D 236 17.10 18.47 21.74
C GLU D 236 17.95 19.58 21.14
N SER D 237 19.14 19.85 21.72
CA SER D 237 20.01 20.86 21.13
C SER D 237 20.52 20.48 19.74
N HIS D 238 20.49 19.21 19.37
CA HIS D 238 20.92 18.78 18.03
C HIS D 238 19.76 18.46 17.11
N ALA D 239 18.52 18.75 17.50
CA ALA D 239 17.38 18.41 16.66
C ALA D 239 17.46 19.14 15.33
N ALA D 240 17.11 18.44 14.24
CA ALA D 240 17.29 18.97 12.90
C ALA D 240 16.15 19.85 12.40
N ASN D 241 15.13 20.11 13.22
CA ASN D 241 14.01 20.94 12.78
C ASN D 241 13.80 22.05 13.80
N ASN D 242 12.56 22.58 13.85
CA ASN D 242 12.26 23.72 14.73
C ASN D 242 12.50 23.41 16.21
N HIS D 243 12.58 22.13 16.60
CA HIS D 243 12.93 21.82 17.99
C HIS D 243 14.31 22.36 18.36
N GLY D 244 15.26 22.28 17.41
CA GLY D 244 16.59 22.80 17.67
C GLY D 244 16.63 24.31 17.72
N LEU D 245 15.85 24.98 16.87
CA LEU D 245 15.75 26.43 16.90
C LEU D 245 15.09 26.91 18.20
N TRP D 246 13.98 26.28 18.61
CA TRP D 246 13.32 26.68 19.85
C TRP D 246 14.18 26.38 21.06
N TYR D 247 14.91 25.26 21.02
CA TYR D 247 15.85 24.97 22.09
C TYR D 247 16.79 26.14 22.30
N GLU D 248 17.31 26.72 21.20
CA GLU D 248 18.23 27.83 21.38
C GLU D 248 17.54 29.13 21.75
N ALA D 249 16.31 29.36 21.29
CA ALA D 249 15.58 30.54 21.79
C ALA D 249 15.35 30.44 23.30
N ILE D 250 14.95 29.26 23.79
CA ILE D 250 14.80 29.07 25.24
C ILE D 250 16.15 29.25 25.94
N HIS D 251 17.20 28.66 25.37
CA HIS D 251 18.55 28.80 25.90
C HIS D 251 18.93 30.27 26.07
N LEU D 252 18.68 31.07 25.04
CA LEU D 252 19.02 32.49 25.10
C LEU D 252 18.23 33.22 26.17
N MET D 253 16.96 32.83 26.39
CA MET D 253 16.14 33.45 27.44
C MET D 253 16.77 33.22 28.80
N VAL D 254 17.21 31.97 29.06
CA VAL D 254 17.90 31.62 30.29
C VAL D 254 19.23 32.37 30.40
N LEU D 255 19.98 32.44 29.30
CA LEU D 255 21.29 33.09 29.34
C LEU D 255 21.15 34.60 29.50
N ALA D 256 20.17 35.21 28.83
CA ALA D 256 19.91 36.63 29.06
C ALA D 256 19.51 36.88 30.51
N TYR D 257 18.69 35.98 31.07
CA TYR D 257 18.36 36.14 32.48
C TYR D 257 19.61 36.11 33.35
N LEU D 258 20.56 35.24 33.03
CA LEU D 258 21.79 35.12 33.81
C LEU D 258 22.89 36.12 33.39
N ASP D 259 22.63 37.01 32.42
CA ASP D 259 23.62 38.03 31.99
C ASP D 259 24.88 37.44 31.37
N ARG D 260 24.79 36.26 30.78
CA ARG D 260 25.94 35.64 30.11
C ARG D 260 25.92 36.11 28.65
N THR D 261 26.34 37.36 28.44
CA THR D 261 26.32 37.90 27.08
C THR D 261 27.32 37.16 26.20
N ASP D 262 28.41 36.65 26.77
CA ASP D 262 29.38 35.87 26.02
C ASP D 262 28.75 34.57 25.50
N ARG D 263 27.93 33.92 26.32
CA ARG D 263 27.26 32.70 25.88
C ARG D 263 26.18 32.99 24.84
N ILE D 264 25.48 34.13 24.98
CA ILE D 264 24.48 34.49 23.98
C ILE D 264 25.15 34.60 22.60
N ARG D 265 26.29 35.32 22.55
CA ARG D 265 27.04 35.46 21.32
C ARG D 265 27.49 34.11 20.78
N GLU D 266 28.01 33.24 21.65
CA GLU D 266 28.48 31.92 21.22
C GLU D 266 27.32 31.10 20.64
N VAL D 267 26.15 31.11 21.29
CA VAL D 267 25.01 30.31 20.81
C VAL D 267 24.54 30.80 19.44
N ALA D 268 24.48 32.12 19.26
CA ALA D 268 23.98 32.69 18.01
C ALA D 268 24.90 32.35 16.84
N GLU D 269 26.20 32.55 17.01
CA GLU D 269 27.15 32.34 15.92
C GLU D 269 27.48 30.86 15.72
N GLN D 270 27.52 30.07 16.79
CA GLN D 270 27.99 28.68 16.72
C GLN D 270 26.87 27.67 16.70
N SER D 271 25.64 28.07 17.03
CA SER D 271 24.55 27.10 17.04
C SER D 271 23.37 27.53 16.17
N ILE D 272 22.86 28.74 16.40
CA ILE D 272 21.67 29.20 15.68
C ILE D 272 21.96 29.36 14.19
N LEU D 273 22.98 30.14 13.85
CA LEU D 273 23.28 30.36 12.43
C LEU D 273 23.65 29.08 11.68
N PRO D 274 24.48 28.17 12.21
CA PRO D 274 24.63 26.86 11.54
C PRO D 274 23.31 26.12 11.37
N LYS D 275 22.41 26.22 12.35
CA LYS D 275 21.11 25.56 12.23
C LYS D 275 20.32 26.13 11.05
N MET D 276 20.23 27.46 10.96
CA MET D 276 19.59 28.09 9.82
C MET D 276 20.25 27.67 8.52
N GLY D 277 21.58 27.55 8.53
CA GLY D 277 22.29 27.17 7.33
C GLY D 277 21.99 25.77 6.89
N ALA D 278 21.71 24.88 7.84
CA ALA D 278 21.31 23.52 7.47
C ALA D 278 19.82 23.39 7.15
N GLN D 279 18.96 24.27 7.68
CA GLN D 279 17.53 24.05 7.56
C GLN D 279 16.86 24.78 6.41
N ILE D 280 17.52 25.76 5.79
CA ILE D 280 16.99 26.54 4.68
C ILE D 280 17.50 25.92 3.37
N ALA D 281 16.58 25.57 2.47
CA ALA D 281 16.91 25.04 1.15
C ALA D 281 17.18 26.16 0.15
N ASP D 282 17.56 25.77 -1.08
CA ASP D 282 17.95 26.76 -2.09
C ASP D 282 16.81 27.70 -2.47
N ASP D 283 15.57 27.21 -2.43
CA ASP D 283 14.43 28.06 -2.77
C ASP D 283 13.90 28.83 -1.57
N GLY D 284 14.57 28.73 -0.42
CA GLY D 284 14.13 29.41 0.79
C GLY D 284 13.16 28.62 1.65
N SER D 285 12.72 27.45 1.21
CA SER D 285 11.83 26.63 2.00
C SER D 285 12.58 25.93 3.14
N LEU D 286 11.82 25.48 4.15
CA LEU D 286 12.37 24.74 5.28
C LEU D 286 11.94 23.29 5.11
N PRO D 287 12.73 22.46 4.44
CA PRO D 287 12.26 21.10 4.11
C PRO D 287 11.83 20.30 5.33
N GLN D 288 12.47 20.48 6.49
CA GLN D 288 12.06 19.75 7.68
C GLN D 288 10.63 20.09 8.10
N GLU D 289 10.19 21.32 7.85
CA GLU D 289 8.82 21.65 8.20
C GLU D 289 7.85 21.22 7.12
N LEU D 290 8.31 21.14 5.88
CA LEU D 290 7.46 20.73 4.77
C LEU D 290 6.98 19.28 4.87
N LYS D 291 7.69 18.42 5.61
CA LYS D 291 7.21 17.04 5.69
C LYS D 291 6.12 16.85 6.75
N ARG D 292 5.67 17.90 7.41
CA ARG D 292 4.66 17.77 8.46
C ARG D 292 3.27 17.92 7.89
N THR D 293 2.29 17.41 8.64
CA THR D 293 0.90 17.57 8.22
C THR D 293 0.41 19.01 8.40
N LEU D 294 1.10 19.83 9.19
CA LEU D 294 0.81 21.25 9.32
C LEU D 294 2.04 22.06 8.88
N SER D 295 2.38 21.96 7.59
CA SER D 295 3.69 22.42 7.13
C SER D 295 3.78 23.94 7.07
N LEU D 296 2.68 24.63 6.77
CA LEU D 296 2.73 26.08 6.82
C LEU D 296 2.81 26.55 8.26
N HIS D 297 2.15 25.85 9.17
CA HIS D 297 2.22 26.18 10.58
C HIS D 297 3.64 26.00 11.12
N TYR D 298 4.26 24.87 10.82
CA TYR D 298 5.56 24.59 11.41
C TYR D 298 6.68 25.37 10.74
N SER D 299 6.52 25.73 9.45
CA SER D 299 7.45 26.65 8.83
C SER D 299 7.42 28.01 9.54
N THR D 300 6.23 28.49 9.86
CA THR D 300 6.08 29.72 10.62
C THR D 300 6.61 29.56 12.04
N PHE D 301 6.35 28.41 12.66
CA PHE D 301 6.79 28.17 14.04
C PHE D 301 8.32 28.15 14.12
N ALA D 302 8.98 27.59 13.10
CA ALA D 302 10.45 27.65 13.02
C ALA D 302 10.95 29.07 12.94
N LEU D 303 10.29 29.92 12.14
CA LEU D 303 10.69 31.32 12.05
C LEU D 303 10.34 32.10 13.32
N GLU D 304 9.26 31.73 14.02
CA GLU D 304 8.95 32.37 15.30
C GLU D 304 10.01 32.08 16.36
N ALA D 305 10.59 30.86 16.34
CA ALA D 305 11.72 30.58 17.24
C ALA D 305 12.87 31.52 16.94
N LEU D 306 13.18 31.72 15.68
CA LEU D 306 14.28 32.61 15.31
C LEU D 306 13.94 34.05 15.68
N MET D 307 12.68 34.43 15.53
CA MET D 307 12.24 35.78 15.89
C MET D 307 12.49 36.08 17.37
N GLU D 308 12.15 35.13 18.24
CA GLU D 308 12.36 35.37 19.68
C GLU D 308 13.85 35.31 20.04
N ALA D 309 14.61 34.43 19.38
CA ALA D 309 16.06 34.43 19.54
C ALA D 309 16.65 35.78 19.14
N ASN D 310 16.22 36.32 18.00
CA ASN D 310 16.77 37.57 17.51
C ASN D 310 16.42 38.75 18.40
N GLN D 311 15.23 38.74 19.02
CA GLN D 311 14.92 39.81 19.97
C GLN D 311 16.03 39.96 21.02
N ILE D 312 16.63 38.84 21.42
CA ILE D 312 17.68 38.86 22.42
C ILE D 312 19.05 39.15 21.80
N THR D 313 19.40 38.43 20.74
CA THR D 313 20.70 38.61 20.10
C THR D 313 20.87 40.02 19.54
N SER D 314 19.79 40.60 19.02
CA SER D 314 19.90 41.97 18.52
C SER D 314 20.16 42.95 19.65
N GLN D 315 19.88 42.57 20.89
CA GLN D 315 20.24 43.44 22.01
C GLN D 315 21.73 43.48 22.27
N ILE D 316 22.50 42.55 21.69
CA ILE D 316 23.95 42.60 21.78
C ILE D 316 24.59 42.75 20.40
N GLY D 317 23.81 43.25 19.43
CA GLY D 317 24.36 43.63 18.13
C GLY D 317 24.40 42.53 17.08
N ILE D 318 23.66 41.44 17.26
CA ILE D 318 23.64 40.34 16.30
C ILE D 318 22.25 40.23 15.70
N ASN D 319 22.14 40.53 14.40
CA ASN D 319 20.86 40.51 13.69
C ASN D 319 20.76 39.15 13.01
N LEU D 320 19.90 38.27 13.55
CA LEU D 320 19.78 36.91 13.01
C LEU D 320 19.02 36.86 11.69
N TRP D 321 18.25 37.91 11.38
CA TRP D 321 17.48 37.90 10.14
C TRP D 321 18.37 38.12 8.92
N SER D 322 19.41 38.95 9.06
CA SER D 322 20.25 39.37 7.95
C SER D 322 21.68 38.82 8.00
N THR D 323 22.12 38.23 9.11
CA THR D 323 23.46 37.63 9.14
C THR D 323 23.42 36.26 8.46
N PRO D 324 24.15 36.06 7.37
CA PRO D 324 24.15 34.74 6.73
C PRO D 324 24.91 33.71 7.53
N ALA D 325 24.52 32.45 7.36
CA ALA D 325 25.33 31.37 7.87
C ALA D 325 26.62 31.27 7.05
N SER D 326 27.52 30.39 7.51
CA SER D 326 28.78 30.17 6.81
C SER D 326 28.60 29.78 5.36
N ASN D 327 27.51 29.08 5.02
CA ASN D 327 27.30 28.60 3.66
C ASN D 327 26.51 29.60 2.82
N GLY D 328 26.32 30.82 3.30
CA GLY D 328 25.61 31.84 2.56
C GLY D 328 24.11 31.85 2.74
N LYS D 329 23.52 30.82 3.34
CA LYS D 329 22.08 30.84 3.60
C LYS D 329 21.78 31.86 4.70
N VAL D 330 20.65 32.56 4.58
CA VAL D 330 20.27 33.61 5.51
C VAL D 330 18.75 33.56 5.75
N ALA D 331 18.35 33.83 7.00
CA ALA D 331 16.95 33.61 7.40
C ALA D 331 15.98 34.43 6.57
N SER D 332 16.43 35.60 6.07
CA SER D 332 15.61 36.42 5.19
C SER D 332 15.08 35.66 3.98
N GLN D 333 15.85 34.68 3.49
CA GLN D 333 15.39 33.89 2.35
C GLN D 333 14.15 33.07 2.71
N ALA D 334 14.05 32.63 3.98
CA ALA D 334 12.93 31.82 4.40
C ALA D 334 11.67 32.65 4.57
N VAL D 335 11.79 33.88 5.07
CA VAL D 335 10.63 34.77 5.10
C VAL D 335 10.13 35.05 3.70
N ASP D 336 11.06 35.28 2.77
CA ASP D 336 10.70 35.62 1.39
C ASP D 336 9.97 34.47 0.73
N TYR D 337 10.42 33.23 0.97
CA TYR D 337 9.70 32.09 0.44
C TYR D 337 8.26 32.05 0.95
N LEU D 338 8.05 32.35 2.23
CA LEU D 338 6.73 32.23 2.84
C LEU D 338 5.84 33.44 2.62
N TYR D 339 6.41 34.61 2.32
CA TYR D 339 5.63 35.86 2.26
C TYR D 339 4.39 35.78 1.38
N PRO D 340 4.46 35.28 0.14
CA PRO D 340 3.23 35.24 -0.67
C PRO D 340 2.16 34.36 -0.05
N PHE D 341 2.55 33.30 0.65
CA PHE D 341 1.57 32.44 1.31
C PHE D 341 1.02 33.06 2.59
N TYR D 342 1.74 34.01 3.21
CA TYR D 342 1.10 34.80 4.25
C TYR D 342 0.04 35.73 3.65
N LEU D 343 0.29 36.23 2.44
CA LEU D 343 -0.74 36.99 1.73
C LEU D 343 -1.92 36.12 1.36
N ASN D 344 -1.67 34.93 0.80
CA ASN D 344 -2.72 34.01 0.36
C ASN D 344 -2.41 32.58 0.83
N PRO D 345 -2.79 32.25 2.07
CA PRO D 345 -2.51 30.89 2.58
C PRO D 345 -3.15 29.79 1.75
N GLU D 346 -4.24 30.11 1.04
CA GLU D 346 -4.92 29.10 0.22
C GLU D 346 -4.03 28.60 -0.91
N ASP D 347 -3.02 29.38 -1.32
CA ASP D 347 -2.11 28.92 -2.37
C ASP D 347 -1.09 27.90 -1.88
N TRP D 348 -1.02 27.62 -0.58
CA TRP D 348 0.01 26.72 -0.05
C TRP D 348 -0.13 25.32 -0.64
N LYS D 349 0.99 24.77 -1.12
CA LYS D 349 1.00 23.51 -1.86
C LYS D 349 1.48 22.30 -1.07
N PHE D 350 1.75 22.44 0.22
CA PHE D 350 2.14 21.27 1.01
C PHE D 350 1.05 21.02 2.04
N LYS D 351 1.15 19.90 2.73
CA LYS D 351 0.08 19.48 3.61
C LYS D 351 -0.15 20.47 4.75
N GLN D 352 -1.42 20.82 4.96
CA GLN D 352 -1.82 21.72 6.04
C GLN D 352 -3.26 21.33 6.39
N ILE D 353 -3.40 20.40 7.36
CA ILE D 353 -4.68 19.70 7.57
C ILE D 353 -5.63 20.42 8.51
N LYS D 354 -5.25 21.62 8.93
CA LYS D 354 -6.14 22.55 9.58
C LYS D 354 -5.84 23.91 8.97
N PRO D 355 -6.80 24.82 8.94
CA PRO D 355 -6.54 26.12 8.34
C PRO D 355 -5.42 26.84 9.08
N PHE D 356 -4.61 27.58 8.31
CA PHE D 356 -3.51 28.37 8.83
C PHE D 356 -4.03 29.72 9.35
N ASP D 357 -3.61 30.08 10.56
CA ASP D 357 -3.98 31.34 11.20
C ASP D 357 -3.10 32.46 10.64
N GLN D 358 -3.64 33.21 9.66
CA GLN D 358 -2.87 34.26 8.98
C GLN D 358 -2.32 35.30 9.96
N SER D 359 -3.04 35.60 11.04
CA SER D 359 -2.65 36.66 11.96
C SER D 359 -1.29 36.38 12.61
N ARG D 360 -0.79 35.15 12.61
CA ARG D 360 0.53 34.91 13.18
C ARG D 360 1.64 35.56 12.36
N ALA D 361 1.34 35.92 11.11
CA ALA D 361 2.31 36.63 10.27
C ALA D 361 2.53 38.07 10.71
N ALA D 362 1.62 38.63 11.50
CA ALA D 362 1.67 40.05 11.81
C ALA D 362 2.94 40.42 12.58
N ILE D 363 3.11 39.84 13.76
CA ILE D 363 4.29 40.16 14.55
C ILE D 363 5.56 39.65 13.86
N LEU D 364 5.49 38.44 13.29
CA LEU D 364 6.65 37.87 12.62
C LEU D 364 7.13 38.77 11.48
N LEU D 365 6.21 39.22 10.63
CA LEU D 365 6.65 40.05 9.51
C LEU D 365 7.09 41.43 9.97
N TYR D 366 6.51 41.95 11.05
CA TYR D 366 6.97 43.22 11.58
C TYR D 366 8.40 43.08 12.10
N GLU D 367 8.64 42.03 12.90
CA GLU D 367 9.98 41.77 13.42
C GLU D 367 11.00 41.61 12.29
N ALA D 368 10.75 40.66 11.39
CA ALA D 368 11.68 40.46 10.27
C ALA D 368 11.75 41.69 9.38
N GLY D 369 10.62 42.38 9.16
CA GLY D 369 10.62 43.53 8.29
C GLY D 369 11.47 44.67 8.83
N THR D 370 11.26 45.03 10.10
CA THR D 370 12.09 46.08 10.69
C THR D 370 13.54 45.64 10.82
N ALA D 371 13.80 44.36 11.05
CA ALA D 371 15.18 43.89 11.13
C ALA D 371 15.87 43.90 9.76
N LEU D 372 15.13 43.70 8.67
CA LEU D 372 15.70 43.66 7.33
C LEU D 372 15.56 44.98 6.58
N GLY D 373 14.92 45.98 7.17
CA GLY D 373 14.60 47.21 6.45
C GLY D 373 13.71 46.99 5.26
N ASN D 374 12.85 45.98 5.29
CA ASN D 374 11.99 45.63 4.16
C ASN D 374 10.62 46.25 4.44
N GLN D 375 10.34 47.39 3.79
CA GLN D 375 9.11 48.13 4.06
C GLN D 375 7.87 47.38 3.58
N LYS D 376 8.02 46.47 2.61
CA LYS D 376 6.90 45.63 2.19
C LYS D 376 6.47 44.71 3.32
N TYR D 377 7.44 44.11 4.02
CA TYR D 377 7.11 43.26 5.15
C TYR D 377 6.40 44.06 6.23
N VAL D 378 6.91 45.26 6.54
CA VAL D 378 6.31 46.06 7.61
C VAL D 378 4.89 46.51 7.24
N ASP D 379 4.68 46.91 6.00
CA ASP D 379 3.35 47.36 5.59
C ASP D 379 2.32 46.24 5.65
N THR D 380 2.68 45.05 5.19
CA THR D 380 1.75 43.93 5.30
C THR D 380 1.45 43.59 6.75
N ALA D 381 2.48 43.63 7.61
CA ALA D 381 2.27 43.36 9.03
C ALA D 381 1.21 44.29 9.61
N LYS D 382 1.25 45.56 9.24
CA LYS D 382 0.25 46.50 9.76
C LYS D 382 -1.11 46.27 9.12
N ARG D 383 -1.14 45.83 7.86
CA ARG D 383 -2.39 45.53 7.19
C ARG D 383 -3.11 44.35 7.82
N ILE D 384 -2.38 43.24 8.03
CA ILE D 384 -2.94 42.14 8.79
C ILE D 384 -3.34 42.62 10.19
N GLY D 385 -2.40 43.23 10.89
CA GLY D 385 -2.65 43.90 12.13
C GLY D 385 -2.95 43.00 13.31
N LEU D 386 -3.04 43.63 14.47
CA LEU D 386 -3.55 43.01 15.68
C LEU D 386 -4.72 43.85 16.15
N LYS D 387 -5.68 43.22 16.81
CA LYS D 387 -6.81 43.99 17.27
C LYS D 387 -6.37 44.87 18.43
N TYR D 388 -6.70 46.16 18.34
CA TYR D 388 -6.26 47.13 19.34
C TYR D 388 -6.58 46.68 20.77
N SER D 389 -7.74 46.07 20.99
CA SER D 389 -8.17 45.77 22.35
C SER D 389 -7.93 44.31 22.75
N THR D 390 -7.11 43.58 21.99
CA THR D 390 -6.88 42.18 22.33
C THR D 390 -6.20 42.05 23.69
N SER D 391 -6.51 40.96 24.39
CA SER D 391 -5.88 40.67 25.65
C SER D 391 -4.73 39.65 25.52
N ASP D 392 -4.39 39.24 24.30
CA ASP D 392 -3.23 38.35 24.13
C ASP D 392 -1.95 39.05 24.60
N VAL D 393 -1.31 38.53 25.66
CA VAL D 393 -0.26 39.28 26.35
C VAL D 393 0.98 39.44 25.45
N GLU D 394 1.21 38.53 24.49
CA GLU D 394 2.39 38.71 23.62
C GLU D 394 2.29 39.97 22.76
N THR D 395 1.10 40.50 22.53
CA THR D 395 0.97 41.67 21.66
C THR D 395 1.13 42.98 22.39
N ILE D 396 1.42 42.94 23.68
CA ILE D 396 1.54 44.18 24.46
C ILE D 396 2.52 45.17 23.84
N PRO D 397 3.74 44.79 23.44
CA PRO D 397 4.67 45.78 22.88
C PRO D 397 4.24 46.32 21.53
N TYR D 398 3.22 45.75 20.87
CA TYR D 398 2.99 46.05 19.47
C TYR D 398 1.80 46.97 19.20
N LEU D 399 1.70 48.06 19.96
CA LEU D 399 0.81 49.16 19.57
C LEU D 399 1.03 49.58 18.11
N VAL D 400 2.25 49.42 17.61
CA VAL D 400 2.57 49.76 16.21
C VAL D 400 1.75 48.93 15.22
N LEU D 401 1.27 47.75 15.63
CA LEU D 401 0.44 46.93 14.74
C LEU D 401 -1.05 47.11 15.02
N LYS D 402 -1.41 47.89 16.04
CA LYS D 402 -2.80 47.99 16.45
C LYS D 402 -3.36 49.33 15.96
C1 BEM E . -2.96 -0.76 -18.00
C2 BEM E . -3.26 -1.99 -18.88
O2 BEM E . -4.42 -1.83 -19.67
C3 BEM E . -2.08 -2.30 -19.79
O3 BEM E . -2.41 -3.40 -20.59
C4 BEM E . -1.62 -1.07 -20.60
O4 BEM E . -0.30 -1.23 -21.07
C5 BEM E . -1.58 0.17 -19.69
O5 BEM E . -2.71 0.33 -18.85
C6 BEM E . -1.36 1.43 -20.54
O6B BEM E . -2.18 1.72 -21.40
O6A BEM E . -0.30 2.05 -20.28
O1 BEM E . -3.97 -0.37 -17.15
C1 BEM E . -0.21 -1.95 -22.30
C2 BEM E . 1.07 -1.49 -22.97
O2 BEM E . 2.17 -1.43 -22.07
C3 BEM E . 1.33 -2.37 -24.19
O3 BEM E . 2.46 -1.87 -24.83
C4 BEM E . 1.43 -3.85 -23.81
O4 BEM E . 1.63 -4.68 -24.92
C5 BEM E . 0.07 -4.17 -23.18
O5 BEM E . -0.16 -3.34 -22.06
C6 BEM E . -0.03 -5.64 -22.74
O6B BEM E . 0.82 -6.09 -21.96
O6A BEM E . -1.02 -6.23 -23.27
C1 MAW E . 2.72 -5.63 -24.80
C2 MAW E . 2.47 -6.77 -25.80
O2 MAW E . 1.81 -6.30 -26.94
C3 MAW E . 3.81 -7.37 -26.25
O3 MAW E . 3.54 -8.35 -27.22
C4 MAW E . 4.64 -6.23 -26.80
C5 MAW E . 4.56 -5.04 -26.20
O5 MAW E . 3.95 -4.94 -24.98
C6 MAW E . 5.26 -3.73 -26.63
O6A MAW E . 5.35 -2.86 -25.74
O6B MAW E . 5.71 -3.65 -27.79
C1 BEM F . 28.73 -27.46 -16.09
C2 BEM F . 27.53 -28.07 -16.82
O2 BEM F . 27.75 -29.44 -17.10
C3 BEM F . 26.25 -27.90 -16.01
O3 BEM F . 25.18 -28.54 -16.65
C4 BEM F . 26.43 -28.34 -14.55
O4 BEM F . 25.44 -27.78 -13.74
C5 BEM F . 27.77 -27.83 -13.99
O5 BEM F . 28.87 -28.09 -14.84
C6 BEM F . 27.99 -28.44 -12.59
O6B BEM F . 28.26 -29.64 -12.50
O6A BEM F . 27.86 -27.61 -11.65
O1 BEM F . 29.92 -27.59 -16.78
C1 BEM F . 24.20 -28.49 -13.76
C2 BEM F . 23.48 -28.23 -12.45
O2 BEM F . 23.45 -26.83 -12.22
C3 BEM F . 22.07 -28.80 -12.43
O3 BEM F . 21.46 -28.49 -11.21
C4 BEM F . 21.29 -28.33 -13.66
O4 BEM F . 20.01 -28.91 -13.76
C5 BEM F . 22.14 -28.68 -14.88
O5 BEM F . 23.40 -28.05 -14.81
C6 BEM F . 21.47 -28.21 -16.19
O6B BEM F . 21.13 -27.03 -16.28
O6A BEM F . 21.39 -29.14 -17.05
C1 MAW F . 19.00 -27.88 -13.87
C2 MAW F . 17.82 -28.55 -14.53
O2 MAW F . 17.91 -29.95 -14.28
C3 MAW F . 16.52 -27.93 -14.01
O3 MAW F . 15.42 -28.63 -14.53
C4 MAW F . 16.52 -27.96 -12.50
C5 MAW F . 17.66 -27.74 -11.88
O5 MAW F . 18.77 -27.33 -12.56
C6 MAW F . 17.87 -27.81 -10.34
O6A MAW F . 18.88 -27.23 -9.92
O6B MAW F . 17.05 -28.45 -9.65
C1 BEM G . -25.91 31.47 13.95
C2 BEM G . -25.61 30.99 15.37
O2 BEM G . -26.70 31.29 16.22
C3 BEM G . -25.28 29.50 15.41
O3 BEM G . -25.08 29.06 16.74
C4 BEM G . -26.31 28.68 14.65
O4 BEM G . -25.82 27.43 14.27
C5 BEM G . -26.69 29.37 13.32
O5 BEM G . -27.00 30.74 13.45
C6 BEM G . -27.87 28.63 12.68
O6B BEM G . -28.98 28.73 13.21
O6A BEM G . -27.55 27.95 11.67
O1 BEM G . -26.21 32.81 13.85
C1 BEM G . -25.83 26.43 15.29
C2 BEM G . -25.91 25.07 14.59
O2 BEM G . -24.92 25.01 13.57
C3 BEM G . -25.78 23.92 15.59
O3 BEM G . -25.83 22.70 14.90
C4 BEM G . -24.52 24.12 16.45
O4 BEM G . -24.37 23.16 17.47
C5 BEM G . -24.57 25.53 17.06
O5 BEM G . -24.65 26.48 16.04
C6 BEM G . -23.30 25.82 17.89
O6B BEM G . -22.21 25.64 17.36
O6A BEM G . -23.53 26.24 19.07
C1 MAW G . -23.11 22.46 17.33
C2 MAW G . -22.85 21.82 18.71
O2 MAW G . -24.09 21.71 19.36
C3 MAW G . -22.11 20.49 18.53
O3 MAW G . -21.99 19.85 19.79
C4 MAW G . -22.86 19.64 17.56
C5 MAW G . -23.44 20.23 16.52
O5 MAW G . -23.22 21.53 16.25
C6 MAW G . -24.27 19.51 15.46
O6A MAW G . -24.43 20.14 14.39
O6B MAW G . -24.68 18.38 15.76
C1 BEM H . 9.20 9.26 13.14
C2 BEM H . 8.66 9.49 14.56
O2 BEM H . 9.56 9.05 15.56
C3 BEM H . 8.34 10.97 14.79
O3 BEM H . 7.91 11.11 16.12
C4 BEM H . 9.50 11.91 14.37
O4 BEM H . 9.06 13.24 14.16
C5 BEM H . 10.08 11.43 13.01
O5 BEM H . 10.36 10.05 12.96
C6 BEM H . 11.35 12.21 12.68
O6B BEM H . 12.37 11.97 13.33
O6A BEM H . 11.20 13.05 11.76
O1 BEM H . 9.52 7.94 12.86
C1 BEM H . 8.94 14.05 15.35
C2 BEM H . 9.10 15.50 14.95
O2 BEM H . 8.26 15.78 13.84
C3 BEM H . 8.83 16.42 16.14
O3 BEM H . 8.95 17.76 15.75
C4 BEM H . 7.47 16.11 16.80
O4 BEM H . 7.23 16.87 17.95
C5 BEM H . 7.46 14.58 17.12
O5 BEM H . 7.67 13.86 15.93
C6 BEM H . 6.12 14.10 17.73
O6B BEM H . 5.09 14.39 17.13
O6A BEM H . 6.19 13.44 18.81
C1 MAW H . 6.00 17.62 17.92
C2 MAW H . 5.64 17.95 19.37
O2 MAW H . 6.82 17.99 20.13
C3 MAW H . 4.91 19.30 19.48
O3 MAW H . 4.69 19.63 20.84
C4 MAW H . 5.76 20.32 18.77
C5 MAW H . 6.41 19.95 17.66
O5 MAW H . 6.19 18.75 17.09
C6 MAW H . 7.37 20.84 16.86
O6A MAW H . 7.58 20.47 15.68
O6B MAW H . 7.82 21.86 17.42
S SO4 I . 7.80 -27.15 -7.76
O1 SO4 I . 8.83 -26.74 -8.78
O2 SO4 I . 6.47 -27.28 -8.44
O3 SO4 I . 8.15 -28.46 -7.13
O4 SO4 I . 7.73 -26.09 -6.68
S SO4 J . -0.22 40.25 49.78
O1 SO4 J . 0.17 39.47 48.56
O2 SO4 J . -0.78 39.33 50.81
O3 SO4 J . 0.99 40.95 50.35
O4 SO4 J . -1.26 41.27 49.41
#